data_2MKE
#
_entry.id   2MKE
#
loop_
_entity.id
_entity.type
_entity.pdbx_description
1 polymer 'Cytoplasmic polyadenylation element-binding protein 1'
2 non-polymer 'ZINC ION'
#
_entity_poly.entity_id   1
_entity_poly.type   'polypeptide(L)'
_entity_poly.pdbx_seq_one_letter_code
;IDPYLEDSLCHICSSQPGPFFCRDQVCFKYFCRSCWHWRHSMEGLRHHSPLMRNQKNRDSS
;
_entity_poly.pdbx_strand_id   A
#
loop_
_chem_comp.id
_chem_comp.type
_chem_comp.name
_chem_comp.formula
ZN non-polymer 'ZINC ION' 'Zn 2'
#
# COMPACT_ATOMS: atom_id res chain seq x y z
N ILE A 1 -11.77 -16.05 3.03
CA ILE A 1 -12.60 -15.09 2.29
C ILE A 1 -11.73 -14.04 1.62
N ASP A 2 -12.17 -13.52 0.47
CA ASP A 2 -11.44 -12.51 -0.28
C ASP A 2 -11.69 -11.12 0.31
N PRO A 3 -10.72 -10.20 0.17
CA PRO A 3 -10.79 -8.85 0.69
C PRO A 3 -11.77 -7.99 -0.13
N TYR A 4 -12.10 -6.81 0.41
CA TYR A 4 -13.02 -5.87 -0.23
C TYR A 4 -12.45 -4.46 -0.19
N LEU A 5 -12.98 -3.57 -1.03
CA LEU A 5 -12.49 -2.20 -1.11
C LEU A 5 -12.84 -1.41 0.17
N GLU A 6 -13.69 -1.99 1.02
CA GLU A 6 -14.08 -1.36 2.28
C GLU A 6 -13.11 -1.72 3.41
N ASP A 7 -12.07 -2.52 3.10
CA ASP A 7 -11.08 -2.93 4.08
C ASP A 7 -9.66 -2.88 3.51
N SER A 8 -9.53 -2.71 2.20
CA SER A 8 -8.24 -2.65 1.52
C SER A 8 -7.96 -1.25 0.97
N LEU A 9 -8.77 -0.26 1.38
CA LEU A 9 -8.59 1.14 1.06
C LEU A 9 -7.34 1.65 1.79
N CYS A 10 -6.89 2.87 1.50
CA CYS A 10 -5.82 3.46 2.30
C CYS A 10 -6.28 3.47 3.76
N HIS A 11 -5.38 3.13 4.68
CA HIS A 11 -5.71 3.06 6.09
C HIS A 11 -5.39 4.36 6.82
N ILE A 12 -4.89 5.38 6.09
CA ILE A 12 -4.56 6.67 6.68
C ILE A 12 -5.36 7.79 6.04
N CYS A 13 -5.62 7.69 4.72
CA CYS A 13 -6.30 8.74 3.97
C CYS A 13 -7.65 8.27 3.43
N SER A 14 -7.83 6.95 3.25
CA SER A 14 -9.04 6.35 2.72
C SER A 14 -9.67 7.14 1.57
N SER A 15 -8.84 7.80 0.75
CA SER A 15 -9.30 8.59 -0.38
C SER A 15 -8.82 8.01 -1.71
N GLN A 16 -8.02 6.94 -1.66
CA GLN A 16 -7.55 6.24 -2.84
C GLN A 16 -7.70 4.74 -2.64
N PRO A 17 -7.75 3.96 -3.73
CA PRO A 17 -7.95 2.52 -3.71
C PRO A 17 -6.85 1.74 -2.99
N GLY A 18 -5.82 2.40 -2.47
CA GLY A 18 -4.67 1.72 -1.88
C GLY A 18 -3.91 0.95 -2.95
N PRO A 19 -3.41 1.63 -3.99
CA PRO A 19 -2.78 1.02 -5.16
C PRO A 19 -1.40 0.44 -4.83
N PHE A 20 -0.88 0.71 -3.63
CA PHE A 20 0.42 0.20 -3.20
C PHE A 20 0.32 -0.47 -1.83
N PHE A 21 1.33 -1.25 -1.48
CA PHE A 21 1.41 -1.91 -0.19
C PHE A 21 2.86 -1.91 0.30
N CYS A 22 3.05 -1.83 1.62
CA CYS A 22 4.37 -1.82 2.22
C CYS A 22 4.57 -3.14 2.99
N ARG A 23 5.68 -3.83 2.72
CA ARG A 23 5.90 -5.18 3.21
C ARG A 23 6.60 -5.22 4.57
N ASP A 24 7.12 -4.09 5.04
CA ASP A 24 7.83 -4.03 6.31
C ASP A 24 6.86 -4.14 7.47
N GLN A 25 7.34 -4.62 8.62
CA GLN A 25 6.51 -4.90 9.79
C GLN A 25 6.04 -3.62 10.48
N VAL A 26 6.58 -2.47 10.08
CA VAL A 26 6.22 -1.18 10.66
C VAL A 26 5.20 -0.45 9.78
N CYS A 27 4.88 -1.01 8.62
CA CYS A 27 3.87 -0.46 7.73
C CYS A 27 2.75 -1.49 7.56
N PHE A 28 3.07 -2.61 6.91
CA PHE A 28 2.19 -3.78 6.75
C PHE A 28 0.76 -3.44 6.33
N LYS A 29 0.56 -2.36 5.57
CA LYS A 29 -0.77 -1.91 5.17
C LYS A 29 -0.77 -1.39 3.73
N TYR A 30 -1.97 -1.15 3.18
CA TYR A 30 -2.13 -0.57 1.86
C TYR A 30 -2.02 0.94 1.95
N PHE A 31 -1.50 1.56 0.88
CA PHE A 31 -1.28 3.00 0.82
C PHE A 31 -1.42 3.50 -0.61
N CYS A 32 -1.47 4.83 -0.73
CA CYS A 32 -1.46 5.55 -1.99
C CYS A 32 -0.26 6.50 -1.94
N ARG A 33 -0.04 7.32 -2.98
CA ARG A 33 1.11 8.19 -3.01
C ARG A 33 1.12 9.15 -1.81
N SER A 34 -0.06 9.50 -1.30
CA SER A 34 -0.20 10.44 -0.20
C SER A 34 0.17 9.79 1.14
N CYS A 35 -0.50 8.69 1.49
CA CYS A 35 -0.29 8.06 2.78
C CYS A 35 0.98 7.21 2.78
N TRP A 36 1.55 6.91 1.61
CA TRP A 36 2.87 6.30 1.54
C TRP A 36 3.91 7.32 1.99
N HIS A 37 3.79 8.57 1.55
CA HIS A 37 4.73 9.60 1.96
C HIS A 37 4.53 9.96 3.44
N TRP A 38 3.39 9.61 4.03
CA TRP A 38 3.15 9.88 5.44
C TRP A 38 3.76 8.81 6.35
N ARG A 39 3.97 7.59 5.84
CA ARG A 39 4.64 6.54 6.61
C ARG A 39 6.12 6.44 6.25
N HIS A 40 6.57 7.20 5.26
CA HIS A 40 7.96 7.17 4.82
C HIS A 40 8.54 8.59 4.74
N SER A 41 7.94 9.54 5.45
CA SER A 41 8.38 10.93 5.45
C SER A 41 9.76 11.08 6.07
N MET A 42 10.07 10.25 7.06
CA MET A 42 11.34 10.29 7.76
C MET A 42 12.37 9.41 7.06
N GLU A 43 13.65 9.68 7.32
CA GLU A 43 14.76 9.00 6.67
C GLU A 43 14.90 7.55 7.19
N GLY A 44 14.24 7.23 8.30
CA GLY A 44 14.40 5.93 8.95
C GLY A 44 13.72 4.78 8.19
N LEU A 45 12.78 5.07 7.29
CA LEU A 45 12.05 4.03 6.55
C LEU A 45 12.19 4.17 5.04
N ARG A 46 13.21 4.90 4.57
CA ARG A 46 13.43 5.11 3.14
C ARG A 46 13.93 3.86 2.45
N HIS A 47 14.14 2.77 3.20
CA HIS A 47 14.60 1.51 2.66
C HIS A 47 13.44 0.63 2.21
N HIS A 48 12.19 1.09 2.43
CA HIS A 48 11.01 0.36 2.00
C HIS A 48 10.81 0.53 0.50
N SER A 49 10.07 -0.41 -0.11
CA SER A 49 9.72 -0.37 -1.51
C SER A 49 8.25 -0.77 -1.67
N PRO A 50 7.49 -0.06 -2.52
CA PRO A 50 6.07 -0.33 -2.70
C PRO A 50 5.86 -1.58 -3.54
N LEU A 51 4.85 -2.36 -3.18
CA LEU A 51 4.42 -3.51 -3.95
C LEU A 51 3.26 -3.08 -4.84
N MET A 52 3.12 -3.71 -6.01
CA MET A 52 2.08 -3.34 -6.97
C MET A 52 0.77 -4.05 -6.67
N ARG A 53 -0.33 -3.52 -7.20
CA ARG A 53 -1.66 -4.10 -7.00
C ARG A 53 -2.40 -4.25 -8.34
N ASN A 54 -1.86 -3.67 -9.41
CA ASN A 54 -2.44 -3.75 -10.74
C ASN A 54 -1.32 -3.67 -11.78
N GLN A 55 -1.56 -4.25 -12.96
CA GLN A 55 -0.58 -4.27 -14.05
C GLN A 55 -1.29 -4.15 -15.40
N LYS A 56 -0.53 -3.79 -16.44
CA LYS A 56 -1.06 -3.64 -17.79
C LYS A 56 -1.32 -5.01 -18.42
N ASN A 57 -2.28 -5.08 -19.33
CA ASN A 57 -2.61 -6.32 -20.03
C ASN A 57 -1.49 -6.68 -21.00
N ARG A 58 -1.38 -7.97 -21.35
CA ARG A 58 -0.35 -8.48 -22.25
C ARG A 58 -0.73 -8.28 -23.71
N ASP A 59 -1.84 -7.57 -23.96
CA ASP A 59 -2.32 -7.27 -25.30
C ASP A 59 -2.90 -5.85 -25.35
N SER A 60 -2.90 -5.24 -26.53
CA SER A 60 -3.39 -3.89 -26.74
C SER A 60 -4.22 -3.79 -28.01
N SER A 61 -4.57 -4.94 -28.61
CA SER A 61 -5.35 -4.99 -29.85
C SER A 61 -6.78 -4.50 -29.62
ZN ZN B . -3.79 6.61 0.75
ZN ZN C . 6.80 1.08 4.85
N ILE A 1 -8.45 -11.63 -2.02
CA ILE A 1 -8.85 -10.22 -1.80
C ILE A 1 -8.57 -9.40 -3.06
N ASP A 2 -9.22 -8.23 -3.15
CA ASP A 2 -9.12 -7.34 -4.31
C ASP A 2 -9.06 -5.89 -3.83
N PRO A 3 -8.48 -4.99 -4.63
CA PRO A 3 -8.32 -3.58 -4.28
C PRO A 3 -9.65 -2.85 -4.15
N TYR A 4 -10.76 -3.52 -4.49
CA TYR A 4 -12.10 -2.95 -4.35
C TYR A 4 -12.67 -3.23 -2.96
N LEU A 5 -11.99 -4.06 -2.17
CA LEU A 5 -12.43 -4.42 -0.82
C LEU A 5 -11.94 -3.37 0.18
N GLU A 6 -12.69 -3.19 1.26
CA GLU A 6 -12.38 -2.18 2.27
C GLU A 6 -11.12 -2.54 3.06
N ASP A 7 -10.66 -3.78 2.95
CA ASP A 7 -9.44 -4.23 3.63
C ASP A 7 -8.20 -3.97 2.78
N SER A 8 -8.40 -3.62 1.50
CA SER A 8 -7.32 -3.34 0.58
C SER A 8 -7.32 -1.86 0.18
N LEU A 9 -8.29 -1.10 0.70
CA LEU A 9 -8.37 0.33 0.50
C LEU A 9 -7.22 1.00 1.23
N CYS A 10 -6.90 2.25 0.92
CA CYS A 10 -5.87 2.98 1.64
C CYS A 10 -6.25 2.99 3.13
N HIS A 11 -5.32 2.58 4.00
CA HIS A 11 -5.59 2.45 5.43
C HIS A 11 -5.48 3.79 6.16
N ILE A 12 -5.14 4.87 5.46
CA ILE A 12 -5.00 6.18 6.07
C ILE A 12 -5.94 7.19 5.40
N CYS A 13 -6.32 6.92 4.15
CA CYS A 13 -7.11 7.86 3.37
C CYS A 13 -8.45 7.25 2.95
N SER A 14 -8.48 5.92 2.79
CA SER A 14 -9.65 5.17 2.34
C SER A 14 -10.43 5.87 1.23
N SER A 15 -9.71 6.57 0.35
CA SER A 15 -10.31 7.28 -0.76
C SER A 15 -9.73 6.82 -2.10
N GLN A 16 -8.75 5.91 -2.05
CA GLN A 16 -8.13 5.33 -3.24
C GLN A 16 -8.03 3.81 -3.07
N PRO A 17 -7.91 3.07 -4.18
CA PRO A 17 -7.89 1.61 -4.21
C PRO A 17 -6.68 0.99 -3.50
N GLY A 18 -5.85 1.79 -2.83
CA GLY A 18 -4.64 1.30 -2.20
C GLY A 18 -3.64 0.88 -3.27
N PRO A 19 -3.17 1.81 -4.11
CA PRO A 19 -2.31 1.53 -5.25
C PRO A 19 -0.92 1.06 -4.81
N PHE A 20 -0.61 1.17 -3.53
CA PHE A 20 0.67 0.73 -2.99
C PHE A 20 0.47 -0.11 -1.73
N PHE A 21 1.47 -0.94 -1.42
CA PHE A 21 1.52 -1.74 -0.22
C PHE A 21 2.94 -1.72 0.32
N CYS A 22 3.10 -1.92 1.64
CA CYS A 22 4.40 -1.91 2.29
C CYS A 22 4.54 -3.13 3.18
N ARG A 23 5.68 -3.80 3.07
CA ARG A 23 5.95 -5.07 3.73
C ARG A 23 7.23 -4.98 4.54
N ASP A 24 7.12 -4.44 5.75
CA ASP A 24 8.26 -4.30 6.65
C ASP A 24 7.89 -4.78 8.05
N GLN A 25 8.84 -4.70 8.99
CA GLN A 25 8.59 -5.06 10.38
C GLN A 25 7.74 -4.00 11.07
N VAL A 26 7.38 -2.92 10.38
CA VAL A 26 6.48 -1.89 10.88
C VAL A 26 5.43 -1.49 9.86
N CYS A 27 5.49 -2.06 8.65
CA CYS A 27 4.48 -1.81 7.61
C CYS A 27 3.83 -3.12 7.18
N PHE A 28 2.50 -3.13 7.09
CA PHE A 28 1.76 -4.32 6.66
C PHE A 28 0.38 -3.94 6.10
N LYS A 29 0.25 -2.74 5.54
CA LYS A 29 -1.04 -2.22 5.07
C LYS A 29 -0.92 -1.60 3.69
N TYR A 30 -2.08 -1.33 3.07
CA TYR A 30 -2.16 -0.66 1.79
C TYR A 30 -2.20 0.85 2.00
N PHE A 31 -1.68 1.59 1.02
CA PHE A 31 -1.58 3.04 1.09
C PHE A 31 -1.74 3.66 -0.30
N CYS A 32 -1.86 4.99 -0.33
CA CYS A 32 -1.89 5.78 -1.54
C CYS A 32 -0.67 6.70 -1.55
N ARG A 33 -0.46 7.48 -2.61
CA ARG A 33 0.74 8.30 -2.73
C ARG A 33 0.86 9.30 -1.59
N SER A 34 -0.26 9.83 -1.12
CA SER A 34 -0.27 10.86 -0.09
C SER A 34 0.21 10.31 1.25
N CYS A 35 -0.33 9.17 1.67
CA CYS A 35 -0.02 8.61 2.97
C CYS A 35 1.21 7.71 2.90
N TRP A 36 1.62 7.30 1.70
CA TRP A 36 2.89 6.61 1.55
C TRP A 36 4.01 7.53 2.00
N HIS A 37 3.93 8.82 1.65
CA HIS A 37 4.94 9.76 2.08
C HIS A 37 4.77 10.12 3.56
N TRP A 38 3.55 10.06 4.09
CA TRP A 38 3.34 10.31 5.51
C TRP A 38 3.92 9.19 6.37
N ARG A 39 4.26 8.04 5.75
CA ARG A 39 4.82 6.90 6.46
C ARG A 39 6.25 6.59 6.00
N HIS A 40 6.71 7.17 4.89
CA HIS A 40 8.00 6.81 4.33
C HIS A 40 8.85 8.02 3.90
N SER A 41 8.37 9.25 4.10
CA SER A 41 9.19 10.42 3.80
C SER A 41 10.15 10.69 4.96
N MET A 42 9.88 10.08 6.12
CA MET A 42 10.74 10.19 7.29
C MET A 42 12.05 9.45 7.05
N GLU A 43 13.10 9.84 7.79
CA GLU A 43 14.42 9.24 7.64
C GLU A 43 14.49 7.83 8.25
N GLY A 44 13.41 7.41 8.91
CA GLY A 44 13.38 6.11 9.58
C GLY A 44 12.88 4.98 8.68
N LEU A 45 12.01 5.27 7.71
CA LEU A 45 11.36 4.23 6.91
C LEU A 45 11.49 4.46 5.41
N ARG A 46 12.33 5.42 4.99
CA ARG A 46 12.52 5.70 3.57
C ARG A 46 13.29 4.59 2.84
N HIS A 47 13.56 3.47 3.53
CA HIS A 47 14.24 2.32 2.96
C HIS A 47 13.23 1.29 2.44
N HIS A 48 11.93 1.53 2.60
CA HIS A 48 10.89 0.64 2.12
C HIS A 48 10.73 0.77 0.61
N SER A 49 10.11 -0.24 -0.01
CA SER A 49 9.86 -0.26 -1.44
C SER A 49 8.40 -0.59 -1.71
N PRO A 50 7.81 -0.03 -2.77
CA PRO A 50 6.41 -0.20 -3.10
C PRO A 50 6.11 -1.62 -3.55
N LEU A 51 4.87 -2.06 -3.31
CA LEU A 51 4.37 -3.37 -3.67
C LEU A 51 2.95 -3.23 -4.22
N MET A 52 2.51 -4.19 -5.03
CA MET A 52 1.17 -4.18 -5.61
C MET A 52 0.52 -5.56 -5.58
N ARG A 53 1.18 -6.53 -4.94
CA ARG A 53 0.71 -7.92 -4.85
C ARG A 53 0.45 -8.55 -6.23
N ASN A 54 0.91 -7.89 -7.30
CA ASN A 54 0.74 -8.35 -8.67
C ASN A 54 1.99 -8.01 -9.48
N GLN A 55 2.14 -8.66 -10.64
CA GLN A 55 3.28 -8.46 -11.53
C GLN A 55 2.87 -8.64 -12.98
N LYS A 56 3.70 -8.17 -13.91
CA LYS A 56 3.46 -8.27 -15.35
C LYS A 56 4.74 -8.63 -16.09
N ASN A 57 4.61 -9.02 -17.36
CA ASN A 57 5.73 -9.37 -18.21
C ASN A 57 5.46 -8.95 -19.65
N ARG A 58 6.35 -9.33 -20.58
CA ARG A 58 6.23 -8.95 -21.98
C ARG A 58 5.04 -9.63 -22.66
N ASP A 59 4.37 -10.56 -21.96
CA ASP A 59 3.24 -11.30 -22.50
C ASP A 59 1.91 -10.82 -21.94
N SER A 60 1.91 -9.73 -21.16
CA SER A 60 0.70 -9.18 -20.57
C SER A 60 0.73 -7.65 -20.59
N SER A 61 -0.43 -7.03 -20.33
CA SER A 61 -0.59 -5.59 -20.34
C SER A 61 -1.46 -5.15 -19.17
ZN ZN B . -3.65 7.10 1.74
ZN ZN C . 6.58 0.87 5.05
N ILE A 1 -17.17 -11.56 11.59
CA ILE A 1 -16.42 -11.55 10.32
C ILE A 1 -15.55 -12.81 10.19
N ASP A 2 -15.01 -13.06 9.00
CA ASP A 2 -14.15 -14.21 8.75
C ASP A 2 -12.79 -14.01 9.43
N PRO A 3 -12.00 -15.09 9.60
CA PRO A 3 -10.69 -15.05 10.22
C PRO A 3 -9.70 -14.11 9.51
N TYR A 4 -10.06 -13.64 8.31
CA TYR A 4 -9.23 -12.72 7.54
C TYR A 4 -10.13 -11.75 6.78
N LEU A 5 -9.85 -10.44 6.90
CA LEU A 5 -10.58 -9.39 6.22
C LEU A 5 -9.74 -8.12 6.19
N GLU A 6 -9.80 -7.38 5.08
CA GLU A 6 -9.14 -6.09 4.93
C GLU A 6 -9.99 -5.16 4.08
N ASP A 7 -9.77 -3.85 4.21
CA ASP A 7 -10.51 -2.85 3.45
C ASP A 7 -9.94 -2.72 2.04
N SER A 8 -10.77 -2.26 1.10
CA SER A 8 -10.40 -2.17 -0.30
C SER A 8 -9.85 -0.79 -0.67
N LEU A 9 -9.95 0.18 0.24
CA LEU A 9 -9.41 1.52 0.01
C LEU A 9 -8.04 1.64 0.68
N CYS A 10 -7.40 2.79 0.51
CA CYS A 10 -6.21 3.14 1.27
C CYS A 10 -6.57 3.10 2.76
N HIS A 11 -5.71 2.52 3.58
CA HIS A 11 -6.01 2.33 5.00
C HIS A 11 -5.77 3.59 5.82
N ILE A 12 -5.40 4.69 5.16
CA ILE A 12 -5.17 5.97 5.82
C ILE A 12 -6.06 7.05 5.20
N CYS A 13 -6.43 6.88 3.91
CA CYS A 13 -7.14 7.90 3.17
C CYS A 13 -8.58 7.48 2.86
N SER A 14 -8.84 6.17 2.78
CA SER A 14 -10.16 5.60 2.51
C SER A 14 -10.96 6.37 1.46
N SER A 15 -10.29 6.79 0.38
CA SER A 15 -10.92 7.59 -0.66
C SER A 15 -10.61 7.04 -2.06
N GLN A 16 -9.69 6.08 -2.15
CA GLN A 16 -9.31 5.45 -3.40
C GLN A 16 -8.79 4.05 -3.12
N PRO A 17 -8.86 3.14 -4.11
CA PRO A 17 -8.26 1.83 -4.01
C PRO A 17 -6.74 1.99 -4.03
N GLY A 18 -6.11 1.82 -2.87
CA GLY A 18 -4.68 1.97 -2.70
C GLY A 18 -3.92 1.17 -3.77
N PRO A 19 -3.16 1.86 -4.64
CA PRO A 19 -2.39 1.24 -5.71
C PRO A 19 -1.10 0.62 -5.20
N PHE A 20 -0.75 0.86 -3.93
CA PHE A 20 0.49 0.38 -3.34
C PHE A 20 0.27 -0.32 -2.01
N PHE A 21 1.25 -1.13 -1.62
CA PHE A 21 1.29 -1.82 -0.34
C PHE A 21 2.72 -1.74 0.19
N CYS A 22 2.87 -1.72 1.52
CA CYS A 22 4.19 -1.65 2.14
C CYS A 22 4.37 -2.87 3.04
N ARG A 23 5.49 -3.57 2.83
CA ARG A 23 5.78 -4.82 3.50
C ARG A 23 7.13 -4.71 4.22
N ASP A 24 7.08 -4.25 5.46
CA ASP A 24 8.27 -4.14 6.31
C ASP A 24 7.99 -4.63 7.72
N GLN A 25 8.94 -4.44 8.63
CA GLN A 25 8.78 -4.82 10.03
C GLN A 25 7.80 -3.87 10.73
N VAL A 26 7.45 -2.75 10.07
CA VAL A 26 6.52 -1.78 10.62
C VAL A 26 5.38 -1.45 9.65
N CYS A 27 5.49 -1.88 8.38
CA CYS A 27 4.45 -1.66 7.39
C CYS A 27 3.77 -2.99 7.03
N PHE A 28 2.44 -2.99 6.99
CA PHE A 28 1.66 -4.20 6.72
C PHE A 28 0.33 -3.89 6.04
N LYS A 29 0.16 -2.70 5.46
CA LYS A 29 -1.14 -2.24 4.96
C LYS A 29 -1.05 -1.65 3.56
N TYR A 30 -2.20 -1.40 2.94
CA TYR A 30 -2.29 -0.75 1.64
C TYR A 30 -2.30 0.77 1.83
N PHE A 31 -1.75 1.49 0.86
CA PHE A 31 -1.60 2.94 0.92
C PHE A 31 -1.72 3.56 -0.47
N CYS A 32 -1.65 4.89 -0.51
CA CYS A 32 -1.66 5.69 -1.72
C CYS A 32 -0.49 6.67 -1.65
N ARG A 33 -0.26 7.45 -2.71
CA ARG A 33 0.92 8.31 -2.77
C ARG A 33 0.93 9.32 -1.63
N SER A 34 -0.23 9.78 -1.20
CA SER A 34 -0.33 10.80 -0.16
C SER A 34 0.14 10.27 1.18
N CYS A 35 -0.37 9.12 1.59
CA CYS A 35 -0.07 8.57 2.91
C CYS A 35 1.21 7.74 2.88
N TRP A 36 1.67 7.33 1.69
CA TRP A 36 2.96 6.67 1.58
C TRP A 36 4.03 7.66 2.02
N HIS A 37 3.89 8.94 1.65
CA HIS A 37 4.85 9.95 2.07
C HIS A 37 4.61 10.36 3.52
N TRP A 38 3.40 10.20 4.06
CA TRP A 38 3.16 10.50 5.45
C TRP A 38 3.83 9.49 6.38
N ARG A 39 4.26 8.34 5.85
CA ARG A 39 4.96 7.33 6.63
C ARG A 39 6.41 7.17 6.18
N HIS A 40 6.72 7.42 4.90
CA HIS A 40 8.03 7.13 4.36
C HIS A 40 8.85 8.38 4.04
N SER A 41 8.36 9.58 4.39
CA SER A 41 9.14 10.80 4.22
C SER A 41 10.18 10.93 5.33
N MET A 42 10.01 10.17 6.42
CA MET A 42 10.99 10.16 7.50
C MET A 42 12.23 9.38 7.07
N GLU A 43 13.39 9.74 7.63
CA GLU A 43 14.65 9.13 7.22
C GLU A 43 14.81 7.71 7.76
N GLY A 44 13.89 7.26 8.62
CA GLY A 44 13.99 5.94 9.24
C GLY A 44 13.40 4.83 8.37
N LEU A 45 12.54 5.16 7.38
CA LEU A 45 11.85 4.16 6.58
C LEU A 45 12.06 4.37 5.07
N ARG A 46 13.12 5.06 4.68
CA ARG A 46 13.41 5.32 3.27
C ARG A 46 13.81 4.04 2.53
N HIS A 47 13.92 2.91 3.24
CA HIS A 47 14.32 1.65 2.67
C HIS A 47 13.12 0.84 2.16
N HIS A 48 11.89 1.32 2.38
CA HIS A 48 10.70 0.64 1.91
C HIS A 48 10.52 0.88 0.41
N SER A 49 9.86 -0.08 -0.25
CA SER A 49 9.54 0.03 -1.68
C SER A 49 8.15 -0.54 -1.93
N PRO A 50 7.41 -0.01 -2.91
CA PRO A 50 6.06 -0.44 -3.22
C PRO A 50 5.96 -1.93 -3.50
N LEU A 51 4.77 -2.48 -3.26
CA LEU A 51 4.46 -3.88 -3.53
C LEU A 51 3.08 -3.97 -4.18
N MET A 52 2.82 -5.03 -4.94
CA MET A 52 1.58 -5.22 -5.67
C MET A 52 1.15 -6.68 -5.61
N ARG A 53 -0.15 -6.94 -5.86
CA ARG A 53 -0.72 -8.28 -5.83
C ARG A 53 -0.07 -9.21 -6.85
N ASN A 54 0.62 -8.63 -7.84
CA ASN A 54 1.28 -9.39 -8.90
C ASN A 54 2.71 -9.79 -8.53
N GLN A 55 3.11 -9.54 -7.27
CA GLN A 55 4.44 -9.86 -6.77
C GLN A 55 4.36 -10.54 -5.41
N LYS A 56 5.46 -11.19 -5.02
CA LYS A 56 5.56 -11.92 -3.75
C LYS A 56 6.83 -11.54 -2.98
N ASN A 57 7.57 -10.55 -3.48
CA ASN A 57 8.80 -10.09 -2.86
C ASN A 57 8.93 -8.57 -3.03
N ARG A 58 9.74 -7.93 -2.20
CA ARG A 58 9.89 -6.48 -2.17
C ARG A 58 11.31 -6.08 -2.58
N ASP A 59 11.47 -4.85 -3.05
CA ASP A 59 12.77 -4.29 -3.36
C ASP A 59 13.30 -3.52 -2.14
N SER A 60 14.59 -3.21 -2.11
CA SER A 60 15.22 -2.51 -1.00
C SER A 60 16.33 -1.58 -1.49
N SER A 61 16.78 -0.67 -0.62
CA SER A 61 17.84 0.28 -0.93
C SER A 61 18.70 0.57 0.30
ZN ZN B . -3.60 6.90 1.52
ZN ZN C . 6.50 1.12 4.84
N ILE A 1 -11.99 1.39 6.57
CA ILE A 1 -12.17 -0.02 6.95
C ILE A 1 -12.77 -0.14 8.35
N ASP A 2 -13.25 -1.33 8.70
CA ASP A 2 -13.88 -1.59 9.98
C ASP A 2 -13.44 -2.96 10.51
N PRO A 3 -13.62 -3.21 11.82
CA PRO A 3 -13.28 -4.49 12.44
C PRO A 3 -13.96 -5.67 11.75
N TYR A 4 -13.35 -6.86 11.86
CA TYR A 4 -13.85 -8.09 11.25
C TYR A 4 -14.09 -7.98 9.74
N LEU A 5 -13.46 -6.99 9.09
CA LEU A 5 -13.61 -6.76 7.67
C LEU A 5 -12.29 -6.24 7.09
N GLU A 6 -12.10 -6.40 5.79
CA GLU A 6 -10.90 -5.93 5.09
C GLU A 6 -11.24 -5.44 3.69
N ASP A 7 -10.38 -4.59 3.12
CA ASP A 7 -10.55 -4.10 1.76
C ASP A 7 -9.21 -3.61 1.21
N SER A 8 -9.10 -3.51 -0.12
CA SER A 8 -7.87 -3.08 -0.78
C SER A 8 -7.70 -1.56 -0.72
N LEU A 9 -8.72 -0.83 -0.26
CA LEU A 9 -8.67 0.62 -0.10
C LEU A 9 -7.44 1.04 0.70
N CYS A 10 -6.96 2.27 0.49
CA CYS A 10 -5.89 2.81 1.30
C CYS A 10 -6.33 2.79 2.75
N HIS A 11 -5.49 2.26 3.65
CA HIS A 11 -5.86 2.08 5.04
C HIS A 11 -5.66 3.37 5.85
N ILE A 12 -5.29 4.47 5.19
CA ILE A 12 -5.10 5.76 5.83
C ILE A 12 -5.96 6.83 5.14
N CYS A 13 -6.28 6.62 3.86
CA CYS A 13 -6.96 7.62 3.05
C CYS A 13 -8.32 7.12 2.55
N SER A 14 -8.47 5.80 2.41
CA SER A 14 -9.71 5.14 2.00
C SER A 14 -10.50 5.86 0.91
N SER A 15 -9.79 6.48 -0.06
CA SER A 15 -10.42 7.18 -1.17
C SER A 15 -9.98 6.60 -2.51
N GLN A 16 -9.11 5.59 -2.49
CA GLN A 16 -8.58 4.93 -3.66
C GLN A 16 -8.36 3.45 -3.34
N PRO A 17 -8.37 2.57 -4.36
CA PRO A 17 -8.23 1.13 -4.21
C PRO A 17 -6.82 0.69 -3.79
N GLY A 18 -6.02 1.62 -3.24
CA GLY A 18 -4.68 1.32 -2.77
C GLY A 18 -3.73 0.99 -3.92
N PRO A 19 -3.16 2.02 -4.57
CA PRO A 19 -2.25 1.85 -5.69
C PRO A 19 -0.91 1.27 -5.23
N PHE A 20 -0.67 1.23 -3.92
CA PHE A 20 0.57 0.73 -3.36
C PHE A 20 0.33 -0.10 -2.10
N PHE A 21 1.31 -0.93 -1.77
CA PHE A 21 1.34 -1.72 -0.55
C PHE A 21 2.77 -1.72 -0.02
N CYS A 22 2.95 -1.96 1.29
CA CYS A 22 4.25 -1.97 1.91
C CYS A 22 4.36 -3.17 2.84
N ARG A 23 5.51 -3.86 2.83
CA ARG A 23 5.68 -5.14 3.49
C ARG A 23 6.90 -5.19 4.41
N ASP A 24 7.52 -4.05 4.68
CA ASP A 24 8.71 -3.97 5.51
C ASP A 24 8.39 -4.26 6.98
N GLN A 25 9.41 -4.21 7.84
CA GLN A 25 9.32 -4.61 9.24
C GLN A 25 8.32 -3.76 10.05
N VAL A 26 7.87 -2.63 9.51
CA VAL A 26 6.89 -1.78 10.21
C VAL A 26 5.66 -1.52 9.34
N CYS A 27 5.62 -2.06 8.12
CA CYS A 27 4.51 -1.85 7.20
C CYS A 27 3.81 -3.18 6.88
N PHE A 28 2.48 -3.17 6.92
CA PHE A 28 1.67 -4.35 6.66
C PHE A 28 0.31 -3.98 6.08
N LYS A 29 0.20 -2.79 5.48
CA LYS A 29 -1.09 -2.22 5.07
C LYS A 29 -1.04 -1.68 3.65
N TYR A 30 -2.21 -1.41 3.06
CA TYR A 30 -2.31 -0.78 1.76
C TYR A 30 -2.24 0.73 1.94
N PHE A 31 -1.68 1.42 0.94
CA PHE A 31 -1.46 2.86 0.98
C PHE A 31 -1.64 3.48 -0.39
N CYS A 32 -1.57 4.81 -0.44
CA CYS A 32 -1.63 5.60 -1.64
C CYS A 32 -0.44 6.58 -1.64
N ARG A 33 -0.28 7.36 -2.71
CA ARG A 33 0.87 8.26 -2.82
C ARG A 33 0.91 9.26 -1.66
N SER A 34 -0.25 9.64 -1.14
CA SER A 34 -0.33 10.63 -0.08
C SER A 34 0.22 10.08 1.23
N CYS A 35 -0.35 8.99 1.73
CA CYS A 35 0.01 8.45 3.03
C CYS A 35 1.33 7.69 2.97
N TRP A 36 1.74 7.24 1.78
CA TRP A 36 3.05 6.65 1.63
C TRP A 36 4.08 7.70 2.02
N HIS A 37 3.96 8.92 1.49
CA HIS A 37 4.90 9.98 1.80
C HIS A 37 4.64 10.59 3.18
N TRP A 38 3.55 10.21 3.85
CA TRP A 38 3.33 10.68 5.22
C TRP A 38 4.11 9.87 6.25
N ARG A 39 4.58 8.67 5.91
CA ARG A 39 5.42 7.91 6.85
C ARG A 39 6.72 7.40 6.23
N HIS A 40 6.83 7.34 4.90
CA HIS A 40 8.05 6.89 4.26
C HIS A 40 9.00 8.06 3.98
N SER A 41 8.68 9.25 4.49
CA SER A 41 9.50 10.44 4.32
C SER A 41 10.60 10.52 5.38
N MET A 42 10.47 9.76 6.47
CA MET A 42 11.45 9.75 7.55
C MET A 42 12.46 8.62 7.34
N GLU A 43 13.63 8.73 7.99
CA GLU A 43 14.72 7.80 7.78
C GLU A 43 14.45 6.44 8.44
N GLY A 44 13.35 6.32 9.20
CA GLY A 44 12.98 5.05 9.81
C GLY A 44 12.29 4.12 8.82
N LEU A 45 11.87 4.64 7.66
CA LEU A 45 11.21 3.87 6.63
C LEU A 45 11.72 4.22 5.23
N ARG A 46 12.83 4.96 5.11
CA ARG A 46 13.33 5.41 3.82
C ARG A 46 13.91 4.26 2.97
N HIS A 47 13.97 3.06 3.55
CA HIS A 47 14.54 1.88 2.91
C HIS A 47 13.47 0.96 2.34
N HIS A 48 12.19 1.35 2.44
CA HIS A 48 11.08 0.53 1.97
C HIS A 48 10.97 0.57 0.44
N SER A 49 10.26 -0.41 -0.12
CA SER A 49 9.98 -0.48 -1.55
C SER A 49 8.49 -0.81 -1.75
N PRO A 50 7.86 -0.24 -2.78
CA PRO A 50 6.44 -0.41 -3.02
C PRO A 50 6.12 -1.79 -3.60
N LEU A 51 4.96 -2.32 -3.22
CA LEU A 51 4.39 -3.56 -3.75
C LEU A 51 3.06 -3.24 -4.42
N MET A 52 2.56 -4.17 -5.22
CA MET A 52 1.30 -4.00 -5.93
C MET A 52 0.56 -5.33 -6.06
N ARG A 53 -0.74 -5.27 -6.34
CA ARG A 53 -1.59 -6.44 -6.50
C ARG A 53 -2.70 -6.13 -7.50
N ASN A 54 -3.25 -7.17 -8.13
CA ASN A 54 -4.37 -7.01 -9.05
C ASN A 54 -5.59 -6.53 -8.25
N GLN A 55 -6.52 -5.82 -8.91
CA GLN A 55 -7.70 -5.27 -8.27
C GLN A 55 -8.98 -5.82 -8.89
N LYS A 56 -8.85 -6.73 -9.86
CA LYS A 56 -10.01 -7.34 -10.52
C LYS A 56 -10.51 -8.56 -9.75
N ASN A 57 -9.80 -8.96 -8.69
CA ASN A 57 -10.17 -10.11 -7.88
C ASN A 57 -9.66 -9.92 -6.45
N ARG A 58 -10.35 -10.54 -5.48
CA ARG A 58 -10.01 -10.44 -4.07
C ARG A 58 -10.31 -11.76 -3.33
N ASP A 59 -10.61 -12.83 -4.06
CA ASP A 59 -10.95 -14.11 -3.47
C ASP A 59 -10.40 -15.27 -4.32
N SER A 60 -10.31 -16.46 -3.74
CA SER A 60 -9.78 -17.64 -4.41
C SER A 60 -10.76 -18.15 -5.47
N SER A 61 -10.25 -18.90 -6.44
CA SER A 61 -11.05 -19.47 -7.53
C SER A 61 -10.46 -20.80 -7.97
ZN ZN B . -3.45 6.78 1.62
ZN ZN C . 6.60 0.84 4.48
N ILE A 1 -13.72 -23.88 -2.51
CA ILE A 1 -15.12 -23.99 -2.97
C ILE A 1 -15.91 -22.74 -2.62
N ASP A 2 -15.82 -22.28 -1.37
CA ASP A 2 -16.52 -21.08 -0.92
C ASP A 2 -15.81 -19.82 -1.43
N PRO A 3 -16.56 -18.72 -1.64
CA PRO A 3 -16.02 -17.45 -2.11
C PRO A 3 -15.22 -16.75 -1.03
N TYR A 4 -14.40 -15.78 -1.44
CA TYR A 4 -13.57 -15.01 -0.54
C TYR A 4 -13.42 -13.58 -1.05
N LEU A 5 -13.20 -12.62 -0.13
CA LEU A 5 -13.05 -11.22 -0.44
C LEU A 5 -11.94 -10.60 0.41
N GLU A 6 -11.42 -9.45 -0.05
CA GLU A 6 -10.36 -8.74 0.64
C GLU A 6 -10.51 -7.23 0.47
N ASP A 7 -9.68 -6.45 1.15
CA ASP A 7 -9.71 -4.99 1.09
C ASP A 7 -8.30 -4.43 0.93
N SER A 8 -8.19 -3.21 0.39
CA SER A 8 -6.91 -2.59 0.11
C SER A 8 -6.95 -1.08 0.34
N LEU A 9 -7.88 -0.60 1.18
CA LEU A 9 -8.03 0.82 1.47
C LEU A 9 -6.76 1.35 2.13
N CYS A 10 -6.44 2.63 1.90
CA CYS A 10 -5.28 3.27 2.51
C CYS A 10 -5.34 3.16 4.04
N HIS A 11 -4.17 3.14 4.68
CA HIS A 11 -4.08 2.96 6.12
C HIS A 11 -4.21 4.27 6.90
N ILE A 12 -3.99 5.43 6.23
CA ILE A 12 -4.05 6.72 6.91
C ILE A 12 -5.15 7.61 6.32
N CYS A 13 -5.26 7.63 5.00
CA CYS A 13 -6.22 8.49 4.33
C CYS A 13 -7.53 7.76 4.01
N SER A 14 -7.46 6.44 3.80
CA SER A 14 -8.57 5.58 3.41
C SER A 14 -9.52 6.21 2.40
N SER A 15 -9.01 7.13 1.57
CA SER A 15 -9.82 7.83 0.58
C SER A 15 -9.86 7.08 -0.75
N GLN A 16 -9.01 6.05 -0.90
CA GLN A 16 -8.97 5.24 -2.10
C GLN A 16 -8.40 3.86 -1.80
N PRO A 17 -8.66 2.86 -2.65
CA PRO A 17 -7.99 1.59 -2.58
C PRO A 17 -6.54 1.81 -2.99
N GLY A 18 -5.64 1.80 -2.00
CA GLY A 18 -4.24 2.10 -2.21
C GLY A 18 -3.62 1.21 -3.29
N PRO A 19 -3.00 1.81 -4.31
CA PRO A 19 -2.34 1.10 -5.40
C PRO A 19 -1.00 0.52 -4.97
N PHE A 20 -0.52 0.88 -3.76
CA PHE A 20 0.76 0.42 -3.26
C PHE A 20 0.62 -0.31 -1.94
N PHE A 21 1.63 -1.13 -1.61
CA PHE A 21 1.70 -1.89 -0.37
C PHE A 21 3.17 -1.96 0.05
N CYS A 22 3.43 -2.24 1.33
CA CYS A 22 4.79 -2.30 1.86
C CYS A 22 4.97 -3.59 2.67
N ARG A 23 6.17 -4.17 2.63
CA ARG A 23 6.45 -5.49 3.22
C ARG A 23 7.04 -5.41 4.62
N ASP A 24 7.30 -4.21 5.14
CA ASP A 24 7.88 -4.05 6.46
C ASP A 24 6.82 -4.18 7.55
N GLN A 25 7.25 -4.48 8.78
CA GLN A 25 6.36 -4.75 9.90
C GLN A 25 5.75 -3.48 10.49
N VAL A 26 6.19 -2.31 10.01
CA VAL A 26 5.73 -1.02 10.54
C VAL A 26 4.70 -0.38 9.61
N CYS A 27 4.55 -0.92 8.40
CA CYS A 27 3.61 -0.40 7.42
C CYS A 27 3.08 -1.54 6.53
N PHE A 28 2.75 -2.68 7.15
CA PHE A 28 2.28 -3.87 6.45
C PHE A 28 0.83 -3.70 5.97
N LYS A 29 0.51 -2.54 5.40
CA LYS A 29 -0.82 -2.19 4.93
C LYS A 29 -0.75 -1.53 3.56
N TYR A 30 -1.90 -1.21 2.97
CA TYR A 30 -1.96 -0.56 1.66
C TYR A 30 -1.87 0.96 1.82
N PHE A 31 -1.36 1.63 0.78
CA PHE A 31 -1.17 3.07 0.78
C PHE A 31 -1.32 3.64 -0.63
N CYS A 32 -1.42 4.98 -0.69
CA CYS A 32 -1.45 5.76 -1.92
C CYS A 32 -0.32 6.77 -1.85
N ARG A 33 -0.15 7.61 -2.87
CA ARG A 33 0.96 8.55 -2.88
C ARG A 33 0.90 9.49 -1.67
N SER A 34 -0.29 9.74 -1.13
CA SER A 34 -0.47 10.64 -0.01
C SER A 34 -0.01 9.99 1.29
N CYS A 35 -0.65 8.88 1.68
CA CYS A 35 -0.36 8.24 2.94
C CYS A 35 0.97 7.49 2.91
N TRP A 36 1.46 7.11 1.73
CA TRP A 36 2.78 6.53 1.63
C TRP A 36 3.82 7.57 2.04
N HIS A 37 3.70 8.80 1.51
CA HIS A 37 4.66 9.85 1.84
C HIS A 37 4.40 10.43 3.23
N TRP A 38 3.32 10.02 3.90
CA TRP A 38 3.07 10.44 5.27
C TRP A 38 3.74 9.49 6.29
N ARG A 39 4.16 8.30 5.85
CA ARG A 39 4.87 7.38 6.74
C ARG A 39 6.26 6.99 6.23
N HIS A 40 6.49 7.06 4.92
CA HIS A 40 7.76 6.67 4.33
C HIS A 40 8.70 7.87 4.14
N SER A 41 8.38 9.01 4.77
CA SER A 41 9.17 10.22 4.70
C SER A 41 10.20 10.31 5.82
N MET A 42 10.05 9.47 6.85
CA MET A 42 10.94 9.45 8.00
C MET A 42 12.03 8.39 7.84
N GLU A 43 13.18 8.60 8.49
CA GLU A 43 14.35 7.75 8.31
C GLU A 43 14.10 6.30 8.69
N GLY A 44 13.02 6.03 9.44
CA GLY A 44 12.67 4.69 9.85
C GLY A 44 11.94 3.89 8.78
N LEU A 45 11.60 4.53 7.64
CA LEU A 45 10.89 3.87 6.55
C LEU A 45 11.40 4.28 5.16
N ARG A 46 12.44 5.12 5.06
CA ARG A 46 12.97 5.52 3.75
C ARG A 46 13.75 4.40 3.07
N HIS A 47 13.85 3.24 3.71
CA HIS A 47 14.57 2.09 3.16
C HIS A 47 13.61 1.07 2.57
N HIS A 48 12.31 1.37 2.53
CA HIS A 48 11.29 0.47 2.00
C HIS A 48 11.21 0.53 0.48
N SER A 49 10.47 -0.41 -0.10
CA SER A 49 10.22 -0.47 -1.53
C SER A 49 8.74 -0.78 -1.77
N PRO A 50 8.14 -0.21 -2.83
CA PRO A 50 6.73 -0.37 -3.13
C PRO A 50 6.43 -1.78 -3.64
N LEU A 51 5.14 -2.15 -3.57
CA LEU A 51 4.65 -3.43 -4.05
C LEU A 51 3.27 -3.21 -4.67
N MET A 52 2.85 -4.09 -5.59
CA MET A 52 1.59 -3.97 -6.28
C MET A 52 0.94 -5.32 -6.53
N ARG A 53 -0.34 -5.30 -6.90
CA ARG A 53 -1.16 -6.49 -7.12
C ARG A 53 -1.36 -6.77 -8.62
N ASN A 54 -0.56 -6.14 -9.47
CA ASN A 54 -0.66 -6.29 -10.92
C ASN A 54 0.73 -6.44 -11.53
N GLN A 55 0.78 -6.91 -12.79
CA GLN A 55 2.04 -7.09 -13.51
C GLN A 55 2.46 -5.81 -14.23
N LYS A 56 3.70 -5.76 -14.69
CA LYS A 56 4.22 -4.62 -15.43
C LYS A 56 3.64 -4.59 -16.84
N ASN A 57 3.71 -3.44 -17.50
CA ASN A 57 3.20 -3.27 -18.84
C ASN A 57 4.09 -4.00 -19.87
N ARG A 58 3.53 -4.30 -21.04
CA ARG A 58 4.25 -5.02 -22.09
C ARG A 58 3.97 -4.38 -23.45
N ASP A 59 4.83 -4.68 -24.42
CA ASP A 59 4.73 -4.14 -25.77
C ASP A 59 5.04 -5.23 -26.81
N SER A 60 4.69 -4.97 -28.07
CA SER A 60 4.91 -5.91 -29.16
C SER A 60 6.32 -5.79 -29.74
N SER A 61 7.14 -4.92 -29.16
CA SER A 61 8.52 -4.70 -29.59
C SER A 61 9.39 -4.31 -28.40
ZN ZN B . -3.76 6.60 0.90
ZN ZN C . 6.83 0.56 4.31
N ILE A 1 -11.84 12.56 -7.24
CA ILE A 1 -11.68 11.10 -7.46
C ILE A 1 -12.05 10.34 -6.19
N ASP A 2 -12.59 9.12 -6.37
CA ASP A 2 -13.03 8.26 -5.27
C ASP A 2 -12.69 6.80 -5.59
N PRO A 3 -12.66 5.93 -4.58
CA PRO A 3 -12.39 4.51 -4.74
C PRO A 3 -13.39 3.82 -5.67
N TYR A 4 -13.03 2.62 -6.14
CA TYR A 4 -13.87 1.81 -7.02
C TYR A 4 -13.97 0.38 -6.50
N LEU A 5 -13.54 0.14 -5.25
CA LEU A 5 -13.53 -1.17 -4.64
C LEU A 5 -13.77 -1.07 -3.14
N GLU A 6 -13.76 -2.22 -2.45
CA GLU A 6 -14.04 -2.29 -1.01
C GLU A 6 -12.95 -3.06 -0.26
N ASP A 7 -11.82 -3.36 -0.92
CA ASP A 7 -10.72 -4.09 -0.30
C ASP A 7 -9.38 -3.51 -0.77
N SER A 8 -8.31 -3.78 -0.02
CA SER A 8 -6.98 -3.22 -0.28
C SER A 8 -6.99 -1.69 -0.31
N LEU A 9 -7.99 -1.07 0.33
CA LEU A 9 -8.17 0.38 0.35
C LEU A 9 -7.05 1.04 1.16
N CYS A 10 -6.76 2.31 0.88
CA CYS A 10 -5.72 3.04 1.61
C CYS A 10 -6.05 3.05 3.11
N HIS A 11 -5.03 2.98 3.96
CA HIS A 11 -5.22 2.81 5.39
C HIS A 11 -5.26 4.11 6.17
N ILE A 12 -4.79 5.22 5.58
CA ILE A 12 -4.73 6.48 6.30
C ILE A 12 -5.76 7.49 5.76
N CYS A 13 -6.27 7.27 4.55
CA CYS A 13 -7.22 8.17 3.94
C CYS A 13 -8.41 7.44 3.31
N SER A 14 -8.20 6.18 2.90
CA SER A 14 -9.17 5.35 2.21
C SER A 14 -9.90 6.09 1.07
N SER A 15 -9.29 7.16 0.54
CA SER A 15 -9.84 7.91 -0.57
C SER A 15 -9.31 7.38 -1.90
N GLN A 16 -8.36 6.45 -1.84
CA GLN A 16 -7.77 5.81 -3.00
C GLN A 16 -7.68 4.30 -2.76
N PRO A 17 -7.62 3.51 -3.84
CA PRO A 17 -7.75 2.06 -3.82
C PRO A 17 -6.47 1.35 -3.39
N GLY A 18 -5.56 2.05 -2.72
CA GLY A 18 -4.32 1.45 -2.22
C GLY A 18 -3.46 0.94 -3.37
N PRO A 19 -2.99 1.82 -4.25
CA PRO A 19 -2.15 1.46 -5.40
C PRO A 19 -0.78 0.95 -4.98
N PHE A 20 -0.42 1.09 -3.69
CA PHE A 20 0.85 0.62 -3.18
C PHE A 20 0.66 -0.15 -1.87
N PHE A 21 1.68 -0.92 -1.50
CA PHE A 21 1.72 -1.69 -0.27
C PHE A 21 3.16 -1.71 0.24
N CYS A 22 3.34 -1.84 1.55
CA CYS A 22 4.66 -1.87 2.17
C CYS A 22 4.82 -3.12 3.02
N ARG A 23 5.97 -3.78 2.90
CA ARG A 23 6.26 -5.02 3.60
C ARG A 23 7.34 -4.83 4.65
N ASP A 24 6.98 -4.20 5.78
CA ASP A 24 7.90 -4.01 6.90
C ASP A 24 7.24 -4.39 8.23
N GLN A 25 7.96 -4.18 9.33
CA GLN A 25 7.46 -4.46 10.67
C GLN A 25 6.82 -3.22 11.30
N VAL A 26 6.85 -2.08 10.60
CA VAL A 26 6.20 -0.86 11.06
C VAL A 26 5.07 -0.44 10.11
N CYS A 27 5.12 -0.90 8.85
CA CYS A 27 4.03 -0.73 7.91
C CYS A 27 3.83 -2.03 7.15
N PHE A 28 2.58 -2.49 7.06
CA PHE A 28 2.25 -3.80 6.53
C PHE A 28 0.88 -3.80 5.83
N LYS A 29 0.44 -2.63 5.36
CA LYS A 29 -0.88 -2.47 4.78
C LYS A 29 -0.80 -1.70 3.46
N TYR A 30 -1.95 -1.51 2.80
CA TYR A 30 -2.02 -0.77 1.56
C TYR A 30 -2.08 0.73 1.81
N PHE A 31 -1.53 1.51 0.89
CA PHE A 31 -1.48 2.96 0.98
C PHE A 31 -1.51 3.58 -0.42
N CYS A 32 -1.85 4.86 -0.48
CA CYS A 32 -1.75 5.66 -1.69
C CYS A 32 -0.48 6.51 -1.62
N ARG A 33 -0.13 7.22 -2.69
CA ARG A 33 1.11 8.01 -2.70
C ARG A 33 1.09 9.08 -1.63
N SER A 34 -0.10 9.53 -1.21
CA SER A 34 -0.22 10.55 -0.18
C SER A 34 0.21 9.99 1.16
N CYS A 35 -0.31 8.79 1.45
CA CYS A 35 -0.12 8.14 2.73
C CYS A 35 1.22 7.42 2.79
N TRP A 36 1.76 7.05 1.62
CA TRP A 36 3.08 6.45 1.54
C TRP A 36 4.10 7.47 2.04
N HIS A 37 3.94 8.75 1.66
CA HIS A 37 4.85 9.77 2.14
C HIS A 37 4.60 10.06 3.61
N TRP A 38 3.36 9.88 4.09
CA TRP A 38 3.06 10.09 5.52
C TRP A 38 3.64 8.97 6.38
N ARG A 39 4.18 7.90 5.77
CA ARG A 39 4.83 6.83 6.49
C ARG A 39 6.26 6.56 6.02
N HIS A 40 6.77 7.32 5.04
CA HIS A 40 8.10 7.08 4.50
C HIS A 40 8.90 8.35 4.21
N SER A 41 8.41 9.53 4.63
CA SER A 41 9.18 10.76 4.47
C SER A 41 10.29 10.86 5.50
N MET A 42 10.29 9.97 6.50
CA MET A 42 11.33 9.93 7.52
C MET A 42 12.54 9.18 7.00
N GLU A 43 13.74 9.54 7.49
CA GLU A 43 14.98 8.95 7.00
C GLU A 43 15.15 7.51 7.49
N GLY A 44 14.32 7.08 8.44
CA GLY A 44 14.44 5.76 9.04
C GLY A 44 13.79 4.65 8.22
N LEU A 45 12.91 4.99 7.25
CA LEU A 45 12.18 4.01 6.47
C LEU A 45 12.41 4.16 4.96
N ARG A 46 13.49 4.84 4.56
CA ARG A 46 13.81 5.05 3.16
C ARG A 46 14.28 3.76 2.47
N HIS A 47 14.33 2.65 3.22
CA HIS A 47 14.75 1.36 2.69
C HIS A 47 13.57 0.52 2.22
N HIS A 48 12.34 1.01 2.41
CA HIS A 48 11.15 0.29 1.97
C HIS A 48 10.98 0.38 0.46
N SER A 49 10.21 -0.55 -0.10
CA SER A 49 9.94 -0.61 -1.53
C SER A 49 8.46 -0.97 -1.74
N PRO A 50 7.86 -0.49 -2.83
CA PRO A 50 6.46 -0.71 -3.13
C PRO A 50 6.20 -2.18 -3.49
N LEU A 51 4.95 -2.61 -3.31
CA LEU A 51 4.53 -3.97 -3.58
C LEU A 51 3.09 -3.94 -4.10
N MET A 52 2.70 -4.97 -4.86
CA MET A 52 1.35 -5.05 -5.42
C MET A 52 0.87 -6.50 -5.45
N ARG A 53 -0.46 -6.67 -5.47
CA ARG A 53 -1.12 -7.98 -5.52
C ARG A 53 -2.38 -7.87 -6.38
N ASN A 54 -3.02 -9.01 -6.65
CA ASN A 54 -4.25 -9.04 -7.44
C ASN A 54 -5.21 -10.10 -6.88
N GLN A 55 -6.49 -10.00 -7.23
CA GLN A 55 -7.54 -10.91 -6.77
C GLN A 55 -8.46 -11.27 -7.94
N LYS A 56 -9.27 -12.31 -7.76
CA LYS A 56 -10.15 -12.83 -8.80
C LYS A 56 -11.45 -12.01 -8.90
N ASN A 57 -11.45 -10.80 -8.34
CA ASN A 57 -12.62 -9.93 -8.33
C ASN A 57 -12.29 -8.49 -8.76
N ARG A 58 -11.07 -8.27 -9.29
CA ARG A 58 -10.62 -6.95 -9.70
C ARG A 58 -10.84 -6.72 -11.20
N ASP A 59 -11.41 -7.71 -11.89
CA ASP A 59 -11.65 -7.63 -13.32
C ASP A 59 -13.01 -8.24 -13.69
N SER A 60 -13.87 -8.47 -12.70
CA SER A 60 -15.18 -9.08 -12.89
C SER A 60 -16.20 -8.48 -11.93
N SER A 61 -17.48 -8.78 -12.17
CA SER A 61 -18.59 -8.28 -11.35
C SER A 61 -19.60 -9.40 -11.10
ZN ZN B . -4.10 7.26 1.40
ZN ZN C . 6.94 0.93 4.73
N ILE A 1 -23.09 -6.20 -11.20
CA ILE A 1 -22.97 -5.15 -10.17
C ILE A 1 -21.76 -5.39 -9.29
N ASP A 2 -21.13 -4.31 -8.80
CA ASP A 2 -19.94 -4.40 -7.97
C ASP A 2 -20.00 -3.34 -6.87
N PRO A 3 -19.34 -3.58 -5.73
CA PRO A 3 -19.29 -2.65 -4.61
C PRO A 3 -18.38 -1.46 -4.91
N TYR A 4 -17.69 -1.46 -6.05
CA TYR A 4 -16.77 -0.41 -6.46
C TYR A 4 -15.66 -0.15 -5.43
N LEU A 5 -15.42 -1.13 -4.55
CA LEU A 5 -14.41 -1.06 -3.51
C LEU A 5 -13.70 -2.40 -3.38
N GLU A 6 -12.54 -2.39 -2.69
CA GLU A 6 -11.73 -3.58 -2.48
C GLU A 6 -11.03 -3.50 -1.12
N ASP A 7 -10.53 -4.64 -0.63
CA ASP A 7 -9.93 -4.73 0.69
C ASP A 7 -8.51 -4.13 0.72
N SER A 8 -8.02 -3.66 -0.42
CA SER A 8 -6.72 -3.02 -0.53
C SER A 8 -6.84 -1.50 -0.39
N LEU A 9 -7.94 -1.02 0.21
CA LEU A 9 -8.21 0.39 0.42
C LEU A 9 -7.07 1.02 1.24
N CYS A 10 -6.76 2.29 1.00
CA CYS A 10 -5.69 2.97 1.73
C CYS A 10 -5.97 2.90 3.23
N HIS A 11 -4.93 2.67 4.03
CA HIS A 11 -5.08 2.42 5.45
C HIS A 11 -5.10 3.70 6.29
N ILE A 12 -4.78 4.85 5.69
CA ILE A 12 -4.69 6.12 6.43
C ILE A 12 -5.72 7.13 5.95
N CYS A 13 -6.24 6.97 4.73
CA CYS A 13 -7.24 7.90 4.21
C CYS A 13 -8.42 7.17 3.56
N SER A 14 -8.23 5.90 3.17
CA SER A 14 -9.22 5.07 2.52
C SER A 14 -10.02 5.80 1.44
N SER A 15 -9.43 6.81 0.81
CA SER A 15 -10.09 7.61 -0.22
C SER A 15 -9.92 7.00 -1.60
N GLN A 16 -9.07 5.97 -1.73
CA GLN A 16 -8.85 5.27 -2.98
C GLN A 16 -8.32 3.87 -2.70
N PRO A 17 -8.48 2.94 -3.65
CA PRO A 17 -7.87 1.63 -3.57
C PRO A 17 -6.36 1.82 -3.68
N GLY A 18 -5.67 1.65 -2.56
CA GLY A 18 -4.23 1.88 -2.46
C GLY A 18 -3.46 1.14 -3.55
N PRO A 19 -2.79 1.86 -4.45
CA PRO A 19 -1.97 1.29 -5.51
C PRO A 19 -0.63 0.79 -4.98
N PHE A 20 -0.31 1.08 -3.71
CA PHE A 20 0.97 0.71 -3.12
C PHE A 20 0.80 -0.13 -1.86
N PHE A 21 1.85 -0.89 -1.54
CA PHE A 21 1.92 -1.76 -0.36
C PHE A 21 3.35 -1.76 0.16
N CYS A 22 3.55 -2.15 1.43
CA CYS A 22 4.86 -2.19 2.05
C CYS A 22 5.03 -3.50 2.81
N ARG A 23 6.28 -3.95 2.98
CA ARG A 23 6.56 -5.29 3.50
C ARG A 23 7.01 -5.31 4.96
N ASP A 24 7.40 -4.17 5.53
CA ASP A 24 7.85 -4.13 6.91
C ASP A 24 6.68 -4.20 7.88
N GLN A 25 6.92 -4.71 9.09
CA GLN A 25 5.87 -4.90 10.08
C GLN A 25 5.39 -3.58 10.69
N VAL A 26 6.02 -2.45 10.32
CA VAL A 26 5.63 -1.14 10.82
C VAL A 26 4.66 -0.45 9.86
N CYS A 27 4.51 -0.98 8.65
CA CYS A 27 3.59 -0.44 7.66
C CYS A 27 3.08 -1.56 6.72
N PHE A 28 2.77 -2.73 7.29
CA PHE A 28 2.31 -3.90 6.53
C PHE A 28 0.85 -3.74 6.07
N LYS A 29 0.54 -2.62 5.41
CA LYS A 29 -0.79 -2.28 4.94
C LYS A 29 -0.70 -1.60 3.57
N TYR A 30 -1.86 -1.36 2.95
CA TYR A 30 -1.93 -0.67 1.67
C TYR A 30 -1.97 0.84 1.88
N PHE A 31 -1.47 1.59 0.90
CA PHE A 31 -1.41 3.04 0.97
C PHE A 31 -1.55 3.66 -0.41
N CYS A 32 -1.77 4.97 -0.43
CA CYS A 32 -1.78 5.79 -1.63
C CYS A 32 -0.58 6.73 -1.59
N ARG A 33 -0.36 7.50 -2.67
CA ARG A 33 0.83 8.35 -2.75
C ARG A 33 0.87 9.37 -1.61
N SER A 34 -0.29 9.73 -1.06
CA SER A 34 -0.36 10.68 0.05
C SER A 34 0.16 10.04 1.31
N CYS A 35 -0.38 8.87 1.63
CA CYS A 35 -0.14 8.16 2.86
C CYS A 35 1.23 7.47 2.82
N TRP A 36 1.74 7.19 1.61
CA TRP A 36 3.04 6.59 1.45
C TRP A 36 4.12 7.59 1.85
N HIS A 37 4.06 8.81 1.31
CA HIS A 37 5.05 9.83 1.65
C HIS A 37 4.77 10.41 3.04
N TRP A 38 3.62 10.06 3.63
CA TRP A 38 3.26 10.48 4.97
C TRP A 38 3.91 9.58 6.03
N ARG A 39 4.29 8.34 5.66
CA ARG A 39 4.95 7.44 6.60
C ARG A 39 6.35 7.01 6.15
N HIS A 40 6.68 7.19 4.87
CA HIS A 40 7.98 6.75 4.34
C HIS A 40 8.91 7.93 4.05
N SER A 41 8.53 9.15 4.41
CA SER A 41 9.37 10.32 4.21
C SER A 41 10.18 10.64 5.47
N MET A 42 9.95 9.91 6.57
CA MET A 42 10.66 10.12 7.81
C MET A 42 12.03 9.44 7.76
N GLU A 43 12.96 9.92 8.58
CA GLU A 43 14.32 9.40 8.61
C GLU A 43 14.37 8.10 9.42
N GLY A 44 13.80 7.02 8.84
CA GLY A 44 13.82 5.71 9.46
C GLY A 44 13.23 4.62 8.57
N LEU A 45 12.31 4.98 7.65
CA LEU A 45 11.68 4.03 6.74
C LEU A 45 12.02 4.33 5.29
N ARG A 46 13.14 5.02 5.06
CA ARG A 46 13.60 5.40 3.72
C ARG A 46 14.07 4.18 2.91
N HIS A 47 14.07 3.00 3.53
CA HIS A 47 14.53 1.77 2.90
C HIS A 47 13.38 0.99 2.27
N HIS A 48 12.13 1.46 2.40
CA HIS A 48 10.98 0.81 1.81
C HIS A 48 10.87 1.16 0.32
N SER A 49 10.19 0.29 -0.43
CA SER A 49 9.96 0.49 -1.86
C SER A 49 8.54 0.04 -2.20
N PRO A 50 7.92 0.64 -3.23
CA PRO A 50 6.57 0.32 -3.65
C PRO A 50 6.39 -1.16 -3.98
N LEU A 51 5.17 -1.67 -3.74
CA LEU A 51 4.80 -3.05 -4.02
C LEU A 51 3.37 -3.09 -4.56
N MET A 52 2.98 -4.22 -5.15
CA MET A 52 1.63 -4.41 -5.68
C MET A 52 1.16 -5.83 -5.35
N ARG A 53 -0.07 -5.95 -4.86
CA ARG A 53 -0.65 -7.22 -4.46
C ARG A 53 -2.17 -7.11 -4.48
N ASN A 54 -2.86 -8.26 -4.61
CA ASN A 54 -4.31 -8.34 -4.62
C ASN A 54 -4.93 -7.43 -5.69
N GLN A 55 -4.16 -7.08 -6.72
CA GLN A 55 -4.58 -6.18 -7.78
C GLN A 55 -4.05 -6.65 -9.13
N LYS A 56 -4.62 -6.13 -10.22
CA LYS A 56 -4.24 -6.45 -11.59
C LYS A 56 -4.40 -5.23 -12.48
N ASN A 57 -4.11 -5.38 -13.76
CA ASN A 57 -4.26 -4.28 -14.71
C ASN A 57 -5.74 -3.91 -14.88
N ARG A 58 -6.03 -2.63 -15.12
CA ARG A 58 -7.39 -2.12 -15.26
C ARG A 58 -7.43 -1.05 -16.34
N ASP A 59 -8.63 -0.76 -16.85
CA ASP A 59 -8.85 0.24 -17.88
C ASP A 59 -10.21 0.91 -17.70
N SER A 60 -10.40 2.06 -18.36
CA SER A 60 -11.63 2.83 -18.28
C SER A 60 -11.87 3.59 -19.59
N SER A 61 -13.12 4.00 -19.82
CA SER A 61 -13.52 4.73 -21.01
C SER A 61 -14.50 5.85 -20.65
ZN ZN B . -4.13 7.18 1.64
ZN ZN C . 6.76 0.72 4.61
N ILE A 1 -25.82 -4.69 0.12
CA ILE A 1 -25.20 -4.00 1.27
C ILE A 1 -23.81 -4.58 1.53
N ASP A 2 -22.83 -3.71 1.77
CA ASP A 2 -21.46 -4.11 2.04
C ASP A 2 -20.78 -3.10 2.96
N PRO A 3 -19.66 -3.46 3.60
CA PRO A 3 -18.94 -2.63 4.55
C PRO A 3 -18.40 -1.31 3.96
N TYR A 4 -18.50 -1.14 2.64
CA TYR A 4 -17.98 0.05 1.94
C TYR A 4 -16.48 0.26 2.20
N LEU A 5 -15.78 -0.78 2.69
CA LEU A 5 -14.37 -0.74 2.98
C LEU A 5 -13.71 -2.05 2.53
N GLU A 6 -12.39 -2.03 2.35
CA GLU A 6 -11.63 -3.19 1.92
C GLU A 6 -10.28 -3.23 2.65
N ASP A 7 -9.64 -4.40 2.66
CA ASP A 7 -8.36 -4.57 3.33
C ASP A 7 -7.21 -4.00 2.48
N SER A 8 -7.46 -3.79 1.18
CA SER A 8 -6.47 -3.22 0.28
C SER A 8 -6.65 -1.72 0.13
N LEU A 9 -7.72 -1.16 0.69
CA LEU A 9 -8.00 0.27 0.63
C LEU A 9 -6.95 1.01 1.45
N CYS A 10 -6.63 2.26 1.10
CA CYS A 10 -5.63 3.01 1.83
C CYS A 10 -6.02 3.07 3.32
N HIS A 11 -5.07 2.81 4.21
CA HIS A 11 -5.35 2.69 5.63
C HIS A 11 -5.27 4.02 6.37
N ILE A 12 -4.92 5.12 5.68
CA ILE A 12 -4.79 6.42 6.34
C ILE A 12 -5.79 7.43 5.75
N CYS A 13 -6.30 7.19 4.54
CA CYS A 13 -7.24 8.09 3.90
C CYS A 13 -8.39 7.35 3.22
N SER A 14 -8.17 6.09 2.82
CA SER A 14 -9.15 5.27 2.12
C SER A 14 -9.86 6.00 0.98
N SER A 15 -9.20 7.02 0.39
CA SER A 15 -9.78 7.80 -0.70
C SER A 15 -9.54 7.15 -2.06
N GLN A 16 -8.69 6.13 -2.12
CA GLN A 16 -8.43 5.39 -3.35
C GLN A 16 -8.03 3.95 -3.02
N PRO A 17 -8.16 3.02 -3.97
CA PRO A 17 -8.00 1.58 -3.80
C PRO A 17 -6.65 1.09 -3.25
N GLY A 18 -5.75 2.00 -2.86
CA GLY A 18 -4.46 1.62 -2.30
C GLY A 18 -3.60 0.92 -3.35
N PRO A 19 -3.07 1.66 -4.33
CA PRO A 19 -2.30 1.11 -5.43
C PRO A 19 -0.91 0.66 -4.98
N PHE A 20 -0.52 0.97 -3.74
CA PHE A 20 0.77 0.58 -3.20
C PHE A 20 0.63 -0.21 -1.91
N PHE A 21 1.66 -0.99 -1.59
CA PHE A 21 1.71 -1.80 -0.38
C PHE A 21 3.12 -1.81 0.18
N CYS A 22 3.23 -1.84 1.51
CA CYS A 22 4.50 -1.90 2.21
C CYS A 22 4.52 -3.15 3.08
N ARG A 23 5.51 -4.02 2.86
CA ARG A 23 5.56 -5.34 3.47
C ARG A 23 6.32 -5.37 4.78
N ASP A 24 7.05 -4.29 5.10
CA ASP A 24 7.86 -4.23 6.30
C ASP A 24 7.00 -4.30 7.56
N GLN A 25 7.58 -4.79 8.66
CA GLN A 25 6.85 -5.05 9.89
C GLN A 25 6.43 -3.77 10.62
N VAL A 26 6.82 -2.60 10.11
CA VAL A 26 6.44 -1.32 10.70
C VAL A 26 5.37 -0.62 9.85
N CYS A 27 5.05 -1.18 8.67
CA CYS A 27 4.02 -0.66 7.80
C CYS A 27 2.90 -1.69 7.67
N PHE A 28 3.22 -2.84 7.06
CA PHE A 28 2.35 -4.00 6.91
C PHE A 28 0.93 -3.67 6.44
N LYS A 29 0.75 -2.57 5.70
CA LYS A 29 -0.56 -2.11 5.24
C LYS A 29 -0.48 -1.53 3.83
N TYR A 30 -1.65 -1.34 3.22
CA TYR A 30 -1.77 -0.74 1.90
C TYR A 30 -1.88 0.78 2.03
N PHE A 31 -1.40 1.50 1.02
CA PHE A 31 -1.40 2.96 1.03
C PHE A 31 -1.52 3.52 -0.39
N CYS A 32 -1.82 4.81 -0.45
CA CYS A 32 -1.79 5.60 -1.67
C CYS A 32 -0.51 6.43 -1.66
N ARG A 33 -0.23 7.18 -2.74
CA ARG A 33 0.99 7.97 -2.81
C ARG A 33 1.04 9.02 -1.70
N SER A 34 -0.12 9.48 -1.23
CA SER A 34 -0.19 10.49 -0.19
C SER A 34 0.26 9.90 1.13
N CYS A 35 -0.30 8.74 1.45
CA CYS A 35 -0.11 8.09 2.73
C CYS A 35 1.22 7.33 2.77
N TRP A 36 1.76 6.97 1.60
CA TRP A 36 3.08 6.37 1.54
C TRP A 36 4.10 7.40 2.00
N HIS A 37 3.95 8.66 1.61
CA HIS A 37 4.86 9.69 2.06
C HIS A 37 4.60 10.05 3.52
N TRP A 38 3.40 9.77 4.04
CA TRP A 38 3.11 10.02 5.45
C TRP A 38 3.68 8.92 6.34
N ARG A 39 4.19 7.83 5.75
CA ARG A 39 4.82 6.74 6.50
C ARG A 39 6.25 6.47 6.04
N HIS A 40 6.77 7.25 5.08
CA HIS A 40 8.12 7.03 4.58
C HIS A 40 8.87 8.35 4.34
N SER A 41 8.38 9.47 4.88
CA SER A 41 9.06 10.75 4.73
C SER A 41 10.27 10.84 5.66
N MET A 42 10.25 10.10 6.76
CA MET A 42 11.37 10.06 7.70
C MET A 42 12.51 9.26 7.09
N GLU A 43 13.75 9.59 7.47
CA GLU A 43 14.93 8.94 6.90
C GLU A 43 15.07 7.50 7.42
N GLY A 44 14.25 7.11 8.40
CA GLY A 44 14.35 5.81 9.04
C GLY A 44 13.69 4.69 8.22
N LEU A 45 12.76 5.01 7.31
CA LEU A 45 12.01 4.01 6.56
C LEU A 45 12.19 4.13 5.05
N ARG A 46 13.19 4.88 4.58
CA ARG A 46 13.42 5.07 3.15
C ARG A 46 14.01 3.82 2.49
N HIS A 47 14.19 2.74 3.27
CA HIS A 47 14.71 1.48 2.77
C HIS A 47 13.58 0.56 2.29
N HIS A 48 12.32 0.97 2.49
CA HIS A 48 11.16 0.21 2.03
C HIS A 48 11.00 0.35 0.52
N SER A 49 10.31 -0.60 -0.09
CA SER A 49 10.00 -0.59 -1.52
C SER A 49 8.54 -0.96 -1.71
N PRO A 50 7.81 -0.23 -2.57
CA PRO A 50 6.39 -0.44 -2.78
C PRO A 50 6.13 -1.67 -3.65
N LEU A 51 4.98 -2.32 -3.42
CA LEU A 51 4.51 -3.40 -4.27
C LEU A 51 3.24 -2.93 -4.97
N MET A 52 2.99 -3.45 -6.18
CA MET A 52 1.85 -3.01 -6.97
C MET A 52 0.57 -3.70 -6.49
N ARG A 53 -0.57 -2.99 -6.61
CA ARG A 53 -1.86 -3.52 -6.23
C ARG A 53 -2.94 -2.95 -7.15
N ASN A 54 -3.90 -3.79 -7.54
CA ASN A 54 -5.00 -3.39 -8.40
C ASN A 54 -6.19 -4.34 -8.18
N GLN A 55 -7.37 -3.95 -8.68
CA GLN A 55 -8.58 -4.76 -8.55
C GLN A 55 -9.12 -5.16 -9.93
N LYS A 56 -8.34 -4.90 -10.99
CA LYS A 56 -8.73 -5.22 -12.36
C LYS A 56 -7.54 -5.81 -13.12
N ASN A 57 -7.80 -6.43 -14.27
CA ASN A 57 -6.79 -7.03 -15.11
C ASN A 57 -7.14 -6.88 -16.59
N ARG A 58 -6.16 -7.10 -17.46
CA ARG A 58 -6.35 -7.03 -18.90
C ARG A 58 -6.98 -8.32 -19.43
N ASP A 59 -7.56 -8.25 -20.63
CA ASP A 59 -8.19 -9.39 -21.27
C ASP A 59 -8.09 -9.26 -22.79
N SER A 60 -8.15 -10.39 -23.49
CA SER A 60 -8.03 -10.43 -24.94
C SER A 60 -8.95 -11.48 -25.54
N SER A 61 -9.26 -11.34 -26.84
CA SER A 61 -10.15 -12.25 -27.56
C SER A 61 -9.56 -12.56 -28.93
ZN ZN B . -4.05 7.23 1.52
ZN ZN C . 6.90 0.95 4.87
N ILE A 1 -14.78 -13.98 -3.30
CA ILE A 1 -14.38 -12.94 -2.32
C ILE A 1 -15.61 -12.26 -1.71
N ASP A 2 -15.43 -11.56 -0.60
CA ASP A 2 -16.52 -10.87 0.08
C ASP A 2 -15.99 -9.62 0.76
N PRO A 3 -16.72 -8.48 0.67
CA PRO A 3 -16.27 -7.18 1.18
C PRO A 3 -16.24 -7.11 2.69
N TYR A 4 -16.71 -8.16 3.40
CA TYR A 4 -16.67 -8.22 4.85
C TYR A 4 -15.58 -9.17 5.34
N LEU A 5 -14.88 -9.83 4.41
CA LEU A 5 -13.82 -10.78 4.73
C LEU A 5 -12.51 -10.39 4.05
N GLU A 6 -12.54 -9.38 3.18
CA GLU A 6 -11.36 -8.91 2.48
C GLU A 6 -11.49 -7.41 2.20
N ASP A 7 -10.34 -6.71 2.16
CA ASP A 7 -10.30 -5.28 1.89
C ASP A 7 -8.98 -4.91 1.22
N SER A 8 -8.98 -3.81 0.46
CA SER A 8 -7.80 -3.33 -0.26
C SER A 8 -7.75 -1.81 -0.31
N LEU A 9 -8.69 -1.13 0.36
CA LEU A 9 -8.76 0.32 0.37
C LEU A 9 -7.59 0.89 1.16
N CYS A 10 -7.16 2.11 0.84
CA CYS A 10 -6.08 2.76 1.58
C CYS A 10 -6.48 2.88 3.04
N HIS A 11 -5.55 2.60 3.97
CA HIS A 11 -5.88 2.49 5.38
C HIS A 11 -5.54 3.74 6.19
N ILE A 12 -5.04 4.79 5.55
CA ILE A 12 -4.73 6.04 6.24
C ILE A 12 -5.67 7.15 5.79
N CYS A 13 -6.26 7.03 4.60
CA CYS A 13 -7.11 8.07 4.03
C CYS A 13 -8.27 7.50 3.21
N SER A 14 -8.20 6.22 2.81
CA SER A 14 -9.27 5.52 2.08
C SER A 14 -9.89 6.36 0.95
N SER A 15 -9.12 7.25 0.33
CA SER A 15 -9.61 8.12 -0.72
C SER A 15 -9.52 7.44 -2.08
N GLN A 16 -8.71 6.38 -2.17
CA GLN A 16 -8.51 5.61 -3.39
C GLN A 16 -8.19 4.17 -3.02
N PRO A 17 -8.41 3.20 -3.92
CA PRO A 17 -8.32 1.77 -3.67
C PRO A 17 -6.90 1.25 -3.40
N GLY A 18 -6.02 2.08 -2.84
CA GLY A 18 -4.70 1.69 -2.40
C GLY A 18 -3.85 1.11 -3.54
N PRO A 19 -3.25 1.98 -4.36
CA PRO A 19 -2.43 1.57 -5.49
C PRO A 19 -1.10 0.98 -5.01
N PHE A 20 -0.79 1.10 -3.72
CA PHE A 20 0.47 0.60 -3.16
C PHE A 20 0.25 -0.16 -1.87
N PHE A 21 1.26 -0.95 -1.49
CA PHE A 21 1.31 -1.69 -0.25
C PHE A 21 2.73 -1.62 0.29
N CYS A 22 2.90 -1.79 1.61
CA CYS A 22 4.21 -1.72 2.25
C CYS A 22 4.39 -2.92 3.16
N ARG A 23 5.56 -3.56 3.06
CA ARG A 23 5.85 -4.81 3.73
C ARG A 23 7.14 -4.67 4.53
N ASP A 24 7.00 -4.21 5.77
CA ASP A 24 8.12 -4.08 6.70
C ASP A 24 7.73 -4.54 8.11
N GLN A 25 8.66 -4.40 9.06
CA GLN A 25 8.40 -4.75 10.46
C GLN A 25 7.43 -3.74 11.10
N VAL A 26 7.15 -2.63 10.40
CA VAL A 26 6.23 -1.60 10.89
C VAL A 26 5.17 -1.25 9.85
N CYS A 27 5.34 -1.70 8.60
CA CYS A 27 4.36 -1.48 7.55
C CYS A 27 3.72 -2.81 7.15
N PHE A 28 2.38 -2.85 7.13
CA PHE A 28 1.65 -4.05 6.76
C PHE A 28 0.24 -3.72 6.26
N LYS A 29 0.07 -2.52 5.68
CA LYS A 29 -1.23 -2.04 5.23
C LYS A 29 -1.15 -1.51 3.79
N TYR A 30 -2.30 -1.23 3.20
CA TYR A 30 -2.38 -0.61 1.88
C TYR A 30 -2.29 0.90 2.03
N PHE A 31 -1.73 1.56 1.01
CA PHE A 31 -1.52 3.00 1.02
C PHE A 31 -1.69 3.57 -0.38
N CYS A 32 -1.70 4.90 -0.45
CA CYS A 32 -1.69 5.67 -1.69
C CYS A 32 -0.50 6.61 -1.65
N ARG A 33 -0.22 7.33 -2.73
CA ARG A 33 1.00 8.12 -2.82
C ARG A 33 1.04 9.20 -1.73
N SER A 34 -0.12 9.69 -1.29
CA SER A 34 -0.19 10.76 -0.31
C SER A 34 0.18 10.27 1.07
N CYS A 35 -0.43 9.16 1.52
CA CYS A 35 -0.14 8.63 2.84
C CYS A 35 1.11 7.77 2.83
N TRP A 36 1.59 7.37 1.65
CA TRP A 36 2.88 6.71 1.54
C TRP A 36 3.96 7.68 2.03
N HIS A 37 3.83 8.96 1.69
CA HIS A 37 4.80 9.95 2.16
C HIS A 37 4.56 10.27 3.64
N TRP A 38 3.33 10.12 4.14
CA TRP A 38 3.08 10.34 5.56
C TRP A 38 3.75 9.26 6.42
N ARG A 39 4.15 8.15 5.81
CA ARG A 39 4.82 7.05 6.51
C ARG A 39 6.28 6.89 6.06
N HIS A 40 6.64 7.41 4.88
CA HIS A 40 7.95 7.15 4.31
C HIS A 40 8.72 8.42 3.92
N SER A 41 8.21 9.61 4.23
CA SER A 41 8.96 10.84 4.00
C SER A 41 10.06 10.98 5.05
N MET A 42 9.96 10.21 6.14
CA MET A 42 10.98 10.17 7.18
C MET A 42 12.16 9.31 6.70
N GLU A 43 13.36 9.60 7.22
CA GLU A 43 14.56 8.89 6.81
C GLU A 43 14.67 7.53 7.51
N GLY A 44 13.82 7.29 8.52
CA GLY A 44 13.88 6.06 9.29
C GLY A 44 13.30 4.86 8.54
N LEU A 45 12.45 5.11 7.53
CA LEU A 45 11.80 4.06 6.75
C LEU A 45 12.09 4.23 5.25
N ARG A 46 13.19 4.91 4.92
CA ARG A 46 13.56 5.21 3.54
C ARG A 46 13.96 3.94 2.77
N HIS A 47 13.97 2.79 3.45
CA HIS A 47 14.36 1.51 2.88
C HIS A 47 13.17 0.69 2.37
N HIS A 48 11.95 1.20 2.51
CA HIS A 48 10.76 0.51 2.05
C HIS A 48 10.62 0.66 0.53
N SER A 49 9.89 -0.26 -0.10
CA SER A 49 9.64 -0.25 -1.53
C SER A 49 8.18 -0.58 -1.80
N PRO A 50 7.61 -0.03 -2.87
CA PRO A 50 6.20 -0.20 -3.20
C PRO A 50 5.91 -1.64 -3.63
N LEU A 51 4.66 -2.06 -3.37
CA LEU A 51 4.16 -3.38 -3.72
C LEU A 51 2.75 -3.25 -4.28
N MET A 52 2.29 -4.26 -5.01
CA MET A 52 0.98 -4.24 -5.64
C MET A 52 0.32 -5.62 -5.55
N ARG A 53 -0.99 -5.65 -5.79
CA ARG A 53 -1.79 -6.86 -5.72
C ARG A 53 -1.70 -7.67 -7.02
N ASN A 54 -0.97 -7.16 -8.01
CA ASN A 54 -0.78 -7.83 -9.28
C ASN A 54 0.61 -7.49 -9.84
N GLN A 55 1.18 -8.41 -10.63
CA GLN A 55 2.49 -8.23 -11.25
C GLN A 55 2.59 -9.02 -12.56
N LYS A 56 3.62 -8.72 -13.35
CA LYS A 56 3.88 -9.43 -14.60
C LYS A 56 4.45 -10.81 -14.31
N ASN A 57 4.20 -11.76 -15.21
CA ASN A 57 4.69 -13.13 -15.10
C ASN A 57 5.09 -13.65 -16.47
N ARG A 58 6.01 -14.62 -16.52
CA ARG A 58 6.56 -15.14 -17.78
C ARG A 58 6.38 -16.65 -17.91
N ASP A 59 5.65 -17.29 -16.99
CA ASP A 59 5.45 -18.74 -17.02
C ASP A 59 4.42 -19.12 -18.09
N SER A 60 4.53 -20.35 -18.61
CA SER A 60 3.65 -20.84 -19.66
C SER A 60 3.31 -22.31 -19.44
N SER A 61 2.27 -22.80 -20.12
CA SER A 61 1.80 -24.17 -20.02
C SER A 61 1.48 -24.73 -21.39
ZN ZN B . -3.77 6.79 1.43
ZN ZN C . 6.51 1.10 4.94
N ILE A 1 -21.40 -14.35 2.71
CA ILE A 1 -20.13 -13.80 2.19
C ILE A 1 -20.37 -13.02 0.90
N ASP A 2 -19.38 -12.21 0.49
CA ASP A 2 -19.48 -11.40 -0.71
C ASP A 2 -18.11 -11.37 -1.42
N PRO A 3 -18.10 -11.16 -2.74
CA PRO A 3 -16.89 -11.09 -3.55
C PRO A 3 -16.15 -9.77 -3.35
N TYR A 4 -16.73 -8.84 -2.60
CA TYR A 4 -16.12 -7.53 -2.36
C TYR A 4 -15.11 -7.57 -1.23
N LEU A 5 -14.24 -6.55 -1.16
CA LEU A 5 -13.21 -6.44 -0.13
C LEU A 5 -12.97 -4.96 0.19
N GLU A 6 -12.58 -4.67 1.44
CA GLU A 6 -12.31 -3.32 1.89
C GLU A 6 -10.99 -3.22 2.64
N ASP A 7 -10.29 -4.34 2.81
CA ASP A 7 -9.01 -4.37 3.51
C ASP A 7 -7.87 -3.98 2.56
N SER A 8 -8.16 -3.88 1.26
CA SER A 8 -7.19 -3.52 0.25
C SER A 8 -7.21 -2.01 -0.02
N LEU A 9 -8.17 -1.29 0.59
CA LEU A 9 -8.30 0.14 0.46
C LEU A 9 -7.20 0.81 1.28
N CYS A 10 -6.83 2.05 0.93
CA CYS A 10 -5.82 2.78 1.68
C CYS A 10 -6.22 2.88 3.16
N HIS A 11 -5.25 2.69 4.06
CA HIS A 11 -5.53 2.60 5.49
C HIS A 11 -5.38 3.93 6.23
N ILE A 12 -4.97 5.01 5.55
CA ILE A 12 -4.77 6.29 6.21
C ILE A 12 -5.77 7.33 5.70
N CYS A 13 -6.26 7.16 4.47
CA CYS A 13 -7.15 8.12 3.86
C CYS A 13 -8.25 7.45 3.02
N SER A 14 -8.07 6.18 2.63
CA SER A 14 -9.07 5.40 1.89
C SER A 14 -9.70 6.17 0.72
N SER A 15 -8.95 7.09 0.11
CA SER A 15 -9.46 7.91 -0.97
C SER A 15 -9.34 7.22 -2.32
N GLN A 16 -8.48 6.20 -2.40
CA GLN A 16 -8.26 5.44 -3.61
C GLN A 16 -7.88 4.00 -3.25
N PRO A 17 -7.97 3.06 -4.21
CA PRO A 17 -7.82 1.62 -4.02
C PRO A 17 -6.49 1.15 -3.40
N GLY A 18 -5.64 2.05 -2.92
CA GLY A 18 -4.38 1.67 -2.29
C GLY A 18 -3.44 1.00 -3.30
N PRO A 19 -2.86 1.78 -4.21
CA PRO A 19 -2.01 1.27 -5.29
C PRO A 19 -0.65 0.82 -4.76
N PHE A 20 -0.34 1.09 -3.49
CA PHE A 20 0.94 0.74 -2.90
C PHE A 20 0.77 -0.10 -1.64
N PHE A 21 1.84 -0.84 -1.30
CA PHE A 21 1.90 -1.68 -0.11
C PHE A 21 3.36 -1.73 0.36
N CYS A 22 3.60 -2.06 1.63
CA CYS A 22 4.95 -2.10 2.17
C CYS A 22 5.19 -3.44 2.89
N ARG A 23 6.45 -3.82 3.08
CA ARG A 23 6.82 -5.15 3.55
C ARG A 23 7.23 -5.17 5.03
N ASP A 24 7.56 -4.04 5.63
CA ASP A 24 7.98 -4.00 7.02
C ASP A 24 6.78 -4.07 7.95
N GLN A 25 7.00 -4.57 9.18
CA GLN A 25 5.94 -4.77 10.16
C GLN A 25 5.44 -3.46 10.75
N VAL A 26 6.08 -2.33 10.42
CA VAL A 26 5.66 -1.02 10.93
C VAL A 26 4.69 -0.34 9.97
N CYS A 27 4.59 -0.85 8.74
CA CYS A 27 3.69 -0.30 7.73
C CYS A 27 3.16 -1.40 6.81
N PHE A 28 2.83 -2.56 7.39
CA PHE A 28 2.36 -3.72 6.64
C PHE A 28 0.90 -3.56 6.18
N LYS A 29 0.57 -2.41 5.60
CA LYS A 29 -0.77 -2.08 5.14
C LYS A 29 -0.71 -1.43 3.75
N TYR A 30 -1.88 -1.25 3.13
CA TYR A 30 -1.97 -0.60 1.82
C TYR A 30 -2.03 0.91 1.99
N PHE A 31 -1.48 1.63 1.00
CA PHE A 31 -1.41 3.08 1.02
C PHE A 31 -1.52 3.64 -0.39
N CYS A 32 -1.57 4.97 -0.49
CA CYS A 32 -1.58 5.72 -1.73
C CYS A 32 -0.45 6.75 -1.68
N ARG A 33 -0.27 7.52 -2.76
CA ARG A 33 0.88 8.42 -2.87
C ARG A 33 0.98 9.37 -1.68
N SER A 34 -0.16 9.90 -1.23
CA SER A 34 -0.19 10.90 -0.18
C SER A 34 0.27 10.33 1.16
N CYS A 35 -0.28 9.19 1.55
CA CYS A 35 0.00 8.62 2.86
C CYS A 35 1.22 7.71 2.83
N TRP A 36 1.67 7.30 1.64
CA TRP A 36 2.92 6.58 1.52
C TRP A 36 4.04 7.51 1.98
N HIS A 37 3.95 8.81 1.65
CA HIS A 37 4.94 9.77 2.09
C HIS A 37 4.74 10.09 3.57
N TRP A 38 3.50 10.02 4.07
CA TRP A 38 3.25 10.26 5.50
C TRP A 38 3.81 9.11 6.35
N ARG A 39 4.24 8.01 5.72
CA ARG A 39 4.84 6.89 6.45
C ARG A 39 6.24 6.53 5.95
N HIS A 40 6.74 7.21 4.92
CA HIS A 40 8.05 6.87 4.36
C HIS A 40 8.88 8.10 4.00
N SER A 41 8.37 9.32 4.23
CA SER A 41 9.16 10.53 4.01
C SER A 41 10.11 10.76 5.18
N MET A 42 9.87 10.07 6.31
CA MET A 42 10.73 10.13 7.47
C MET A 42 12.03 9.39 7.16
N GLU A 43 13.15 9.86 7.74
CA GLU A 43 14.46 9.30 7.45
C GLU A 43 14.62 7.87 7.97
N GLY A 44 13.67 7.40 8.80
CA GLY A 44 13.77 6.08 9.41
C GLY A 44 13.30 4.95 8.50
N LEU A 45 12.48 5.23 7.48
CA LEU A 45 11.88 4.20 6.65
C LEU A 45 12.12 4.41 5.15
N ARG A 46 13.16 5.19 4.79
CA ARG A 46 13.47 5.46 3.38
C ARG A 46 14.02 4.22 2.66
N HIS A 47 14.16 3.10 3.38
CA HIS A 47 14.67 1.85 2.81
C HIS A 47 13.54 0.99 2.25
N HIS A 48 12.28 1.44 2.37
CA HIS A 48 11.13 0.71 1.87
C HIS A 48 10.97 0.93 0.37
N SER A 49 10.22 0.02 -0.27
CA SER A 49 9.89 0.09 -1.68
C SER A 49 8.43 -0.32 -1.86
N PRO A 50 7.72 0.26 -2.84
CA PRO A 50 6.32 -0.01 -3.06
C PRO A 50 6.10 -1.41 -3.62
N LEU A 51 5.11 -2.12 -3.07
CA LEU A 51 4.66 -3.42 -3.53
C LEU A 51 3.28 -3.27 -4.19
N MET A 52 2.84 -4.31 -4.89
CA MET A 52 1.56 -4.31 -5.59
C MET A 52 0.89 -5.68 -5.48
N ARG A 53 -0.36 -5.77 -5.94
CA ARG A 53 -1.15 -6.99 -5.91
C ARG A 53 -1.81 -7.24 -7.27
N ASN A 54 -2.19 -8.49 -7.52
CA ASN A 54 -2.81 -8.90 -8.78
C ASN A 54 -3.73 -10.11 -8.54
N GLN A 55 -4.64 -10.36 -9.48
CA GLN A 55 -5.56 -11.49 -9.39
C GLN A 55 -4.85 -12.78 -9.81
N LYS A 56 -5.27 -13.92 -9.24
CA LYS A 56 -4.68 -15.21 -9.54
C LYS A 56 -5.15 -15.72 -10.91
N ASN A 57 -4.41 -16.68 -11.47
CA ASN A 57 -4.73 -17.30 -12.74
C ASN A 57 -4.53 -18.83 -12.67
N ARG A 58 -4.35 -19.36 -11.46
CA ARG A 58 -4.12 -20.78 -11.23
C ARG A 58 -4.91 -21.25 -10.01
N ASP A 59 -5.14 -22.55 -9.91
CA ASP A 59 -5.87 -23.16 -8.80
C ASP A 59 -4.92 -23.57 -7.67
N SER A 60 -3.62 -23.35 -7.86
CA SER A 60 -2.62 -23.69 -6.85
C SER A 60 -2.45 -22.55 -5.84
N SER A 61 -1.77 -22.84 -4.73
CA SER A 61 -1.53 -21.90 -3.64
C SER A 61 -2.82 -21.15 -3.24
ZN ZN B . -3.75 6.89 1.42
ZN ZN C . 6.93 0.78 4.70
N ILE A 1 -19.48 -12.62 5.25
CA ILE A 1 -18.04 -12.38 5.50
C ILE A 1 -17.23 -13.65 5.28
N ASP A 2 -15.92 -13.51 5.08
CA ASP A 2 -15.03 -14.63 4.86
C ASP A 2 -13.64 -14.31 5.43
N PRO A 3 -12.89 -15.29 5.96
CA PRO A 3 -11.56 -15.09 6.51
C PRO A 3 -10.54 -14.54 5.51
N TYR A 4 -10.90 -14.45 4.23
CA TYR A 4 -9.99 -13.93 3.20
C TYR A 4 -10.76 -13.02 2.24
N LEU A 5 -10.03 -12.15 1.53
CA LEU A 5 -10.60 -11.21 0.58
C LEU A 5 -9.62 -10.91 -0.55
N GLU A 6 -10.13 -10.36 -1.66
CA GLU A 6 -9.32 -10.04 -2.82
C GLU A 6 -9.36 -8.54 -3.15
N ASP A 7 -9.93 -7.74 -2.24
CA ASP A 7 -10.07 -6.31 -2.41
C ASP A 7 -9.20 -5.55 -1.40
N SER A 8 -8.89 -4.29 -1.69
CA SER A 8 -8.05 -3.45 -0.84
C SER A 8 -8.50 -2.00 -0.88
N LEU A 9 -8.07 -1.21 0.11
CA LEU A 9 -8.39 0.19 0.25
C LEU A 9 -7.24 0.88 0.99
N CYS A 10 -6.95 2.15 0.68
CA CYS A 10 -5.93 2.88 1.40
C CYS A 10 -6.32 2.92 2.88
N HIS A 11 -5.41 2.50 3.77
CA HIS A 11 -5.73 2.38 5.19
C HIS A 11 -5.53 3.69 5.95
N ILE A 12 -5.19 4.77 5.25
CA ILE A 12 -5.01 6.08 5.87
C ILE A 12 -5.93 7.10 5.22
N CYS A 13 -6.33 6.87 3.97
CA CYS A 13 -7.10 7.83 3.20
C CYS A 13 -8.43 7.24 2.76
N SER A 14 -8.43 5.93 2.44
CA SER A 14 -9.58 5.20 1.93
C SER A 14 -10.40 5.95 0.89
N SER A 15 -9.76 6.87 0.16
CA SER A 15 -10.38 7.62 -0.91
C SER A 15 -10.13 6.94 -2.26
N GLN A 16 -9.25 5.94 -2.27
CA GLN A 16 -8.93 5.15 -3.45
C GLN A 16 -8.47 3.76 -2.99
N PRO A 17 -8.52 2.76 -3.89
CA PRO A 17 -8.20 1.37 -3.59
C PRO A 17 -6.81 1.15 -3.00
N GLY A 18 -5.96 2.18 -3.00
CA GLY A 18 -4.58 2.08 -2.51
C GLY A 18 -3.72 1.36 -3.54
N PRO A 19 -3.10 2.10 -4.46
CA PRO A 19 -2.29 1.55 -5.54
C PRO A 19 -0.95 1.02 -5.01
N PHE A 20 -0.64 1.27 -3.74
CA PHE A 20 0.61 0.85 -3.13
C PHE A 20 0.38 0.05 -1.85
N PHE A 21 1.38 -0.73 -1.46
CA PHE A 21 1.40 -1.49 -0.23
C PHE A 21 2.85 -1.53 0.28
N CYS A 22 3.02 -1.62 1.60
CA CYS A 22 4.33 -1.66 2.22
C CYS A 22 4.50 -2.99 2.94
N ARG A 23 5.57 -3.73 2.62
CA ARG A 23 5.77 -5.09 3.10
C ARG A 23 6.62 -5.17 4.37
N ASP A 24 6.95 -4.03 4.97
CA ASP A 24 7.75 -4.00 6.18
C ASP A 24 6.88 -4.24 7.42
N GLN A 25 7.52 -4.66 8.51
CA GLN A 25 6.84 -5.06 9.73
C GLN A 25 6.27 -3.86 10.50
N VAL A 26 6.51 -2.65 10.01
CA VAL A 26 6.04 -1.43 10.67
C VAL A 26 4.99 -0.70 9.82
N CYS A 27 4.67 -1.25 8.65
CA CYS A 27 3.64 -0.70 7.79
C CYS A 27 2.55 -1.75 7.56
N PHE A 28 2.87 -2.80 6.81
CA PHE A 28 2.00 -3.94 6.54
C PHE A 28 0.58 -3.56 6.13
N LYS A 29 0.42 -2.43 5.42
CA LYS A 29 -0.90 -1.93 5.03
C LYS A 29 -0.86 -1.35 3.61
N TYR A 30 -2.04 -1.09 3.05
CA TYR A 30 -2.19 -0.45 1.75
C TYR A 30 -2.17 1.07 1.91
N PHE A 31 -1.68 1.77 0.89
CA PHE A 31 -1.52 3.21 0.92
C PHE A 31 -1.69 3.80 -0.47
N CYS A 32 -1.72 5.13 -0.52
CA CYS A 32 -1.76 5.93 -1.73
C CYS A 32 -0.57 6.90 -1.69
N ARG A 33 -0.37 7.71 -2.74
CA ARG A 33 0.81 8.56 -2.82
C ARG A 33 0.89 9.51 -1.62
N SER A 34 -0.27 9.98 -1.13
CA SER A 34 -0.32 10.94 -0.05
C SER A 34 0.18 10.33 1.26
N CYS A 35 -0.36 9.17 1.64
CA CYS A 35 -0.03 8.58 2.91
C CYS A 35 1.21 7.70 2.84
N TRP A 36 1.63 7.32 1.63
CA TRP A 36 2.91 6.63 1.46
C TRP A 36 4.02 7.57 1.90
N HIS A 37 3.91 8.87 1.59
CA HIS A 37 4.92 9.83 2.02
C HIS A 37 4.75 10.18 3.49
N TRP A 38 3.53 10.09 4.04
CA TRP A 38 3.34 10.36 5.46
C TRP A 38 3.95 9.26 6.32
N ARG A 39 4.32 8.11 5.73
CA ARG A 39 4.93 7.00 6.43
C ARG A 39 6.37 6.76 5.98
N HIS A 40 6.79 7.31 4.83
CA HIS A 40 8.09 7.00 4.26
C HIS A 40 8.91 8.23 3.87
N SER A 41 8.39 9.44 4.08
CA SER A 41 9.18 10.65 3.82
C SER A 41 10.15 10.88 4.98
N MET A 42 9.94 10.19 6.10
CA MET A 42 10.82 10.26 7.25
C MET A 42 12.11 9.48 6.96
N GLU A 43 13.21 9.88 7.61
CA GLU A 43 14.50 9.27 7.37
C GLU A 43 14.57 7.85 7.95
N GLY A 44 13.63 7.50 8.82
CA GLY A 44 13.64 6.21 9.50
C GLY A 44 13.12 5.07 8.62
N LEU A 45 12.22 5.36 7.67
CA LEU A 45 11.57 4.33 6.85
C LEU A 45 11.74 4.61 5.34
N ARG A 46 12.73 5.44 4.98
CA ARG A 46 12.97 5.79 3.57
C ARG A 46 13.50 4.61 2.76
N HIS A 47 13.67 3.45 3.40
CA HIS A 47 14.21 2.25 2.77
C HIS A 47 13.12 1.30 2.29
N HIS A 48 11.85 1.64 2.53
CA HIS A 48 10.72 0.82 2.09
C HIS A 48 10.52 0.98 0.59
N SER A 49 9.88 -0.01 -0.04
CA SER A 49 9.61 0.02 -1.47
C SER A 49 8.16 -0.42 -1.73
N PRO A 50 7.46 0.22 -2.69
CA PRO A 50 6.08 -0.10 -3.02
C PRO A 50 5.89 -1.55 -3.45
N LEU A 51 4.64 -2.03 -3.32
CA LEU A 51 4.23 -3.35 -3.75
C LEU A 51 2.80 -3.24 -4.28
N MET A 52 2.41 -4.10 -5.22
CA MET A 52 1.10 -4.01 -5.83
C MET A 52 0.00 -4.67 -4.99
N ARG A 53 0.34 -5.74 -4.26
CA ARG A 53 -0.62 -6.41 -3.40
C ARG A 53 0.08 -7.34 -2.42
N ASN A 54 -0.62 -7.71 -1.34
CA ASN A 54 -0.13 -8.63 -0.33
C ASN A 54 -0.74 -10.02 -0.49
N GLN A 55 -1.47 -10.24 -1.60
CA GLN A 55 -2.17 -11.47 -1.88
C GLN A 55 -1.23 -12.55 -2.41
N LYS A 56 0.06 -12.21 -2.58
CA LYS A 56 1.07 -13.13 -3.09
C LYS A 56 2.41 -12.81 -2.45
N ASN A 57 3.31 -13.80 -2.39
CA ASN A 57 4.64 -13.64 -1.83
C ASN A 57 5.65 -14.50 -2.59
N ARG A 58 6.94 -14.24 -2.37
CA ARG A 58 8.01 -15.00 -3.01
C ARG A 58 8.12 -16.38 -2.39
N ASP A 59 8.48 -17.37 -3.19
CA ASP A 59 8.66 -18.75 -2.73
C ASP A 59 9.84 -19.39 -3.47
N SER A 60 10.47 -20.39 -2.83
CA SER A 60 11.65 -21.06 -3.37
C SER A 60 11.60 -22.56 -3.14
N SER A 61 10.50 -23.09 -2.59
CA SER A 61 10.34 -24.51 -2.33
C SER A 61 10.08 -25.28 -3.62
ZN ZN B . -3.68 7.05 1.53
ZN ZN C . 6.53 1.09 5.06
N ILE A 1 -5.71 -13.44 -12.75
CA ILE A 1 -7.00 -12.71 -12.89
C ILE A 1 -8.03 -13.32 -11.95
N ASP A 2 -8.03 -12.84 -10.70
CA ASP A 2 -8.93 -13.33 -9.67
C ASP A 2 -9.40 -12.16 -8.79
N PRO A 3 -10.59 -12.26 -8.19
CA PRO A 3 -11.14 -11.22 -7.34
C PRO A 3 -10.36 -11.15 -6.01
N TYR A 4 -10.55 -10.05 -5.28
CA TYR A 4 -9.89 -9.84 -4.01
C TYR A 4 -10.82 -9.09 -3.05
N LEU A 5 -10.43 -9.02 -1.77
CA LEU A 5 -11.23 -8.38 -0.73
C LEU A 5 -11.27 -6.87 -0.92
N GLU A 6 -12.25 -6.22 -0.30
CA GLU A 6 -12.44 -4.78 -0.39
C GLU A 6 -11.48 -4.04 0.56
N ASP A 7 -10.76 -4.77 1.42
CA ASP A 7 -9.85 -4.17 2.38
C ASP A 7 -8.54 -3.71 1.72
N SER A 8 -8.46 -3.77 0.39
CA SER A 8 -7.28 -3.33 -0.35
C SER A 8 -7.22 -1.80 -0.43
N LEU A 9 -8.27 -1.11 0.02
CA LEU A 9 -8.35 0.34 0.02
C LEU A 9 -7.21 0.94 0.84
N CYS A 10 -6.85 2.19 0.57
CA CYS A 10 -5.85 2.89 1.37
C CYS A 10 -6.34 2.91 2.82
N HIS A 11 -5.50 2.50 3.77
CA HIS A 11 -5.89 2.39 5.16
C HIS A 11 -5.80 3.72 5.88
N ILE A 12 -5.41 4.79 5.18
CA ILE A 12 -5.28 6.11 5.76
C ILE A 12 -6.16 7.11 5.00
N CYS A 13 -6.53 6.79 3.75
CA CYS A 13 -7.24 7.71 2.89
C CYS A 13 -8.52 7.10 2.33
N SER A 14 -8.56 5.76 2.23
CA SER A 14 -9.72 4.98 1.78
C SER A 14 -10.49 5.60 0.62
N SER A 15 -9.77 6.20 -0.34
CA SER A 15 -10.37 6.82 -1.52
C SER A 15 -9.85 6.19 -2.81
N GLN A 16 -8.95 5.21 -2.69
CA GLN A 16 -8.33 4.52 -3.81
C GLN A 16 -8.01 3.08 -3.39
N PRO A 17 -7.91 2.15 -4.36
CA PRO A 17 -7.69 0.73 -4.13
C PRO A 17 -6.28 0.41 -3.61
N GLY A 18 -5.61 1.36 -2.97
CA GLY A 18 -4.30 1.15 -2.37
C GLY A 18 -3.25 0.84 -3.43
N PRO A 19 -2.79 1.85 -4.19
CA PRO A 19 -1.80 1.68 -5.22
C PRO A 19 -0.42 1.36 -4.64
N PHE A 20 -0.27 1.47 -3.31
CA PHE A 20 0.98 1.15 -2.64
C PHE A 20 0.75 0.26 -1.42
N PHE A 21 1.78 -0.52 -1.08
CA PHE A 21 1.79 -1.40 0.07
C PHE A 21 3.24 -1.57 0.53
N CYS A 22 3.46 -2.01 1.77
CA CYS A 22 4.80 -2.18 2.33
C CYS A 22 4.91 -3.50 3.07
N ARG A 23 6.12 -4.05 3.17
CA ARG A 23 6.34 -5.38 3.75
C ARG A 23 6.89 -5.35 5.16
N ASP A 24 7.17 -4.17 5.71
CA ASP A 24 7.70 -4.05 7.06
C ASP A 24 6.58 -4.08 8.09
N GLN A 25 6.92 -4.50 9.32
CA GLN A 25 5.96 -4.69 10.40
C GLN A 25 5.50 -3.36 10.99
N VAL A 26 6.06 -2.24 10.54
CA VAL A 26 5.70 -0.92 11.05
C VAL A 26 4.80 -0.16 10.08
N CYS A 27 4.61 -0.69 8.86
CA CYS A 27 3.79 -0.05 7.84
C CYS A 27 3.14 -1.11 6.94
N PHE A 28 2.76 -2.25 7.52
CA PHE A 28 2.18 -3.39 6.82
C PHE A 28 0.78 -3.12 6.26
N LYS A 29 0.42 -1.86 6.05
CA LYS A 29 -0.91 -1.47 5.60
C LYS A 29 -0.89 -1.00 4.15
N TYR A 30 -2.08 -0.92 3.53
CA TYR A 30 -2.21 -0.39 2.18
C TYR A 30 -2.23 1.14 2.24
N PHE A 31 -1.67 1.78 1.22
CA PHE A 31 -1.52 3.22 1.18
C PHE A 31 -1.73 3.76 -0.23
N CYS A 32 -1.80 5.09 -0.32
CA CYS A 32 -1.84 5.85 -1.55
C CYS A 32 -0.59 6.73 -1.59
N ARG A 33 -0.39 7.51 -2.65
CA ARG A 33 0.84 8.28 -2.79
C ARG A 33 1.02 9.28 -1.64
N SER A 34 -0.10 9.80 -1.11
CA SER A 34 -0.06 10.83 -0.09
C SER A 34 0.37 10.26 1.25
N CYS A 35 -0.28 9.18 1.69
CA CYS A 35 0.03 8.59 2.98
C CYS A 35 1.24 7.66 2.89
N TRP A 36 1.65 7.26 1.68
CA TRP A 36 2.91 6.54 1.52
C TRP A 36 4.04 7.45 1.99
N HIS A 37 3.98 8.74 1.64
CA HIS A 37 5.00 9.67 2.10
C HIS A 37 4.85 9.96 3.60
N TRP A 38 3.63 9.89 4.15
CA TRP A 38 3.44 10.09 5.57
C TRP A 38 4.03 8.95 6.39
N ARG A 39 4.39 7.84 5.74
CA ARG A 39 4.99 6.69 6.42
C ARG A 39 6.40 6.37 5.91
N HIS A 40 6.85 7.02 4.84
CA HIS A 40 8.15 6.69 4.24
C HIS A 40 8.96 7.91 3.81
N SER A 41 8.45 9.14 3.98
CA SER A 41 9.24 10.33 3.67
C SER A 41 10.18 10.64 4.83
N MET A 42 9.94 10.01 5.99
CA MET A 42 10.81 10.14 7.14
C MET A 42 12.12 9.39 6.92
N GLU A 43 13.20 9.85 7.55
CA GLU A 43 14.51 9.26 7.37
C GLU A 43 14.62 7.87 8.02
N GLY A 44 13.59 7.46 8.76
CA GLY A 44 13.61 6.18 9.45
C GLY A 44 13.17 5.03 8.56
N LEU A 45 12.27 5.27 7.60
CA LEU A 45 11.70 4.22 6.75
C LEU A 45 11.85 4.50 5.26
N ARG A 46 12.71 5.45 4.89
CA ARG A 46 12.94 5.80 3.48
C ARG A 46 13.67 4.68 2.72
N HIS A 47 13.96 3.57 3.40
CA HIS A 47 14.65 2.43 2.81
C HIS A 47 13.67 1.37 2.29
N HIS A 48 12.37 1.58 2.46
CA HIS A 48 11.35 0.65 2.01
C HIS A 48 11.15 0.75 0.50
N SER A 49 10.50 -0.26 -0.09
CA SER A 49 10.20 -0.30 -1.50
C SER A 49 8.70 -0.50 -1.68
N PRO A 50 8.11 0.07 -2.74
CA PRO A 50 6.67 0.02 -2.98
C PRO A 50 6.24 -1.35 -3.49
N LEU A 51 5.12 -1.84 -2.95
CA LEU A 51 4.45 -3.05 -3.40
C LEU A 51 3.06 -2.68 -3.88
N MET A 52 2.38 -3.60 -4.58
CA MET A 52 1.06 -3.34 -5.11
C MET A 52 0.23 -4.63 -5.16
N ARG A 53 -1.08 -4.48 -5.44
CA ARG A 53 -1.99 -5.61 -5.57
C ARG A 53 -1.52 -6.50 -6.72
N ASN A 54 -1.64 -7.83 -6.56
CA ASN A 54 -1.13 -8.78 -7.54
C ASN A 54 -2.24 -9.54 -8.28
N GLN A 55 -3.51 -9.26 -7.96
CA GLN A 55 -4.64 -9.89 -8.62
C GLN A 55 -5.79 -8.90 -8.78
N LYS A 56 -6.58 -9.07 -9.83
CA LYS A 56 -7.75 -8.26 -10.12
C LYS A 56 -8.75 -9.10 -10.91
N ASN A 57 -10.06 -8.80 -10.74
CA ASN A 57 -11.12 -9.54 -11.42
C ASN A 57 -11.15 -9.20 -12.92
N ARG A 58 -11.81 -10.05 -13.69
CA ARG A 58 -11.98 -9.85 -15.14
C ARG A 58 -13.04 -8.76 -15.37
N ASP A 59 -12.96 -8.10 -16.53
CA ASP A 59 -13.88 -7.05 -16.89
C ASP A 59 -14.12 -7.04 -18.41
N SER A 60 -15.26 -6.47 -18.82
CA SER A 60 -15.65 -6.36 -20.23
C SER A 60 -16.34 -5.03 -20.50
N SER A 61 -16.27 -4.10 -19.55
CA SER A 61 -16.89 -2.78 -19.65
C SER A 61 -16.23 -1.95 -20.75
ZN ZN B . -3.67 7.08 1.59
ZN ZN C . 7.07 0.60 4.79
N ILE A 1 -1.58 -13.29 -11.06
CA ILE A 1 -1.15 -14.13 -9.92
C ILE A 1 -2.24 -15.11 -9.51
N ASP A 2 -3.43 -14.60 -9.20
CA ASP A 2 -4.56 -15.42 -8.76
C ASP A 2 -5.75 -15.23 -9.70
N PRO A 3 -6.65 -16.22 -9.79
CA PRO A 3 -7.85 -16.16 -10.61
C PRO A 3 -8.91 -15.24 -10.00
N TYR A 4 -8.65 -14.71 -8.80
CA TYR A 4 -9.54 -13.79 -8.11
C TYR A 4 -8.72 -12.74 -7.37
N LEU A 5 -9.32 -11.58 -7.11
CA LEU A 5 -8.66 -10.48 -6.43
C LEU A 5 -9.67 -9.68 -5.62
N GLU A 6 -9.21 -9.10 -4.50
CA GLU A 6 -10.01 -8.26 -3.64
C GLU A 6 -9.13 -7.17 -3.05
N ASP A 7 -9.70 -5.97 -2.83
CA ASP A 7 -8.93 -4.83 -2.35
C ASP A 7 -9.80 -3.86 -1.55
N SER A 8 -9.15 -2.88 -0.92
CA SER A 8 -9.81 -1.83 -0.16
C SER A 8 -9.03 -0.52 -0.35
N LEU A 9 -9.60 0.60 0.09
CA LEU A 9 -8.98 1.90 -0.10
C LEU A 9 -7.75 2.06 0.81
N CYS A 10 -7.05 3.18 0.65
CA CYS A 10 -5.96 3.58 1.53
C CYS A 10 -6.43 3.55 2.99
N HIS A 11 -5.56 3.12 3.89
CA HIS A 11 -5.90 2.93 5.30
C HIS A 11 -5.83 4.21 6.12
N ILE A 12 -5.46 5.34 5.51
CA ILE A 12 -5.33 6.61 6.22
C ILE A 12 -6.30 7.66 5.67
N CYS A 13 -6.78 7.49 4.43
CA CYS A 13 -7.65 8.46 3.81
C CYS A 13 -8.85 7.83 3.11
N SER A 14 -8.78 6.52 2.82
CA SER A 14 -9.85 5.76 2.18
C SER A 14 -10.54 6.50 1.03
N SER A 15 -9.75 7.20 0.21
CA SER A 15 -10.23 7.97 -0.94
C SER A 15 -9.47 7.59 -2.21
N GLN A 16 -8.53 6.66 -2.10
CA GLN A 16 -7.74 6.16 -3.21
C GLN A 16 -7.66 4.63 -3.14
N PRO A 17 -7.38 3.96 -4.27
CA PRO A 17 -7.43 2.52 -4.41
C PRO A 17 -6.45 1.74 -3.53
N GLY A 18 -5.61 2.42 -2.74
CA GLY A 18 -4.58 1.76 -1.95
C GLY A 18 -3.60 1.00 -2.84
N PRO A 19 -3.06 1.66 -3.88
CA PRO A 19 -2.23 1.02 -4.90
C PRO A 19 -0.86 0.61 -4.39
N PHE A 20 -0.49 1.02 -3.18
CA PHE A 20 0.82 0.67 -2.60
C PHE A 20 0.67 -0.12 -1.31
N PHE A 21 1.69 -0.92 -1.01
CA PHE A 21 1.79 -1.70 0.22
C PHE A 21 3.27 -1.80 0.61
N CYS A 22 3.56 -1.98 1.90
CA CYS A 22 4.93 -2.02 2.38
C CYS A 22 5.19 -3.30 3.18
N ARG A 23 6.44 -3.77 3.20
CA ARG A 23 6.82 -5.05 3.75
C ARG A 23 7.26 -4.99 5.22
N ASP A 24 7.40 -3.79 5.79
CA ASP A 24 7.83 -3.65 7.18
C ASP A 24 6.62 -3.60 8.11
N GLN A 25 6.85 -3.94 9.38
CA GLN A 25 5.77 -4.03 10.37
C GLN A 25 5.26 -2.67 10.81
N VAL A 26 5.90 -1.58 10.36
CA VAL A 26 5.51 -0.23 10.75
C VAL A 26 4.62 0.42 9.70
N CYS A 27 4.49 -0.22 8.53
CA CYS A 27 3.63 0.24 7.46
C CYS A 27 3.06 -0.96 6.68
N PHE A 28 2.76 -2.04 7.40
CA PHE A 28 2.29 -3.30 6.83
C PHE A 28 0.84 -3.25 6.35
N LYS A 29 0.40 -2.10 5.83
CA LYS A 29 -0.96 -1.89 5.35
C LYS A 29 -0.94 -1.25 3.96
N TYR A 30 -2.10 -1.19 3.31
CA TYR A 30 -2.22 -0.56 2.00
C TYR A 30 -2.33 0.95 2.15
N PHE A 31 -1.72 1.68 1.21
CA PHE A 31 -1.69 3.13 1.23
C PHE A 31 -1.72 3.69 -0.19
N CYS A 32 -1.99 4.98 -0.30
CA CYS A 32 -1.93 5.73 -1.54
C CYS A 32 -0.65 6.58 -1.55
N ARG A 33 -0.39 7.30 -2.64
CA ARG A 33 0.83 8.09 -2.77
C ARG A 33 0.96 9.12 -1.66
N SER A 34 -0.18 9.64 -1.16
CA SER A 34 -0.17 10.64 -0.11
C SER A 34 0.25 10.03 1.21
N CYS A 35 -0.39 8.90 1.52
CA CYS A 35 -0.24 8.25 2.81
C CYS A 35 1.06 7.44 2.85
N TRP A 36 1.62 7.09 1.69
CA TRP A 36 2.92 6.48 1.62
C TRP A 36 3.96 7.48 2.07
N HIS A 37 3.83 8.74 1.65
CA HIS A 37 4.76 9.77 2.07
C HIS A 37 4.54 10.15 3.53
N TRP A 38 3.38 9.78 4.11
CA TRP A 38 3.12 10.01 5.52
C TRP A 38 3.65 8.87 6.39
N ARG A 39 4.01 7.73 5.78
CA ARG A 39 4.62 6.61 6.49
C ARG A 39 6.09 6.43 6.14
N HIS A 40 6.62 7.28 5.24
CA HIS A 40 8.00 7.17 4.80
C HIS A 40 8.68 8.53 4.72
N SER A 41 8.12 9.54 5.40
CA SER A 41 8.69 10.89 5.42
C SER A 41 10.01 10.91 6.18
N MET A 42 10.19 9.98 7.12
CA MET A 42 11.38 9.91 7.95
C MET A 42 12.51 9.19 7.20
N GLU A 43 13.75 9.54 7.54
CA GLU A 43 14.92 8.95 6.90
C GLU A 43 15.15 7.50 7.36
N GLY A 44 14.42 7.05 8.36
CA GLY A 44 14.59 5.72 8.93
C GLY A 44 13.88 4.63 8.13
N LEU A 45 12.98 4.99 7.21
CA LEU A 45 12.20 4.02 6.44
C LEU A 45 12.44 4.15 4.94
N ARG A 46 13.54 4.79 4.54
CA ARG A 46 13.87 5.00 3.14
C ARG A 46 14.36 3.72 2.45
N HIS A 47 14.42 2.62 3.20
CA HIS A 47 14.84 1.32 2.69
C HIS A 47 13.66 0.51 2.16
N HIS A 48 12.44 1.05 2.31
CA HIS A 48 11.22 0.38 1.87
C HIS A 48 11.05 0.45 0.36
N SER A 49 10.18 -0.41 -0.18
CA SER A 49 9.84 -0.45 -1.59
C SER A 49 8.37 -0.82 -1.74
N PRO A 50 7.72 -0.33 -2.81
CA PRO A 50 6.31 -0.55 -3.05
C PRO A 50 6.04 -2.02 -3.39
N LEU A 51 4.80 -2.46 -3.16
CA LEU A 51 4.37 -3.82 -3.42
C LEU A 51 2.91 -3.84 -3.84
N MET A 52 2.47 -4.92 -4.49
CA MET A 52 1.09 -5.06 -4.95
C MET A 52 0.61 -6.49 -4.69
N ARG A 53 -0.72 -6.66 -4.65
CA ARG A 53 -1.33 -7.97 -4.40
C ARG A 53 -1.43 -8.78 -5.68
N ASN A 54 -1.20 -8.16 -6.84
CA ASN A 54 -1.26 -8.82 -8.14
C ASN A 54 -0.20 -8.23 -9.07
N GLN A 55 0.10 -8.96 -10.15
CA GLN A 55 1.13 -8.55 -11.11
C GLN A 55 0.74 -9.06 -12.51
N LYS A 56 1.23 -8.38 -13.54
CA LYS A 56 0.97 -8.73 -14.93
C LYS A 56 2.26 -8.67 -15.76
N ASN A 57 2.22 -9.27 -16.95
CA ASN A 57 3.36 -9.31 -17.85
C ASN A 57 2.87 -9.29 -19.30
N ARG A 58 3.78 -9.04 -20.25
CA ARG A 58 3.46 -8.98 -21.67
C ARG A 58 4.54 -9.70 -22.48
N ASP A 59 4.22 -10.01 -23.74
CA ASP A 59 5.12 -10.69 -24.65
C ASP A 59 4.91 -10.21 -26.08
N SER A 60 5.94 -10.34 -26.92
CA SER A 60 5.88 -9.93 -28.32
C SER A 60 6.83 -10.76 -29.18
N SER A 61 6.65 -10.68 -30.50
CA SER A 61 7.46 -11.42 -31.46
C SER A 61 7.81 -10.53 -32.65
ZN ZN B . -4.19 7.50 1.61
ZN ZN C . 7.08 0.98 4.57
N ILE A 1 -14.14 8.91 -5.17
CA ILE A 1 -13.87 7.76 -4.27
C ILE A 1 -14.28 6.45 -4.92
N ASP A 2 -13.78 5.32 -4.39
CA ASP A 2 -14.10 4.01 -4.91
C ASP A 2 -14.12 2.98 -3.76
N PRO A 3 -15.22 2.97 -2.97
CA PRO A 3 -15.41 2.04 -1.88
C PRO A 3 -15.35 0.57 -2.33
N TYR A 4 -15.15 -0.35 -1.39
CA TYR A 4 -15.05 -1.78 -1.68
C TYR A 4 -15.78 -2.60 -0.61
N LEU A 5 -16.00 -3.88 -0.88
CA LEU A 5 -16.72 -4.77 0.00
C LEU A 5 -15.86 -5.29 1.15
N GLU A 6 -14.57 -4.95 1.14
CA GLU A 6 -13.62 -5.37 2.17
C GLU A 6 -12.75 -4.18 2.60
N ASP A 7 -12.01 -4.33 3.70
CA ASP A 7 -11.15 -3.30 4.25
C ASP A 7 -9.84 -3.17 3.46
N SER A 8 -9.90 -3.41 2.14
CA SER A 8 -8.74 -3.36 1.25
C SER A 8 -8.41 -1.93 0.82
N LEU A 9 -9.03 -0.94 1.46
CA LEU A 9 -8.79 0.46 1.15
C LEU A 9 -7.40 0.87 1.64
N CYS A 10 -6.98 2.08 1.25
CA CYS A 10 -5.80 2.73 1.80
C CYS A 10 -5.94 2.75 3.32
N HIS A 11 -4.86 2.41 4.04
CA HIS A 11 -4.91 2.26 5.49
C HIS A 11 -5.03 3.60 6.21
N ILE A 12 -4.87 4.72 5.48
CA ILE A 12 -4.90 6.05 6.07
C ILE A 12 -5.99 6.91 5.42
N CYS A 13 -6.32 6.61 4.17
CA CYS A 13 -7.24 7.44 3.40
C CYS A 13 -8.61 6.80 3.26
N SER A 14 -8.68 5.47 3.39
CA SER A 14 -9.92 4.69 3.35
C SER A 14 -10.96 5.23 2.37
N SER A 15 -10.54 5.51 1.13
CA SER A 15 -11.41 6.09 0.10
C SER A 15 -11.28 5.33 -1.21
N GLN A 16 -10.23 4.54 -1.38
CA GLN A 16 -10.01 3.72 -2.57
C GLN A 16 -9.06 2.58 -2.22
N PRO A 17 -9.07 1.49 -3.00
CA PRO A 17 -8.08 0.44 -2.88
C PRO A 17 -6.72 1.03 -3.27
N GLY A 18 -5.86 1.23 -2.27
CA GLY A 18 -4.55 1.83 -2.46
C GLY A 18 -3.76 1.15 -3.58
N PRO A 19 -3.11 1.94 -4.44
CA PRO A 19 -2.33 1.45 -5.56
C PRO A 19 -1.00 0.88 -5.11
N PHE A 20 -0.65 1.03 -3.83
CA PHE A 20 0.60 0.55 -3.28
C PHE A 20 0.37 -0.25 -2.00
N PHE A 21 1.33 -1.14 -1.69
CA PHE A 21 1.36 -1.88 -0.44
C PHE A 21 2.78 -1.86 0.09
N CYS A 22 2.95 -1.67 1.40
CA CYS A 22 4.27 -1.63 2.02
C CYS A 22 4.54 -2.99 2.66
N ARG A 23 5.57 -3.69 2.17
CA ARG A 23 5.87 -5.05 2.57
C ARG A 23 6.76 -5.15 3.79
N ASP A 24 7.06 -4.02 4.43
CA ASP A 24 7.86 -4.01 5.65
C ASP A 24 6.99 -4.27 6.87
N GLN A 25 7.60 -4.77 7.95
CA GLN A 25 6.88 -5.23 9.12
C GLN A 25 6.25 -4.08 9.92
N VAL A 26 6.72 -2.84 9.71
CA VAL A 26 6.17 -1.69 10.44
C VAL A 26 5.02 -1.04 9.67
N CYS A 27 4.78 -1.45 8.43
CA CYS A 27 3.70 -0.93 7.62
C CYS A 27 2.66 -2.02 7.37
N PHE A 28 3.06 -3.06 6.62
CA PHE A 28 2.27 -4.26 6.34
C PHE A 28 0.83 -3.99 5.86
N LYS A 29 0.56 -2.82 5.27
CA LYS A 29 -0.77 -2.45 4.83
C LYS A 29 -0.75 -1.72 3.50
N TYR A 30 -1.93 -1.46 2.93
CA TYR A 30 -2.10 -0.73 1.68
C TYR A 30 -2.05 0.77 1.93
N PHE A 31 -1.57 1.52 0.92
CA PHE A 31 -1.44 2.97 1.00
C PHE A 31 -1.57 3.58 -0.39
N CYS A 32 -1.59 4.91 -0.44
CA CYS A 32 -1.62 5.69 -1.65
C CYS A 32 -0.46 6.68 -1.61
N ARG A 33 -0.22 7.43 -2.69
CA ARG A 33 0.95 8.29 -2.79
C ARG A 33 1.01 9.31 -1.67
N SER A 34 -0.16 9.81 -1.22
CA SER A 34 -0.22 10.85 -0.22
C SER A 34 0.22 10.34 1.15
N CYS A 35 -0.31 9.19 1.57
CA CYS A 35 -0.03 8.68 2.90
C CYS A 35 1.21 7.79 2.91
N TRP A 36 1.66 7.34 1.74
CA TRP A 36 2.93 6.65 1.64
C TRP A 36 4.03 7.62 2.04
N HIS A 37 3.92 8.90 1.63
CA HIS A 37 4.90 9.89 2.02
C HIS A 37 4.73 10.26 3.50
N TRP A 38 3.51 10.21 4.03
CA TRP A 38 3.29 10.52 5.44
C TRP A 38 3.88 9.44 6.35
N ARG A 39 4.26 8.28 5.79
CA ARG A 39 4.87 7.20 6.57
C ARG A 39 6.28 6.86 6.10
N HIS A 40 6.78 7.49 5.04
CA HIS A 40 8.10 7.16 4.53
C HIS A 40 8.95 8.39 4.23
N SER A 41 8.48 9.61 4.53
CA SER A 41 9.30 10.80 4.39
C SER A 41 10.30 10.90 5.54
N MET A 42 10.09 10.12 6.60
CA MET A 42 11.02 10.07 7.73
C MET A 42 12.27 9.31 7.31
N GLU A 43 13.41 9.66 7.93
CA GLU A 43 14.70 9.08 7.56
C GLU A 43 14.81 7.61 8.00
N GLY A 44 13.96 7.18 8.93
CA GLY A 44 14.05 5.83 9.48
C GLY A 44 13.47 4.75 8.57
N LEU A 45 12.57 5.10 7.64
CA LEU A 45 11.89 4.13 6.79
C LEU A 45 12.16 4.36 5.30
N ARG A 46 13.29 5.00 4.97
CA ARG A 46 13.66 5.27 3.58
C ARG A 46 14.00 4.00 2.80
N HIS A 47 13.97 2.84 3.47
CA HIS A 47 14.36 1.57 2.88
C HIS A 47 13.16 0.75 2.38
N HIS A 48 11.94 1.26 2.56
CA HIS A 48 10.75 0.57 2.12
C HIS A 48 10.57 0.66 0.61
N SER A 49 9.80 -0.27 0.05
CA SER A 49 9.50 -0.31 -1.37
C SER A 49 8.09 -0.85 -1.59
N PRO A 50 7.40 -0.38 -2.64
CA PRO A 50 6.03 -0.75 -2.94
C PRO A 50 5.94 -2.19 -3.43
N LEU A 51 4.74 -2.77 -3.36
CA LEU A 51 4.45 -4.12 -3.80
C LEU A 51 3.08 -4.17 -4.45
N MET A 52 2.91 -5.03 -5.46
CA MET A 52 1.66 -5.17 -6.19
C MET A 52 1.20 -6.62 -6.25
N ARG A 53 1.85 -7.50 -5.47
CA ARG A 53 1.56 -8.93 -5.42
C ARG A 53 1.63 -9.61 -6.80
N ASN A 54 2.26 -8.94 -7.78
CA ASN A 54 2.42 -9.45 -9.12
C ASN A 54 3.70 -8.89 -9.75
N GLN A 55 4.14 -9.46 -10.88
CA GLN A 55 5.36 -9.04 -11.56
C GLN A 55 5.05 -8.32 -12.86
N LYS A 56 6.08 -7.74 -13.48
CA LYS A 56 5.95 -7.04 -14.76
C LYS A 56 6.41 -7.94 -15.91
N ASN A 57 7.08 -9.05 -15.59
CA ASN A 57 7.58 -10.00 -16.58
C ASN A 57 6.82 -11.33 -16.53
N ARG A 58 5.96 -11.49 -15.51
CA ARG A 58 5.16 -12.70 -15.32
C ARG A 58 3.78 -12.30 -14.80
N ASP A 59 2.83 -13.24 -14.85
CA ASP A 59 1.47 -12.99 -14.38
C ASP A 59 0.89 -14.27 -13.78
N SER A 60 -0.10 -14.11 -12.89
CA SER A 60 -0.75 -15.23 -12.24
C SER A 60 -2.18 -14.86 -11.85
N SER A 61 -3.01 -15.87 -11.61
CA SER A 61 -4.42 -15.71 -11.24
C SER A 61 -4.80 -16.71 -10.16
ZN ZN B . -3.64 6.86 1.56
ZN ZN C . 6.49 1.15 4.90
N ILE A 1 -13.35 -13.02 -12.80
CA ILE A 1 -13.07 -11.81 -13.59
C ILE A 1 -11.88 -11.05 -13.01
N ASP A 2 -12.02 -10.53 -11.79
CA ASP A 2 -10.97 -9.78 -11.11
C ASP A 2 -11.06 -10.01 -9.60
N PRO A 3 -9.93 -10.09 -8.89
CA PRO A 3 -9.90 -10.34 -7.45
C PRO A 3 -10.71 -9.31 -6.65
N TYR A 4 -11.20 -9.73 -5.48
CA TYR A 4 -11.98 -8.86 -4.61
C TYR A 4 -11.08 -7.98 -3.74
N LEU A 5 -9.76 -8.23 -3.77
CA LEU A 5 -8.80 -7.48 -2.98
C LEU A 5 -8.55 -6.11 -3.62
N GLU A 6 -8.97 -5.93 -4.88
CA GLU A 6 -8.81 -4.67 -5.59
C GLU A 6 -9.96 -3.72 -5.30
N ASP A 7 -10.96 -4.16 -4.51
CA ASP A 7 -12.11 -3.37 -4.17
C ASP A 7 -11.88 -2.57 -2.89
N SER A 8 -10.78 -2.84 -2.19
CA SER A 8 -10.43 -2.15 -0.96
C SER A 8 -9.75 -0.81 -1.27
N LEU A 9 -9.84 0.14 -0.34
CA LEU A 9 -9.25 1.44 -0.50
C LEU A 9 -7.98 1.58 0.35
N CYS A 10 -7.33 2.75 0.23
CA CYS A 10 -6.24 3.17 1.10
C CYS A 10 -6.77 3.15 2.54
N HIS A 11 -5.95 2.65 3.47
CA HIS A 11 -6.37 2.51 4.86
C HIS A 11 -6.32 3.83 5.63
N ILE A 12 -5.90 4.92 4.97
CA ILE A 12 -5.80 6.24 5.61
C ILE A 12 -6.62 7.26 4.84
N CYS A 13 -6.86 7.02 3.55
CA CYS A 13 -7.49 8.01 2.68
C CYS A 13 -8.85 7.55 2.18
N SER A 14 -9.08 6.23 2.14
CA SER A 14 -10.32 5.63 1.67
C SER A 14 -10.90 6.31 0.42
N SER A 15 -10.02 6.68 -0.51
CA SER A 15 -10.39 7.41 -1.71
C SER A 15 -9.73 6.82 -2.96
N GLN A 16 -8.71 5.98 -2.77
CA GLN A 16 -7.95 5.36 -3.85
C GLN A 16 -7.84 3.86 -3.58
N PRO A 17 -7.55 3.06 -4.61
CA PRO A 17 -7.49 1.60 -4.53
C PRO A 17 -6.40 1.04 -3.60
N GLY A 18 -5.71 1.90 -2.84
CA GLY A 18 -4.60 1.46 -2.00
C GLY A 18 -3.55 0.79 -2.86
N PRO A 19 -3.00 1.50 -3.86
CA PRO A 19 -2.15 0.91 -4.89
C PRO A 19 -0.77 0.51 -4.34
N PHE A 20 -0.45 0.92 -3.11
CA PHE A 20 0.86 0.64 -2.53
C PHE A 20 0.73 -0.15 -1.22
N PHE A 21 1.75 -0.94 -0.92
CA PHE A 21 1.83 -1.73 0.30
C PHE A 21 3.30 -1.86 0.70
N CYS A 22 3.57 -2.09 1.99
CA CYS A 22 4.93 -2.19 2.50
C CYS A 22 5.09 -3.43 3.38
N ARG A 23 6.35 -3.84 3.61
CA ARG A 23 6.64 -5.12 4.25
C ARG A 23 6.99 -4.99 5.74
N ASP A 24 7.32 -3.80 6.21
CA ASP A 24 7.69 -3.61 7.61
C ASP A 24 6.45 -3.49 8.50
N GLN A 25 6.60 -3.81 9.78
CA GLN A 25 5.49 -3.84 10.74
C GLN A 25 5.00 -2.42 11.08
N VAL A 26 5.66 -1.39 10.55
CA VAL A 26 5.32 -0.01 10.83
C VAL A 26 4.52 0.61 9.69
N CYS A 27 4.42 -0.11 8.57
CA CYS A 27 3.64 0.31 7.42
C CYS A 27 3.02 -0.91 6.70
N PHE A 28 2.69 -1.95 7.45
CA PHE A 28 2.14 -3.21 6.94
C PHE A 28 0.67 -3.08 6.52
N LYS A 29 0.30 -1.95 5.93
CA LYS A 29 -1.07 -1.66 5.51
C LYS A 29 -1.08 -1.11 4.08
N TYR A 30 -2.27 -1.06 3.47
CA TYR A 30 -2.40 -0.52 2.12
C TYR A 30 -2.51 1.01 2.17
N PHE A 31 -1.85 1.67 1.23
CA PHE A 31 -1.75 3.12 1.18
C PHE A 31 -1.79 3.63 -0.25
N CYS A 32 -1.90 4.95 -0.38
CA CYS A 32 -1.84 5.68 -1.63
C CYS A 32 -0.61 6.59 -1.57
N ARG A 33 -0.34 7.36 -2.64
CA ARG A 33 0.88 8.15 -2.71
C ARG A 33 0.98 9.16 -1.57
N SER A 34 -0.17 9.67 -1.09
CA SER A 34 -0.18 10.72 -0.10
C SER A 34 0.22 10.19 1.28
N CYS A 35 -0.41 9.09 1.71
CA CYS A 35 -0.14 8.51 3.02
C CYS A 35 1.08 7.60 2.99
N TRP A 36 1.53 7.18 1.81
CA TRP A 36 2.79 6.49 1.71
C TRP A 36 3.91 7.43 2.16
N HIS A 37 3.81 8.70 1.79
CA HIS A 37 4.79 9.68 2.22
C HIS A 37 4.60 9.99 3.71
N TRP A 38 3.38 9.85 4.24
CA TRP A 38 3.14 10.06 5.67
C TRP A 38 3.71 8.89 6.50
N ARG A 39 4.12 7.80 5.85
CA ARG A 39 4.75 6.66 6.54
C ARG A 39 6.20 6.46 6.10
N HIS A 40 6.70 7.24 5.15
CA HIS A 40 8.05 7.03 4.64
C HIS A 40 8.80 8.35 4.42
N SER A 41 8.30 9.46 4.96
CA SER A 41 8.98 10.75 4.87
C SER A 41 10.22 10.77 5.76
N MET A 42 10.22 9.94 6.81
CA MET A 42 11.33 9.86 7.74
C MET A 42 12.48 9.08 7.10
N GLU A 43 13.71 9.46 7.42
CA GLU A 43 14.89 8.85 6.82
C GLU A 43 15.12 7.42 7.30
N GLY A 44 14.37 6.98 8.32
CA GLY A 44 14.53 5.65 8.88
C GLY A 44 13.82 4.57 8.07
N LEU A 45 12.91 4.96 7.16
CA LEU A 45 12.12 4.00 6.38
C LEU A 45 12.28 4.18 4.88
N ARG A 46 13.27 4.96 4.42
CA ARG A 46 13.48 5.20 3.00
C ARG A 46 14.09 3.98 2.30
N HIS A 47 14.26 2.87 3.03
CA HIS A 47 14.79 1.63 2.49
C HIS A 47 13.66 0.73 1.97
N HIS A 48 12.40 1.15 2.16
CA HIS A 48 11.24 0.40 1.71
C HIS A 48 11.03 0.55 0.21
N SER A 49 10.26 -0.39 -0.37
CA SER A 49 9.87 -0.36 -1.77
C SER A 49 8.40 -0.78 -1.87
N PRO A 50 7.56 -0.05 -2.61
CA PRO A 50 6.15 -0.36 -2.73
C PRO A 50 5.89 -1.72 -3.37
N LEU A 51 4.87 -2.41 -2.88
CA LEU A 51 4.35 -3.63 -3.49
C LEU A 51 3.07 -3.27 -4.24
N MET A 52 2.75 -4.04 -5.29
CA MET A 52 1.65 -3.71 -6.19
C MET A 52 0.62 -4.83 -6.29
N ARG A 53 0.62 -5.76 -5.33
CA ARG A 53 -0.22 -6.96 -5.35
C ARG A 53 -0.08 -7.76 -6.65
N ASN A 54 1.02 -7.56 -7.37
CA ASN A 54 1.29 -8.23 -8.64
C ASN A 54 2.79 -8.43 -8.82
N GLN A 55 3.19 -9.32 -9.73
CA GLN A 55 4.59 -9.61 -9.98
C GLN A 55 4.83 -9.89 -11.47
N LYS A 56 6.12 -10.00 -11.85
CA LYS A 56 6.53 -10.24 -13.23
C LYS A 56 7.62 -11.31 -13.26
N ASN A 57 7.85 -11.90 -14.43
CA ASN A 57 8.88 -12.92 -14.60
C ASN A 57 10.26 -12.27 -14.72
N ARG A 58 11.32 -13.05 -14.50
CA ARG A 58 12.69 -12.56 -14.55
C ARG A 58 13.63 -13.65 -15.06
N ASP A 59 14.84 -13.25 -15.44
CA ASP A 59 15.86 -14.16 -15.96
C ASP A 59 17.25 -13.68 -15.56
N SER A 60 18.20 -14.61 -15.47
CA SER A 60 19.58 -14.31 -15.05
C SER A 60 20.60 -15.14 -15.83
N SER A 61 20.15 -15.96 -16.79
CA SER A 61 21.04 -16.80 -17.59
C SER A 61 20.48 -17.01 -18.99
ZN ZN B . -3.84 7.07 1.47
ZN ZN C . 7.11 0.84 4.62
N ILE A 1 -20.37 0.67 6.56
CA ILE A 1 -20.60 0.00 7.85
C ILE A 1 -19.29 -0.52 8.43
N ASP A 2 -18.66 -1.49 7.75
CA ASP A 2 -17.38 -2.04 8.18
C ASP A 2 -16.24 -1.11 7.81
N PRO A 3 -15.13 -1.14 8.57
CA PRO A 3 -13.96 -0.31 8.33
C PRO A 3 -13.22 -0.77 7.07
N TYR A 4 -12.40 0.13 6.51
CA TYR A 4 -11.64 -0.16 5.29
C TYR A 4 -10.42 -1.01 5.58
N LEU A 5 -10.13 -1.28 6.87
CA LEU A 5 -8.99 -2.08 7.28
C LEU A 5 -9.16 -3.54 6.83
N GLU A 6 -10.39 -3.91 6.44
CA GLU A 6 -10.70 -5.25 5.98
C GLU A 6 -10.87 -5.29 4.46
N ASP A 7 -10.41 -4.23 3.78
CA ASP A 7 -10.51 -4.13 2.32
C ASP A 7 -9.18 -3.63 1.76
N SER A 8 -9.04 -3.67 0.42
CA SER A 8 -7.80 -3.29 -0.25
C SER A 8 -7.70 -1.78 -0.46
N LEU A 9 -8.70 -1.01 -0.01
CA LEU A 9 -8.70 0.44 -0.11
C LEU A 9 -7.55 1.04 0.68
N CYS A 10 -7.18 2.28 0.39
CA CYS A 10 -6.19 2.99 1.19
C CYS A 10 -6.73 3.09 2.62
N HIS A 11 -5.93 2.68 3.60
CA HIS A 11 -6.38 2.61 4.99
C HIS A 11 -6.30 3.98 5.68
N ILE A 12 -5.92 5.02 4.94
CA ILE A 12 -5.81 6.38 5.48
C ILE A 12 -6.61 7.36 4.64
N CYS A 13 -6.84 7.03 3.35
CA CYS A 13 -7.46 7.94 2.41
C CYS A 13 -8.77 7.36 1.84
N SER A 14 -8.87 6.02 1.79
CA SER A 14 -10.03 5.29 1.34
C SER A 14 -10.74 5.88 0.12
N SER A 15 -9.97 6.39 -0.86
CA SER A 15 -10.51 6.94 -2.10
C SER A 15 -9.93 6.22 -3.32
N GLN A 16 -9.05 5.24 -3.09
CA GLN A 16 -8.39 4.48 -4.14
C GLN A 16 -8.15 3.05 -3.64
N PRO A 17 -8.03 2.08 -4.55
CA PRO A 17 -7.87 0.66 -4.26
C PRO A 17 -6.49 0.33 -3.69
N GLY A 18 -5.85 1.27 -2.98
CA GLY A 18 -4.57 1.05 -2.34
C GLY A 18 -3.51 0.67 -3.36
N PRO A 19 -3.03 1.64 -4.16
CA PRO A 19 -2.06 1.39 -5.21
C PRO A 19 -0.68 1.03 -4.65
N PHE A 20 -0.50 1.16 -3.33
CA PHE A 20 0.75 0.83 -2.68
C PHE A 20 0.53 0.05 -1.38
N PHE A 21 1.54 -0.76 -1.02
CA PHE A 21 1.59 -1.51 0.21
C PHE A 21 3.07 -1.70 0.57
N CYS A 22 3.37 -1.83 1.87
CA CYS A 22 4.74 -1.96 2.33
C CYS A 22 4.91 -3.27 3.10
N ARG A 23 6.06 -3.94 2.91
CA ARG A 23 6.32 -5.25 3.48
C ARG A 23 6.89 -5.19 4.89
N ASP A 24 7.14 -4.00 5.42
CA ASP A 24 7.68 -3.82 6.76
C ASP A 24 6.55 -3.77 7.80
N GLN A 25 6.87 -4.12 9.05
CA GLN A 25 5.89 -4.22 10.11
C GLN A 25 5.47 -2.87 10.69
N VAL A 26 6.03 -1.77 10.18
CA VAL A 26 5.69 -0.42 10.64
C VAL A 26 4.77 0.29 9.66
N CYS A 27 4.57 -0.30 8.47
CA CYS A 27 3.66 0.23 7.46
C CYS A 27 3.00 -0.92 6.69
N PHE A 28 2.69 -2.01 7.39
CA PHE A 28 2.11 -3.23 6.83
C PHE A 28 0.65 -3.08 6.45
N LYS A 29 0.27 -1.95 5.85
CA LYS A 29 -1.11 -1.64 5.49
C LYS A 29 -1.17 -1.06 4.08
N TYR A 30 -2.38 -1.02 3.50
CA TYR A 30 -2.57 -0.48 2.16
C TYR A 30 -2.62 1.05 2.23
N PHE A 31 -1.99 1.69 1.25
CA PHE A 31 -1.87 3.13 1.20
C PHE A 31 -1.92 3.63 -0.24
N CYS A 32 -1.93 4.96 -0.39
CA CYS A 32 -1.86 5.66 -1.66
C CYS A 32 -0.60 6.52 -1.63
N ARG A 33 -0.33 7.29 -2.69
CA ARG A 33 0.91 8.05 -2.77
C ARG A 33 1.01 9.09 -1.64
N SER A 34 -0.13 9.56 -1.13
CA SER A 34 -0.14 10.62 -0.12
C SER A 34 0.25 10.07 1.24
N CYS A 35 -0.41 9.01 1.69
CA CYS A 35 -0.15 8.43 2.99
C CYS A 35 1.08 7.51 2.96
N TRP A 36 1.54 7.12 1.76
CA TRP A 36 2.83 6.43 1.65
C TRP A 36 3.93 7.40 2.08
N HIS A 37 3.84 8.67 1.65
CA HIS A 37 4.83 9.65 2.05
C HIS A 37 4.66 10.02 3.52
N TRP A 38 3.50 9.76 4.12
CA TRP A 38 3.31 10.00 5.54
C TRP A 38 3.86 8.85 6.40
N ARG A 39 4.16 7.70 5.79
CA ARG A 39 4.79 6.57 6.48
C ARG A 39 6.26 6.44 6.12
N HIS A 40 6.74 7.24 5.17
CA HIS A 40 8.11 7.16 4.70
C HIS A 40 8.75 8.54 4.58
N SER A 41 8.21 9.53 5.31
CA SER A 41 8.75 10.88 5.34
C SER A 41 10.10 10.95 6.05
N MET A 42 10.36 9.97 6.92
CA MET A 42 11.62 9.89 7.66
C MET A 42 12.60 8.99 6.90
N GLU A 43 13.88 9.38 6.87
CA GLU A 43 14.91 8.65 6.15
C GLU A 43 15.14 7.26 6.75
N GLY A 44 14.55 6.99 7.92
CA GLY A 44 14.69 5.71 8.58
C GLY A 44 13.88 4.59 7.92
N LEU A 45 12.91 4.94 7.06
CA LEU A 45 12.08 3.96 6.38
C LEU A 45 12.13 4.10 4.85
N ARG A 46 13.01 4.94 4.31
CA ARG A 46 13.11 5.12 2.87
C ARG A 46 13.86 3.97 2.19
N HIS A 47 14.17 2.93 2.96
CA HIS A 47 14.78 1.71 2.45
C HIS A 47 13.70 0.71 2.02
N HIS A 48 12.42 1.06 2.21
CA HIS A 48 11.30 0.23 1.84
C HIS A 48 11.09 0.24 0.32
N SER A 49 10.24 -0.66 -0.17
CA SER A 49 9.90 -0.75 -1.58
C SER A 49 8.40 -0.95 -1.75
N PRO A 50 7.82 -0.43 -2.83
CA PRO A 50 6.39 -0.49 -3.09
C PRO A 50 5.94 -1.89 -3.48
N LEU A 51 4.63 -2.14 -3.38
CA LEU A 51 4.00 -3.40 -3.75
C LEU A 51 2.62 -3.10 -4.34
N MET A 52 2.16 -3.96 -5.25
CA MET A 52 0.90 -3.72 -5.97
C MET A 52 0.03 -4.98 -6.06
N ARG A 53 0.19 -5.90 -5.10
CA ARG A 53 -0.51 -7.18 -5.06
C ARG A 53 -0.31 -8.00 -6.34
N ASN A 54 0.70 -7.64 -7.14
CA ASN A 54 0.99 -8.32 -8.40
C ASN A 54 2.47 -8.13 -8.74
N GLN A 55 2.98 -8.98 -9.62
CA GLN A 55 4.36 -8.92 -10.09
C GLN A 55 4.40 -9.09 -11.61
N LYS A 56 5.42 -8.52 -12.25
CA LYS A 56 5.55 -8.55 -13.71
C LYS A 56 7.00 -8.82 -14.10
N ASN A 57 7.21 -9.26 -15.35
CA ASN A 57 8.52 -9.57 -15.88
C ASN A 57 8.57 -9.25 -17.38
N ARG A 58 9.78 -9.01 -17.91
CA ARG A 58 10.00 -8.71 -19.32
C ARG A 58 11.27 -9.40 -19.82
N ASP A 59 12.02 -10.03 -18.92
CA ASP A 59 13.28 -10.71 -19.22
C ASP A 59 14.28 -9.79 -19.95
N SER A 60 14.12 -8.47 -19.80
CA SER A 60 14.98 -7.49 -20.45
C SER A 60 16.22 -7.17 -19.61
N SER A 61 16.35 -7.80 -18.43
CA SER A 61 17.46 -7.59 -17.52
C SER A 61 17.93 -8.92 -16.92
ZN ZN B . -3.88 7.09 1.32
ZN ZN C . 7.12 0.91 4.53
N ILE A 1 -19.15 -16.77 -0.60
CA ILE A 1 -18.46 -15.57 -0.09
C ILE A 1 -18.08 -15.76 1.37
N ASP A 2 -16.98 -15.12 1.80
CA ASP A 2 -16.50 -15.21 3.18
C ASP A 2 -15.82 -13.90 3.57
N PRO A 3 -15.82 -13.56 4.87
CA PRO A 3 -15.23 -12.34 5.40
C PRO A 3 -13.70 -12.42 5.41
N TYR A 4 -13.05 -11.27 5.65
CA TYR A 4 -11.60 -11.17 5.70
C TYR A 4 -11.15 -10.44 6.97
N LEU A 5 -9.87 -10.63 7.33
CA LEU A 5 -9.28 -10.01 8.52
C LEU A 5 -8.56 -8.70 8.16
N GLU A 6 -8.46 -8.39 6.87
CA GLU A 6 -7.81 -7.19 6.38
C GLU A 6 -8.54 -6.66 5.15
N ASP A 7 -8.40 -5.36 4.88
CA ASP A 7 -9.10 -4.70 3.78
C ASP A 7 -8.12 -4.22 2.71
N SER A 8 -8.63 -3.96 1.51
CA SER A 8 -7.82 -3.52 0.37
C SER A 8 -7.85 -2.00 0.23
N LEU A 9 -8.52 -1.30 1.16
CA LEU A 9 -8.63 0.14 1.15
C LEU A 9 -7.38 0.76 1.77
N CYS A 10 -7.06 2.02 1.42
CA CYS A 10 -5.89 2.68 1.98
C CYS A 10 -6.00 2.74 3.51
N HIS A 11 -4.86 2.64 4.20
CA HIS A 11 -4.84 2.46 5.65
C HIS A 11 -4.76 3.77 6.44
N ILE A 12 -4.45 4.90 5.79
CA ILE A 12 -4.29 6.17 6.50
C ILE A 12 -5.36 7.18 6.11
N CYS A 13 -5.90 7.06 4.90
CA CYS A 13 -6.87 8.02 4.39
C CYS A 13 -8.11 7.32 3.83
N SER A 14 -8.00 6.04 3.45
CA SER A 14 -9.10 5.25 2.89
C SER A 14 -9.90 5.99 1.82
N SER A 15 -9.29 6.97 1.14
CA SER A 15 -9.96 7.73 0.10
C SER A 15 -9.92 7.00 -1.24
N GLN A 16 -9.11 5.93 -1.34
CA GLN A 16 -9.01 5.12 -2.54
C GLN A 16 -8.46 3.74 -2.19
N PRO A 17 -8.70 2.74 -3.04
CA PRO A 17 -8.07 1.44 -2.90
C PRO A 17 -6.58 1.63 -3.21
N GLY A 18 -5.76 1.58 -2.17
CA GLY A 18 -4.32 1.83 -2.30
C GLY A 18 -3.69 1.00 -3.42
N PRO A 19 -3.09 1.66 -4.42
CA PRO A 19 -2.43 1.00 -5.54
C PRO A 19 -1.07 0.44 -5.13
N PHE A 20 -0.61 0.75 -3.91
CA PHE A 20 0.69 0.29 -3.42
C PHE A 20 0.55 -0.42 -2.08
N PHE A 21 1.56 -1.23 -1.75
CA PHE A 21 1.66 -1.95 -0.50
C PHE A 21 3.10 -1.87 -0.01
N CYS A 22 3.30 -1.97 1.30
CA CYS A 22 4.63 -1.88 1.91
C CYS A 22 4.83 -3.05 2.87
N ARG A 23 5.98 -3.71 2.75
CA ARG A 23 6.28 -4.92 3.49
C ARG A 23 7.33 -4.66 4.58
N ASP A 24 6.88 -4.14 5.71
CA ASP A 24 7.74 -3.92 6.88
C ASP A 24 7.03 -4.34 8.16
N GLN A 25 7.75 -4.30 9.28
CA GLN A 25 7.23 -4.66 10.59
C GLN A 25 6.27 -3.57 11.11
N VAL A 26 6.25 -2.40 10.47
CA VAL A 26 5.39 -1.29 10.85
C VAL A 26 4.45 -0.88 9.73
N CYS A 27 4.72 -1.34 8.50
CA CYS A 27 3.83 -1.10 7.37
C CYS A 27 2.82 -2.24 7.25
N PHE A 28 3.10 -3.20 6.36
CA PHE A 28 2.27 -4.38 6.13
C PHE A 28 0.82 -4.03 5.81
N LYS A 29 0.59 -2.89 5.14
CA LYS A 29 -0.73 -2.42 4.78
C LYS A 29 -0.70 -1.75 3.40
N TYR A 30 -1.89 -1.48 2.86
CA TYR A 30 -2.03 -0.78 1.59
C TYR A 30 -1.99 0.73 1.82
N PHE A 31 -1.49 1.47 0.83
CA PHE A 31 -1.37 2.92 0.90
C PHE A 31 -1.54 3.54 -0.47
N CYS A 32 -1.65 4.87 -0.50
CA CYS A 32 -1.70 5.66 -1.72
C CYS A 32 -0.55 6.65 -1.71
N ARG A 33 -0.35 7.38 -2.82
CA ARG A 33 0.83 8.22 -2.98
C ARG A 33 0.96 9.25 -1.86
N SER A 34 -0.17 9.80 -1.40
CA SER A 34 -0.18 10.86 -0.41
C SER A 34 0.27 10.35 0.96
N CYS A 35 -0.35 9.26 1.43
CA CYS A 35 -0.07 8.77 2.77
C CYS A 35 1.17 7.87 2.78
N TRP A 36 1.62 7.42 1.61
CA TRP A 36 2.91 6.74 1.54
C TRP A 36 4.00 7.71 1.95
N HIS A 37 3.90 8.97 1.50
CA HIS A 37 4.90 9.97 1.85
C HIS A 37 4.73 10.42 3.30
N TRP A 38 3.53 10.27 3.88
CA TRP A 38 3.34 10.59 5.29
C TRP A 38 3.94 9.54 6.22
N ARG A 39 4.20 8.32 5.69
CA ARG A 39 4.73 7.23 6.48
C ARG A 39 6.14 6.83 6.06
N HIS A 40 6.70 7.48 5.03
CA HIS A 40 8.03 7.14 4.53
C HIS A 40 8.90 8.37 4.33
N SER A 41 8.46 9.55 4.78
CA SER A 41 9.27 10.75 4.73
C SER A 41 10.33 10.73 5.83
N MET A 42 10.08 9.95 6.89
CA MET A 42 11.00 9.80 8.01
C MET A 42 12.19 8.95 7.59
N GLU A 43 13.38 9.29 8.07
CA GLU A 43 14.62 8.66 7.63
C GLU A 43 14.68 7.19 8.06
N GLY A 44 13.84 6.78 9.02
CA GLY A 44 13.85 5.43 9.54
C GLY A 44 13.22 4.41 8.59
N LEU A 45 12.40 4.86 7.63
CA LEU A 45 11.67 3.96 6.74
C LEU A 45 11.94 4.24 5.26
N ARG A 46 13.00 4.98 4.92
CA ARG A 46 13.31 5.29 3.52
C ARG A 46 13.85 4.08 2.77
N HIS A 47 13.94 2.92 3.45
CA HIS A 47 14.40 1.68 2.84
C HIS A 47 13.25 0.91 2.20
N HIS A 48 12.01 1.41 2.33
CA HIS A 48 10.84 0.75 1.76
C HIS A 48 10.74 1.04 0.26
N SER A 49 10.00 0.19 -0.44
CA SER A 49 9.75 0.32 -1.87
C SER A 49 8.34 -0.17 -2.17
N PRO A 50 7.70 0.37 -3.22
CA PRO A 50 6.34 0.03 -3.59
C PRO A 50 6.24 -1.42 -4.05
N LEU A 51 5.06 -2.00 -3.89
CA LEU A 51 4.80 -3.40 -4.24
C LEU A 51 3.44 -3.50 -4.94
N MET A 52 3.27 -4.50 -5.80
CA MET A 52 2.05 -4.69 -6.56
C MET A 52 1.33 -5.97 -6.12
N ARG A 53 0.02 -6.04 -6.41
CA ARG A 53 -0.82 -7.18 -6.05
C ARG A 53 -1.04 -8.10 -7.25
N ASN A 54 -0.70 -7.62 -8.45
CA ASN A 54 -0.86 -8.38 -9.69
C ASN A 54 0.24 -7.99 -10.68
N GLN A 55 0.53 -8.87 -11.63
CA GLN A 55 1.57 -8.64 -12.63
C GLN A 55 1.19 -9.27 -13.98
N LYS A 56 -0.04 -9.80 -14.09
CA LYS A 56 -0.51 -10.46 -15.31
C LYS A 56 -1.98 -10.14 -15.56
N ASN A 57 -2.40 -10.19 -16.83
CA ASN A 57 -3.79 -9.97 -17.21
C ASN A 57 -4.66 -11.16 -16.78
N ARG A 58 -5.98 -10.94 -16.74
CA ARG A 58 -6.95 -11.97 -16.37
C ARG A 58 -8.26 -11.74 -17.09
N ASP A 59 -9.15 -12.73 -17.01
CA ASP A 59 -10.48 -12.66 -17.62
C ASP A 59 -11.40 -11.81 -16.74
N SER A 60 -12.47 -11.27 -17.35
CA SER A 60 -13.43 -10.40 -16.69
C SER A 60 -12.76 -9.16 -16.07
N SER A 61 -13.55 -8.34 -15.37
CA SER A 61 -13.09 -7.11 -14.75
C SER A 61 -13.63 -6.99 -13.33
ZN ZN B . -3.72 6.74 1.49
ZN ZN C . 6.60 1.10 4.61
N ILE A 1 -23.67 1.18 -11.84
CA ILE A 1 -22.45 0.40 -12.17
C ILE A 1 -21.93 -0.30 -10.92
N ASP A 2 -21.23 -1.43 -11.10
CA ASP A 2 -20.66 -2.19 -10.00
C ASP A 2 -19.45 -1.46 -9.40
N PRO A 3 -19.17 -1.69 -8.11
CA PRO A 3 -18.03 -1.10 -7.42
C PRO A 3 -16.71 -1.73 -7.89
N TYR A 4 -15.60 -1.07 -7.59
CA TYR A 4 -14.27 -1.52 -7.96
C TYR A 4 -13.33 -1.48 -6.75
N LEU A 5 -13.88 -1.29 -5.54
CA LEU A 5 -13.09 -1.23 -4.32
C LEU A 5 -12.71 -2.63 -3.86
N GLU A 6 -11.72 -2.72 -2.97
CA GLU A 6 -11.21 -3.97 -2.43
C GLU A 6 -10.93 -3.83 -0.94
N ASP A 7 -10.67 -4.94 -0.26
CA ASP A 7 -10.31 -4.94 1.15
C ASP A 7 -8.93 -4.34 1.37
N SER A 8 -8.21 -4.07 0.27
CA SER A 8 -6.88 -3.47 0.28
C SER A 8 -6.97 -1.94 0.22
N LEU A 9 -8.10 -1.37 0.63
CA LEU A 9 -8.29 0.07 0.66
C LEU A 9 -7.18 0.73 1.47
N CYS A 10 -6.80 1.96 1.08
CA CYS A 10 -5.79 2.71 1.80
C CYS A 10 -6.20 2.81 3.26
N HIS A 11 -5.29 2.48 4.18
CA HIS A 11 -5.60 2.46 5.60
C HIS A 11 -5.58 3.85 6.23
N ILE A 12 -5.31 4.88 5.44
CA ILE A 12 -5.28 6.27 5.91
C ILE A 12 -6.24 7.13 5.11
N CYS A 13 -6.57 6.72 3.88
CA CYS A 13 -7.37 7.52 2.97
C CYS A 13 -8.67 6.79 2.58
N SER A 14 -8.64 5.45 2.60
CA SER A 14 -9.77 4.57 2.32
C SER A 14 -10.69 5.06 1.21
N SER A 15 -10.13 5.64 0.14
CA SER A 15 -10.91 6.12 -0.99
C SER A 15 -10.67 5.26 -2.24
N GLN A 16 -9.65 4.40 -2.20
CA GLN A 16 -9.33 3.51 -3.30
C GLN A 16 -8.48 2.35 -2.80
N PRO A 17 -8.41 1.25 -3.57
CA PRO A 17 -7.47 0.17 -3.33
C PRO A 17 -6.06 0.76 -3.37
N GLY A 18 -5.42 0.87 -2.21
CA GLY A 18 -4.10 1.45 -2.08
C GLY A 18 -3.10 0.81 -3.06
N PRO A 19 -2.48 1.60 -3.94
CA PRO A 19 -1.53 1.13 -4.93
C PRO A 19 -0.19 0.78 -4.32
N PHE A 20 0.03 1.06 -3.03
CA PHE A 20 1.30 0.79 -2.38
C PHE A 20 1.12 -0.03 -1.10
N PHE A 21 2.10 -0.87 -0.79
CA PHE A 21 2.14 -1.71 0.40
C PHE A 21 3.59 -2.03 0.75
N CYS A 22 3.87 -2.27 2.04
CA CYS A 22 5.21 -2.65 2.51
C CYS A 22 5.18 -4.05 3.12
N ARG A 23 6.24 -4.83 2.88
CA ARG A 23 6.38 -6.14 3.51
C ARG A 23 6.97 -6.01 4.91
N ASP A 24 7.33 -4.79 5.31
CA ASP A 24 7.86 -4.51 6.64
C ASP A 24 6.74 -4.52 7.67
N GLN A 25 7.08 -4.82 8.93
CA GLN A 25 6.10 -4.98 9.99
C GLN A 25 5.62 -3.63 10.55
N VAL A 26 6.36 -2.54 10.28
CA VAL A 26 6.03 -1.23 10.81
C VAL A 26 4.99 -0.50 9.96
N CYS A 27 4.76 -0.99 8.73
CA CYS A 27 3.78 -0.41 7.82
C CYS A 27 3.17 -1.49 6.94
N PHE A 28 2.82 -2.63 7.55
CA PHE A 28 2.26 -3.80 6.90
C PHE A 28 0.80 -3.56 6.46
N LYS A 29 0.51 -2.37 5.94
CA LYS A 29 -0.82 -1.96 5.52
C LYS A 29 -0.77 -1.34 4.14
N TYR A 30 -1.94 -1.12 3.52
CA TYR A 30 -2.03 -0.50 2.21
C TYR A 30 -2.07 1.01 2.33
N PHE A 31 -1.48 1.69 1.34
CA PHE A 31 -1.40 3.14 1.31
C PHE A 31 -1.48 3.66 -0.11
N CYS A 32 -1.56 4.98 -0.25
CA CYS A 32 -1.58 5.69 -1.52
C CYS A 32 -0.47 6.74 -1.50
N ARG A 33 -0.30 7.50 -2.58
CA ARG A 33 0.84 8.41 -2.71
C ARG A 33 0.91 9.40 -1.55
N SER A 34 -0.23 9.89 -1.08
CA SER A 34 -0.28 10.90 -0.03
C SER A 34 0.20 10.35 1.31
N CYS A 35 -0.34 9.20 1.72
CA CYS A 35 -0.04 8.64 3.03
C CYS A 35 1.20 7.75 2.98
N TRP A 36 1.64 7.34 1.80
CA TRP A 36 2.92 6.65 1.67
C TRP A 36 4.02 7.60 2.11
N HIS A 37 3.93 8.89 1.75
CA HIS A 37 4.93 9.85 2.18
C HIS A 37 4.73 10.21 3.65
N TRP A 38 3.49 10.11 4.17
CA TRP A 38 3.26 10.35 5.60
C TRP A 38 3.80 9.20 6.45
N ARG A 39 4.24 8.10 5.82
CA ARG A 39 4.83 6.96 6.52
C ARG A 39 6.23 6.61 6.03
N HIS A 40 6.74 7.31 5.02
CA HIS A 40 8.05 6.99 4.47
C HIS A 40 8.89 8.23 4.13
N SER A 41 8.39 9.43 4.40
CA SER A 41 9.19 10.64 4.20
C SER A 41 10.24 10.76 5.31
N MET A 42 10.00 10.11 6.44
CA MET A 42 10.95 10.06 7.54
C MET A 42 12.16 9.23 7.11
N GLU A 43 13.36 9.61 7.56
CA GLU A 43 14.59 8.97 7.14
C GLU A 43 14.74 7.55 7.70
N GLY A 44 13.84 7.14 8.59
CA GLY A 44 13.91 5.83 9.22
C GLY A 44 13.36 4.71 8.36
N LEU A 45 12.48 5.02 7.39
CA LEU A 45 11.80 3.99 6.59
C LEU A 45 12.03 4.17 5.09
N ARG A 46 13.06 4.92 4.68
CA ARG A 46 13.34 5.13 3.25
C ARG A 46 13.93 3.87 2.60
N HIS A 47 14.07 2.79 3.36
CA HIS A 47 14.64 1.54 2.88
C HIS A 47 13.55 0.58 2.38
N HIS A 48 12.28 0.99 2.46
CA HIS A 48 11.17 0.16 2.01
C HIS A 48 11.10 0.13 0.49
N SER A 49 10.38 -0.85 -0.05
CA SER A 49 10.13 -0.98 -1.47
C SER A 49 8.64 -1.20 -1.70
N PRO A 50 8.05 -0.54 -2.70
CA PRO A 50 6.62 -0.59 -2.95
C PRO A 50 6.19 -1.96 -3.45
N LEU A 51 4.91 -2.28 -3.23
CA LEU A 51 4.29 -3.52 -3.67
C LEU A 51 2.88 -3.19 -4.17
N MET A 52 2.38 -3.97 -5.13
CA MET A 52 1.11 -3.67 -5.79
C MET A 52 0.17 -4.87 -5.77
N ARG A 53 -1.11 -4.59 -6.08
CA ARG A 53 -2.16 -5.59 -6.11
C ARG A 53 -2.09 -6.45 -7.37
N ASN A 54 -1.22 -6.07 -8.32
CA ASN A 54 -1.02 -6.80 -9.56
C ASN A 54 0.43 -6.65 -10.02
N GLN A 55 0.91 -7.58 -10.86
CA GLN A 55 2.28 -7.55 -11.36
C GLN A 55 2.34 -8.02 -12.82
N LYS A 56 1.21 -8.36 -13.42
CA LYS A 56 1.17 -8.85 -14.80
C LYS A 56 -0.09 -8.35 -15.51
N ASN A 57 0.02 -8.06 -16.81
CA ASN A 57 -1.11 -7.59 -17.60
C ASN A 57 -1.08 -8.18 -19.02
N ARG A 58 -0.15 -9.10 -19.28
CA ARG A 58 -0.02 -9.77 -20.57
C ARG A 58 0.35 -11.24 -20.37
N ASP A 59 0.18 -12.04 -21.43
CA ASP A 59 0.55 -13.44 -21.43
C ASP A 59 1.22 -13.84 -22.75
N SER A 60 1.40 -12.86 -23.65
CA SER A 60 2.01 -13.09 -24.96
C SER A 60 2.83 -11.89 -25.38
N SER A 61 3.80 -12.10 -26.29
CA SER A 61 4.67 -11.06 -26.80
C SER A 61 5.12 -11.37 -28.23
ZN ZN B . -3.76 6.91 1.58
ZN ZN C . 6.70 0.84 4.52
N ILE A 1 -24.29 -8.40 12.93
CA ILE A 1 -23.12 -8.03 12.10
C ILE A 1 -22.01 -7.47 12.97
N ASP A 2 -20.78 -7.42 12.44
CA ASP A 2 -19.63 -6.91 13.16
C ASP A 2 -18.68 -6.22 12.16
N PRO A 3 -18.15 -5.04 12.50
CA PRO A 3 -17.26 -4.28 11.63
C PRO A 3 -15.88 -4.95 11.50
N TYR A 4 -15.16 -4.58 10.44
CA TYR A 4 -13.84 -5.13 10.16
C TYR A 4 -12.94 -4.09 9.50
N LEU A 5 -11.63 -4.32 9.53
CA LEU A 5 -10.63 -3.41 8.97
C LEU A 5 -9.67 -4.14 8.04
N GLU A 6 -10.00 -5.38 7.66
CA GLU A 6 -9.18 -6.20 6.77
C GLU A 6 -9.38 -5.84 5.30
N ASP A 7 -10.12 -4.77 5.01
CA ASP A 7 -10.38 -4.32 3.66
C ASP A 7 -9.12 -3.72 3.02
N SER A 8 -9.09 -3.62 1.69
CA SER A 8 -7.92 -3.12 0.97
C SER A 8 -7.82 -1.61 1.00
N LEU A 9 -8.84 -0.91 1.51
CA LEU A 9 -8.82 0.55 1.59
C LEU A 9 -7.56 1.06 2.28
N CYS A 10 -7.08 2.22 1.87
CA CYS A 10 -5.95 2.88 2.49
C CYS A 10 -6.26 3.07 3.98
N HIS A 11 -5.30 2.74 4.85
CA HIS A 11 -5.51 2.79 6.29
C HIS A 11 -5.32 4.21 6.85
N ILE A 12 -5.03 5.17 5.99
CA ILE A 12 -4.83 6.56 6.39
C ILE A 12 -5.76 7.48 5.60
N CYS A 13 -6.18 7.04 4.41
CA CYS A 13 -6.94 7.88 3.50
C CYS A 13 -8.34 7.30 3.25
N SER A 14 -8.48 5.97 3.35
CA SER A 14 -9.73 5.23 3.18
C SER A 14 -10.63 5.80 2.08
N SER A 15 -10.04 6.17 0.94
CA SER A 15 -10.79 6.72 -0.19
C SER A 15 -10.54 5.91 -1.46
N GLN A 16 -9.57 5.01 -1.41
CA GLN A 16 -9.20 4.15 -2.53
C GLN A 16 -8.64 2.82 -2.02
N PRO A 17 -8.71 1.75 -2.82
CA PRO A 17 -8.29 0.41 -2.46
C PRO A 17 -6.77 0.27 -2.35
N GLY A 18 -6.04 1.39 -2.35
CA GLY A 18 -4.59 1.40 -2.22
C GLY A 18 -3.90 0.80 -3.45
N PRO A 19 -3.38 1.63 -4.36
CA PRO A 19 -2.70 1.18 -5.55
C PRO A 19 -1.30 0.64 -5.23
N PHE A 20 -0.83 0.85 -3.99
CA PHE A 20 0.50 0.42 -3.58
C PHE A 20 0.44 -0.39 -2.27
N PHE A 21 1.52 -1.11 -2.00
CA PHE A 21 1.69 -1.92 -0.80
C PHE A 21 3.15 -1.84 -0.36
N CYS A 22 3.42 -2.15 0.91
CA CYS A 22 4.76 -2.09 1.47
C CYS A 22 5.07 -3.39 2.20
N ARG A 23 6.24 -3.97 1.92
CA ARG A 23 6.60 -5.31 2.40
C ARG A 23 7.26 -5.31 3.78
N ASP A 24 7.51 -4.13 4.37
CA ASP A 24 8.15 -4.05 5.67
C ASP A 24 7.14 -4.31 6.79
N GLN A 25 7.66 -4.75 7.94
CA GLN A 25 6.84 -5.15 9.08
C GLN A 25 6.20 -3.97 9.80
N VAL A 26 6.60 -2.74 9.48
CA VAL A 26 6.00 -1.55 10.07
C VAL A 26 4.90 -0.99 9.17
N CYS A 27 4.77 -1.54 7.96
CA CYS A 27 3.72 -1.15 7.02
C CYS A 27 2.73 -2.31 6.87
N PHE A 28 3.15 -3.36 6.15
CA PHE A 28 2.41 -4.60 5.95
C PHE A 28 0.95 -4.40 5.51
N LYS A 29 0.63 -3.24 4.92
CA LYS A 29 -0.74 -2.91 4.52
C LYS A 29 -0.74 -2.15 3.19
N TYR A 30 -1.93 -2.00 2.60
CA TYR A 30 -2.11 -1.23 1.38
C TYR A 30 -2.19 0.26 1.70
N PHE A 31 -1.67 1.09 0.80
CA PHE A 31 -1.63 2.53 0.96
C PHE A 31 -1.69 3.22 -0.41
N CYS A 32 -1.75 4.55 -0.37
CA CYS A 32 -1.76 5.40 -1.55
C CYS A 32 -0.56 6.33 -1.52
N ARG A 33 -0.29 7.05 -2.62
CA ARG A 33 0.91 7.88 -2.70
C ARG A 33 0.93 9.00 -1.67
N SER A 34 -0.24 9.42 -1.19
CA SER A 34 -0.33 10.51 -0.23
C SER A 34 0.23 10.09 1.12
N CYS A 35 -0.31 9.01 1.68
CA CYS A 35 0.07 8.54 2.99
C CYS A 35 1.38 7.76 2.94
N TRP A 36 1.78 7.30 1.75
CA TRP A 36 3.10 6.70 1.60
C TRP A 36 4.14 7.74 1.97
N HIS A 37 4.00 8.97 1.46
CA HIS A 37 4.95 10.02 1.75
C HIS A 37 4.71 10.63 3.14
N TRP A 38 3.60 10.31 3.79
CA TRP A 38 3.38 10.75 5.16
C TRP A 38 4.01 9.79 6.17
N ARG A 39 4.49 8.62 5.74
CA ARG A 39 5.14 7.67 6.65
C ARG A 39 6.52 7.23 6.17
N HIS A 40 6.80 7.29 4.86
CA HIS A 40 8.07 6.82 4.31
C HIS A 40 9.09 7.96 4.16
N SER A 41 8.84 9.10 4.80
CA SER A 41 9.73 10.25 4.76
C SER A 41 10.55 10.40 6.04
N MET A 42 10.53 9.37 6.90
CA MET A 42 11.31 9.35 8.13
C MET A 42 12.34 8.22 8.07
N GLU A 43 13.44 8.37 8.81
CA GLU A 43 14.57 7.45 8.74
C GLU A 43 14.18 6.01 9.04
N GLY A 44 13.07 5.80 9.75
CA GLY A 44 12.60 4.47 10.11
C GLY A 44 11.87 3.77 8.96
N LEU A 45 11.63 4.47 7.84
CA LEU A 45 10.94 3.92 6.69
C LEU A 45 11.55 4.34 5.35
N ARG A 46 12.67 5.07 5.35
CA ARG A 46 13.35 5.51 4.13
C ARG A 46 14.13 4.36 3.48
N HIS A 47 13.88 3.12 3.88
CA HIS A 47 14.57 1.95 3.36
C HIS A 47 13.61 0.93 2.75
N HIS A 48 12.33 1.29 2.61
CA HIS A 48 11.32 0.38 2.07
C HIS A 48 11.36 0.36 0.55
N SER A 49 10.66 -0.60 -0.05
CA SER A 49 10.55 -0.73 -1.50
C SER A 49 9.07 -0.82 -1.88
N PRO A 50 8.68 -0.24 -3.02
CA PRO A 50 7.31 -0.18 -3.47
C PRO A 50 6.83 -1.53 -3.99
N LEU A 51 5.50 -1.71 -3.96
CA LEU A 51 4.84 -2.88 -4.51
C LEU A 51 3.46 -2.45 -5.01
N MET A 52 2.86 -3.19 -5.94
CA MET A 52 1.57 -2.83 -6.50
C MET A 52 0.50 -3.87 -6.14
N ARG A 53 -0.76 -3.43 -6.12
CA ARG A 53 -1.89 -4.30 -5.81
C ARG A 53 -2.40 -5.00 -7.07
N ASN A 54 -1.95 -4.56 -8.25
CA ASN A 54 -2.34 -5.14 -9.52
C ASN A 54 -1.31 -6.14 -10.01
N GLN A 55 -1.69 -6.99 -10.97
CA GLN A 55 -0.82 -8.01 -11.52
C GLN A 55 -1.16 -8.26 -12.99
N LYS A 56 -0.24 -8.93 -13.71
CA LYS A 56 -0.42 -9.23 -15.13
C LYS A 56 -1.06 -10.61 -15.31
N ASN A 57 -1.37 -11.30 -14.20
CA ASN A 57 -1.94 -12.64 -14.22
C ASN A 57 -1.10 -13.62 -15.04
N ARG A 58 0.23 -13.42 -15.02
CA ARG A 58 1.20 -14.26 -15.72
C ARG A 58 2.38 -14.56 -14.80
N ASP A 59 3.06 -15.67 -15.06
CA ASP A 59 4.25 -16.07 -14.31
C ASP A 59 5.52 -15.62 -15.04
N SER A 60 5.35 -15.03 -16.22
CA SER A 60 6.45 -14.54 -17.05
C SER A 60 5.99 -13.30 -17.82
N SER A 61 6.92 -12.65 -18.53
CA SER A 61 6.63 -11.46 -19.31
C SER A 61 5.54 -11.74 -20.34
ZN ZN B . -3.49 6.78 1.92
ZN ZN C . 6.63 0.81 4.27
N ILE A 1 -21.46 13.53 -3.30
CA ILE A 1 -20.32 12.63 -3.53
C ILE A 1 -20.23 11.56 -2.44
N ASP A 2 -19.45 10.51 -2.68
CA ASP A 2 -19.27 9.42 -1.74
C ASP A 2 -17.85 8.86 -1.83
N PRO A 3 -17.31 8.33 -0.72
CA PRO A 3 -15.98 7.76 -0.64
C PRO A 3 -15.91 6.40 -1.33
N TYR A 4 -14.70 5.97 -1.69
CA TYR A 4 -14.48 4.70 -2.35
C TYR A 4 -14.52 3.55 -1.35
N LEU A 5 -14.62 2.31 -1.86
CA LEU A 5 -14.61 1.11 -1.03
C LEU A 5 -13.92 -0.02 -1.78
N GLU A 6 -13.06 -0.76 -1.09
CA GLU A 6 -12.32 -1.88 -1.66
C GLU A 6 -11.87 -2.80 -0.53
N ASP A 7 -11.60 -4.08 -0.86
CA ASP A 7 -11.16 -5.05 0.12
C ASP A 7 -9.71 -4.80 0.54
N SER A 8 -9.06 -3.83 -0.10
CA SER A 8 -7.68 -3.44 0.17
C SER A 8 -7.54 -1.93 0.21
N LEU A 9 -8.63 -1.23 0.57
CA LEU A 9 -8.69 0.23 0.60
C LEU A 9 -7.55 0.81 1.43
N CYS A 10 -7.09 2.01 1.08
CA CYS A 10 -6.01 2.68 1.80
C CYS A 10 -6.34 2.78 3.28
N HIS A 11 -5.33 2.65 4.15
CA HIS A 11 -5.55 2.52 5.58
C HIS A 11 -5.46 3.84 6.34
N ILE A 12 -4.84 4.87 5.75
CA ILE A 12 -4.65 6.14 6.45
C ILE A 12 -5.64 7.20 5.97
N CYS A 13 -6.16 7.03 4.75
CA CYS A 13 -7.05 8.01 4.15
C CYS A 13 -8.20 7.37 3.36
N SER A 14 -8.10 6.08 3.03
CA SER A 14 -9.12 5.34 2.29
C SER A 14 -9.68 6.09 1.09
N SER A 15 -8.88 7.00 0.52
CA SER A 15 -9.31 7.81 -0.61
C SER A 15 -8.96 7.16 -1.94
N GLN A 16 -8.21 6.05 -1.90
CA GLN A 16 -7.88 5.27 -3.09
C GLN A 16 -7.93 3.79 -2.74
N PRO A 17 -8.07 2.92 -3.76
CA PRO A 17 -8.17 1.47 -3.63
C PRO A 17 -6.94 0.80 -3.00
N GLY A 18 -6.00 1.57 -2.45
CA GLY A 18 -4.77 1.02 -1.91
C GLY A 18 -3.88 0.51 -3.04
N PRO A 19 -3.44 1.40 -3.94
CA PRO A 19 -2.70 1.06 -5.14
C PRO A 19 -1.30 0.56 -4.81
N PHE A 20 -0.85 0.70 -3.57
CA PHE A 20 0.46 0.26 -3.14
C PHE A 20 0.39 -0.52 -1.83
N PHE A 21 1.39 -1.37 -1.59
CA PHE A 21 1.55 -2.12 -0.36
C PHE A 21 2.98 -1.96 0.15
N CYS A 22 3.19 -2.16 1.46
CA CYS A 22 4.50 -2.03 2.08
C CYS A 22 4.88 -3.37 2.73
N ARG A 23 6.15 -3.75 2.59
CA ARG A 23 6.63 -5.09 2.95
C ARG A 23 7.06 -5.23 4.40
N ASP A 24 7.37 -4.14 5.09
CA ASP A 24 7.88 -4.19 6.45
C ASP A 24 6.75 -4.36 7.46
N GLN A 25 7.08 -4.88 8.65
CA GLN A 25 6.11 -5.15 9.69
C GLN A 25 5.63 -3.88 10.38
N VAL A 26 6.28 -2.73 10.10
CA VAL A 26 5.87 -1.45 10.66
C VAL A 26 4.84 -0.76 9.78
N CYS A 27 4.64 -1.28 8.55
CA CYS A 27 3.62 -0.78 7.64
C CYS A 27 2.55 -1.87 7.48
N PHE A 28 2.96 -3.02 6.92
CA PHE A 28 2.19 -4.25 6.79
C PHE A 28 0.77 -4.08 6.24
N LYS A 29 0.47 -2.97 5.55
CA LYS A 29 -0.87 -2.70 5.04
C LYS A 29 -0.82 -2.04 3.67
N TYR A 30 -1.98 -1.83 3.07
CA TYR A 30 -2.09 -1.14 1.80
C TYR A 30 -2.19 0.37 2.02
N PHE A 31 -1.69 1.15 1.06
CA PHE A 31 -1.64 2.60 1.14
C PHE A 31 -1.75 3.20 -0.25
N CYS A 32 -1.86 4.53 -0.31
CA CYS A 32 -1.84 5.30 -1.54
C CYS A 32 -0.58 6.17 -1.54
N ARG A 33 -0.28 6.86 -2.64
CA ARG A 33 0.97 7.60 -2.75
C ARG A 33 1.04 8.75 -1.74
N SER A 34 -0.12 9.27 -1.33
CA SER A 34 -0.16 10.41 -0.41
C SER A 34 0.26 10.00 0.99
N CYS A 35 -0.36 8.94 1.52
CA CYS A 35 -0.04 8.47 2.86
C CYS A 35 1.20 7.59 2.87
N TRP A 36 1.65 7.14 1.69
CA TRP A 36 2.94 6.47 1.59
C TRP A 36 4.01 7.46 2.03
N HIS A 37 3.89 8.72 1.62
CA HIS A 37 4.85 9.74 2.05
C HIS A 37 4.62 10.09 3.52
N TRP A 38 3.41 9.94 4.04
CA TRP A 38 3.14 10.20 5.45
C TRP A 38 3.75 9.12 6.35
N ARG A 39 4.18 7.99 5.77
CA ARG A 39 4.78 6.90 6.55
C ARG A 39 6.20 6.58 6.11
N HIS A 40 6.71 7.29 5.10
CA HIS A 40 8.06 7.03 4.61
C HIS A 40 8.86 8.32 4.39
N SER A 41 8.37 9.46 4.91
CA SER A 41 9.11 10.72 4.85
C SER A 41 10.22 10.74 5.90
N MET A 42 10.11 9.87 6.91
CA MET A 42 11.09 9.76 7.97
C MET A 42 12.32 9.01 7.47
N GLU A 43 13.49 9.31 8.02
CA GLU A 43 14.74 8.74 7.55
C GLU A 43 14.92 7.29 7.98
N GLY A 44 14.05 6.78 8.86
CA GLY A 44 14.17 5.43 9.40
C GLY A 44 13.53 4.37 8.51
N LEU A 45 12.63 4.76 7.60
CA LEU A 45 11.90 3.82 6.75
C LEU A 45 12.19 4.02 5.26
N ARG A 46 13.32 4.67 4.93
CA ARG A 46 13.70 4.92 3.54
C ARG A 46 14.06 3.64 2.79
N HIS A 47 14.10 2.50 3.50
CA HIS A 47 14.48 1.23 2.93
C HIS A 47 13.27 0.45 2.38
N HIS A 48 12.05 0.99 2.54
CA HIS A 48 10.87 0.34 2.02
C HIS A 48 10.75 0.58 0.52
N SER A 49 10.04 -0.31 -0.17
CA SER A 49 9.80 -0.18 -1.61
C SER A 49 8.34 -0.50 -1.89
N PRO A 50 7.74 0.16 -2.90
CA PRO A 50 6.33 0.06 -3.21
C PRO A 50 5.99 -1.28 -3.85
N LEU A 51 5.21 -2.10 -3.14
CA LEU A 51 4.62 -3.31 -3.67
C LEU A 51 3.21 -2.96 -4.16
N MET A 52 2.53 -3.92 -4.79
CA MET A 52 1.21 -3.74 -5.38
C MET A 52 1.23 -2.69 -6.50
N ARG A 53 0.34 -2.85 -7.49
CA ARG A 53 0.22 -1.94 -8.62
C ARG A 53 -1.25 -1.73 -8.97
N ASN A 54 -1.52 -0.73 -9.80
CA ASN A 54 -2.86 -0.41 -10.25
C ASN A 54 -2.88 -0.16 -11.76
N GLN A 55 -4.10 -0.02 -12.32
CA GLN A 55 -4.34 0.15 -13.76
C GLN A 55 -3.74 -0.97 -14.59
N LYS A 56 -3.92 -0.90 -15.91
CA LYS A 56 -3.40 -1.90 -16.84
C LYS A 56 -1.89 -1.76 -17.01
N ASN A 57 -1.26 -2.79 -17.59
CA ASN A 57 0.17 -2.81 -17.82
C ASN A 57 0.48 -3.59 -19.11
N ARG A 58 1.66 -3.36 -19.68
CA ARG A 58 2.08 -4.01 -20.92
C ARG A 58 2.43 -5.47 -20.65
N ASP A 59 2.24 -6.32 -21.66
CA ASP A 59 2.54 -7.74 -21.58
C ASP A 59 2.97 -8.27 -22.93
N SER A 60 3.73 -9.37 -22.94
CA SER A 60 4.28 -9.95 -24.16
C SER A 60 4.27 -11.48 -24.08
N SER A 61 4.38 -12.13 -25.24
CA SER A 61 4.37 -13.59 -25.35
C SER A 61 5.42 -14.04 -26.36
ZN ZN B . -3.69 6.70 1.57
ZN ZN C . 6.55 0.98 4.84
N ILE A 1 -20.14 -9.21 -9.45
CA ILE A 1 -18.96 -9.31 -8.56
C ILE A 1 -19.04 -8.25 -7.47
N ASP A 2 -18.61 -8.60 -6.25
CA ASP A 2 -18.65 -7.70 -5.11
C ASP A 2 -17.48 -7.97 -4.17
N PRO A 3 -17.00 -6.96 -3.44
CA PRO A 3 -15.90 -7.08 -2.51
C PRO A 3 -16.31 -7.83 -1.25
N TYR A 4 -15.32 -8.38 -0.54
CA TYR A 4 -15.53 -9.14 0.69
C TYR A 4 -14.43 -8.85 1.73
N LEU A 5 -13.61 -7.82 1.47
CA LEU A 5 -12.51 -7.43 2.35
C LEU A 5 -12.57 -5.93 2.64
N GLU A 6 -11.83 -5.48 3.66
CA GLU A 6 -11.79 -4.08 4.04
C GLU A 6 -10.34 -3.64 4.35
N ASP A 7 -9.44 -4.60 4.58
CA ASP A 7 -8.05 -4.30 4.89
C ASP A 7 -7.26 -4.01 3.61
N SER A 8 -7.90 -4.16 2.45
CA SER A 8 -7.28 -3.89 1.16
C SER A 8 -7.39 -2.40 0.79
N LEU A 9 -8.14 -1.64 1.61
CA LEU A 9 -8.32 -0.22 1.43
C LEU A 9 -7.12 0.53 2.00
N CYS A 10 -6.85 1.76 1.55
CA CYS A 10 -5.73 2.53 2.06
C CYS A 10 -5.85 2.66 3.57
N HIS A 11 -4.72 2.50 4.28
CA HIS A 11 -4.72 2.37 5.73
C HIS A 11 -4.77 3.69 6.49
N ILE A 12 -4.48 4.83 5.83
CA ILE A 12 -4.38 6.11 6.53
C ILE A 12 -5.45 7.10 6.08
N CYS A 13 -5.96 6.93 4.85
CA CYS A 13 -6.93 7.85 4.28
C CYS A 13 -8.11 7.13 3.63
N SER A 14 -7.97 5.83 3.33
CA SER A 14 -9.03 4.99 2.78
C SER A 14 -9.81 5.66 1.65
N SER A 15 -9.17 6.55 0.89
CA SER A 15 -9.83 7.28 -0.19
C SER A 15 -9.81 6.48 -1.49
N GLN A 16 -8.92 5.47 -1.57
CA GLN A 16 -8.76 4.63 -2.75
C GLN A 16 -8.28 3.25 -2.31
N PRO A 17 -8.51 2.20 -3.12
CA PRO A 17 -8.24 0.81 -2.79
C PRO A 17 -6.74 0.48 -2.70
N GLY A 18 -5.90 1.48 -2.49
CA GLY A 18 -4.45 1.31 -2.31
C GLY A 18 -3.76 0.84 -3.57
N PRO A 19 -3.22 1.76 -4.39
CA PRO A 19 -2.47 1.43 -5.59
C PRO A 19 -1.08 0.89 -5.25
N PHE A 20 -0.68 0.99 -3.98
CA PHE A 20 0.62 0.53 -3.52
C PHE A 20 0.49 -0.29 -2.24
N PHE A 21 1.52 -1.07 -1.94
CA PHE A 21 1.60 -1.88 -0.73
C PHE A 21 3.04 -1.85 -0.20
N CYS A 22 3.20 -2.07 1.10
CA CYS A 22 4.50 -2.11 1.75
C CYS A 22 4.54 -3.32 2.68
N ARG A 23 5.63 -4.09 2.62
CA ARG A 23 5.73 -5.37 3.30
C ARG A 23 6.61 -5.32 4.55
N ASP A 24 6.92 -4.12 5.05
CA ASP A 24 7.77 -3.98 6.23
C ASP A 24 7.07 -4.46 7.50
N GLN A 25 7.83 -4.59 8.59
CA GLN A 25 7.30 -5.00 9.88
C GLN A 25 6.40 -3.90 10.47
N VAL A 26 6.57 -2.66 10.01
CA VAL A 26 5.74 -1.55 10.49
C VAL A 26 4.64 -1.20 9.50
N CYS A 27 4.78 -1.60 8.22
CA CYS A 27 3.76 -1.34 7.23
C CYS A 27 2.79 -2.53 7.11
N PHE A 28 3.19 -3.54 6.33
CA PHE A 28 2.41 -4.76 6.09
C PHE A 28 0.98 -4.49 5.60
N LYS A 29 0.72 -3.31 5.01
CA LYS A 29 -0.61 -2.93 4.56
C LYS A 29 -0.55 -2.12 3.26
N TYR A 30 -1.73 -1.84 2.70
CA TYR A 30 -1.87 -1.05 1.49
C TYR A 30 -1.90 0.44 1.83
N PHE A 31 -1.43 1.27 0.89
CA PHE A 31 -1.36 2.72 1.04
C PHE A 31 -1.53 3.38 -0.32
N CYS A 32 -1.60 4.70 -0.32
CA CYS A 32 -1.68 5.50 -1.54
C CYS A 32 -0.54 6.53 -1.55
N ARG A 33 -0.42 7.28 -2.66
CA ARG A 33 0.68 8.21 -2.86
C ARG A 33 0.82 9.23 -1.73
N SER A 34 -0.30 9.66 -1.13
CA SER A 34 -0.28 10.72 -0.14
C SER A 34 0.23 10.19 1.19
N CYS A 35 -0.37 9.12 1.69
CA CYS A 35 -0.02 8.59 3.00
C CYS A 35 1.25 7.76 2.93
N TRP A 36 1.66 7.32 1.73
CA TRP A 36 2.97 6.70 1.59
C TRP A 36 4.03 7.75 1.95
N HIS A 37 3.89 8.97 1.44
CA HIS A 37 4.86 10.01 1.73
C HIS A 37 4.65 10.62 3.12
N TRP A 38 3.56 10.26 3.82
CA TRP A 38 3.37 10.69 5.20
C TRP A 38 4.08 9.76 6.18
N ARG A 39 4.43 8.53 5.76
CA ARG A 39 5.09 7.57 6.65
C ARG A 39 6.46 7.14 6.14
N HIS A 40 6.73 7.28 4.83
CA HIS A 40 7.99 6.84 4.24
C HIS A 40 8.95 8.01 4.03
N SER A 41 8.60 9.19 4.54
CA SER A 41 9.45 10.38 4.44
C SER A 41 10.45 10.44 5.60
N MET A 42 10.23 9.65 6.64
CA MET A 42 11.11 9.61 7.81
C MET A 42 12.13 8.49 7.67
N GLU A 43 13.26 8.63 8.37
CA GLU A 43 14.37 7.70 8.22
C GLU A 43 14.09 6.33 8.83
N GLY A 44 12.97 6.18 9.54
CA GLY A 44 12.58 4.90 10.11
C GLY A 44 11.91 4.00 9.08
N LEU A 45 11.54 4.54 7.92
CA LEU A 45 10.89 3.79 6.84
C LEU A 45 11.46 4.16 5.47
N ARG A 46 12.57 4.90 5.40
CA ARG A 46 13.13 5.36 4.14
C ARG A 46 13.73 4.21 3.32
N HIS A 47 13.75 3.01 3.89
CA HIS A 47 14.34 1.83 3.28
C HIS A 47 13.30 0.93 2.62
N HIS A 48 12.03 1.34 2.63
CA HIS A 48 10.95 0.55 2.06
C HIS A 48 10.91 0.70 0.55
N SER A 49 10.23 -0.24 -0.13
CA SER A 49 10.06 -0.21 -1.58
C SER A 49 8.61 -0.51 -1.92
N PRO A 50 8.10 0.07 -3.01
CA PRO A 50 6.72 -0.08 -3.42
C PRO A 50 6.44 -1.50 -3.92
N LEU A 51 5.16 -1.91 -3.82
CA LEU A 51 4.69 -3.20 -4.28
C LEU A 51 3.27 -3.04 -4.80
N MET A 52 2.78 -4.01 -5.58
CA MET A 52 1.45 -3.94 -6.19
C MET A 52 0.68 -5.24 -5.94
N ARG A 53 -0.65 -5.17 -6.08
CA ARG A 53 -1.54 -6.30 -5.86
C ARG A 53 -1.53 -7.24 -7.07
N ASN A 54 -0.90 -6.82 -8.17
CA ASN A 54 -0.82 -7.59 -9.39
C ASN A 54 0.51 -7.33 -10.10
N GLN A 55 0.86 -8.18 -11.06
CA GLN A 55 2.08 -8.03 -11.84
C GLN A 55 1.90 -6.94 -12.89
N LYS A 56 3.02 -6.39 -13.38
CA LYS A 56 3.01 -5.32 -14.37
C LYS A 56 4.18 -5.48 -15.34
N ASN A 57 4.01 -5.03 -16.58
CA ASN A 57 5.01 -5.15 -17.64
C ASN A 57 5.47 -3.76 -18.08
N ARG A 58 6.59 -3.71 -18.80
CA ARG A 58 7.18 -2.46 -19.28
C ARG A 58 7.80 -2.67 -20.65
N ASP A 59 7.94 -1.59 -21.42
CA ASP A 59 8.47 -1.65 -22.79
C ASP A 59 10.00 -1.74 -22.81
N SER A 60 10.64 -1.74 -21.63
CA SER A 60 12.09 -1.82 -21.51
C SER A 60 12.48 -2.58 -20.24
N SER A 61 13.73 -3.06 -20.20
CA SER A 61 14.25 -3.84 -19.09
C SER A 61 15.65 -3.36 -18.71
ZN ZN B . -3.65 6.67 1.50
ZN ZN C . 6.44 0.81 4.40
N ILE A 1 -18.20 -11.98 11.28
CA ILE A 1 -18.01 -11.00 10.19
C ILE A 1 -16.66 -10.32 10.33
N ASP A 2 -15.98 -10.08 9.21
CA ASP A 2 -14.68 -9.44 9.18
C ASP A 2 -14.57 -8.57 7.91
N PRO A 3 -14.08 -7.33 8.03
CA PRO A 3 -13.97 -6.40 6.91
C PRO A 3 -12.88 -6.82 5.93
N TYR A 4 -12.95 -6.31 4.70
CA TYR A 4 -11.97 -6.60 3.66
C TYR A 4 -11.70 -5.36 2.80
N LEU A 5 -12.28 -4.22 3.15
CA LEU A 5 -12.11 -2.99 2.39
C LEU A 5 -10.69 -2.46 2.52
N GLU A 6 -9.97 -2.86 3.58
CA GLU A 6 -8.60 -2.43 3.80
C GLU A 6 -7.63 -3.16 2.87
N ASP A 7 -8.14 -4.02 2.01
CA ASP A 7 -7.34 -4.75 1.03
C ASP A 7 -7.71 -4.33 -0.39
N SER A 8 -8.60 -3.34 -0.53
CA SER A 8 -9.05 -2.85 -1.83
C SER A 8 -9.16 -1.32 -1.84
N LEU A 9 -8.78 -0.67 -0.75
CA LEU A 9 -8.81 0.78 -0.61
C LEU A 9 -7.62 1.20 0.26
N CYS A 10 -7.19 2.47 0.14
CA CYS A 10 -6.10 2.97 0.97
C CYS A 10 -6.49 2.87 2.45
N HIS A 11 -5.51 2.60 3.32
CA HIS A 11 -5.78 2.30 4.72
C HIS A 11 -5.63 3.51 5.64
N ILE A 12 -5.03 4.60 5.16
CA ILE A 12 -4.78 5.78 6.00
C ILE A 12 -5.70 6.93 5.62
N CYS A 13 -6.16 6.97 4.37
CA CYS A 13 -6.98 8.07 3.88
C CYS A 13 -8.16 7.57 3.04
N SER A 14 -8.10 6.33 2.54
CA SER A 14 -9.15 5.72 1.73
C SER A 14 -9.74 6.66 0.67
N SER A 15 -8.94 7.62 0.20
CA SER A 15 -9.37 8.56 -0.82
C SER A 15 -8.96 8.06 -2.21
N GLN A 16 -8.13 7.01 -2.25
CA GLN A 16 -7.62 6.46 -3.48
C GLN A 16 -7.62 4.93 -3.39
N PRO A 17 -7.56 4.22 -4.52
CA PRO A 17 -7.70 2.77 -4.60
C PRO A 17 -6.67 1.96 -3.82
N GLY A 18 -5.70 2.63 -3.17
CA GLY A 18 -4.64 1.94 -2.45
C GLY A 18 -3.73 1.20 -3.44
N PRO A 19 -3.12 1.93 -4.38
CA PRO A 19 -2.33 1.35 -5.47
C PRO A 19 -0.99 0.81 -4.99
N PHE A 20 -0.63 1.06 -3.72
CA PHE A 20 0.65 0.64 -3.17
C PHE A 20 0.46 -0.19 -1.90
N PHE A 21 1.51 -0.91 -1.52
CA PHE A 21 1.54 -1.73 -0.31
C PHE A 21 2.97 -1.75 0.24
N CYS A 22 3.13 -1.80 1.57
CA CYS A 22 4.44 -1.77 2.20
C CYS A 22 4.76 -3.12 2.88
N ARG A 23 6.04 -3.39 3.10
CA ARG A 23 6.49 -4.69 3.57
C ARG A 23 7.44 -4.56 4.76
N ASP A 24 6.94 -3.98 5.86
CA ASP A 24 7.70 -3.84 7.09
C ASP A 24 6.88 -4.26 8.31
N GLN A 25 7.50 -4.21 9.49
CA GLN A 25 6.84 -4.52 10.74
C GLN A 25 6.06 -3.31 11.26
N VAL A 26 6.39 -2.11 10.74
CA VAL A 26 5.70 -0.88 11.13
C VAL A 26 4.67 -0.45 10.09
N CYS A 27 4.80 -0.92 8.84
CA CYS A 27 3.80 -0.70 7.82
C CYS A 27 3.64 -1.96 6.96
N PHE A 28 2.41 -2.48 6.90
CA PHE A 28 2.09 -3.73 6.22
C PHE A 28 0.67 -3.69 5.65
N LYS A 29 0.21 -2.50 5.25
CA LYS A 29 -1.14 -2.29 4.73
C LYS A 29 -1.05 -1.65 3.35
N TYR A 30 -2.22 -1.41 2.73
CA TYR A 30 -2.27 -0.72 1.45
C TYR A 30 -2.26 0.79 1.67
N PHE A 31 -1.67 1.52 0.72
CA PHE A 31 -1.51 2.96 0.80
C PHE A 31 -1.62 3.57 -0.60
N CYS A 32 -1.64 4.91 -0.64
CA CYS A 32 -1.62 5.68 -1.86
C CYS A 32 -0.46 6.67 -1.79
N ARG A 33 -0.22 7.44 -2.85
CA ARG A 33 0.97 8.29 -2.91
C ARG A 33 1.02 9.30 -1.76
N SER A 34 -0.15 9.75 -1.28
CA SER A 34 -0.23 10.78 -0.27
C SER A 34 0.20 10.26 1.09
N CYS A 35 -0.40 9.14 1.51
CA CYS A 35 -0.12 8.56 2.83
C CYS A 35 1.14 7.68 2.80
N TRP A 36 1.58 7.26 1.62
CA TRP A 36 2.86 6.58 1.51
C TRP A 36 3.96 7.55 1.94
N HIS A 37 3.83 8.83 1.56
CA HIS A 37 4.80 9.82 1.99
C HIS A 37 4.61 10.18 3.47
N TRP A 38 3.40 10.04 4.01
CA TRP A 38 3.19 10.31 5.44
C TRP A 38 3.87 9.24 6.30
N ARG A 39 4.22 8.10 5.72
CA ARG A 39 4.89 7.02 6.44
C ARG A 39 6.31 6.74 5.97
N HIS A 40 6.75 7.41 4.90
CA HIS A 40 8.07 7.13 4.33
C HIS A 40 8.85 8.41 3.98
N SER A 41 8.39 9.57 4.43
CA SER A 41 9.13 10.82 4.22
C SER A 41 10.33 10.90 5.17
N MET A 42 10.32 10.08 6.22
CA MET A 42 11.39 10.04 7.21
C MET A 42 12.54 9.15 6.73
N GLU A 43 13.76 9.45 7.18
CA GLU A 43 14.94 8.71 6.76
C GLU A 43 15.04 7.36 7.47
N GLY A 44 14.13 7.09 8.41
CA GLY A 44 14.12 5.82 9.13
C GLY A 44 13.45 4.71 8.35
N LEU A 45 12.59 5.05 7.37
CA LEU A 45 11.85 4.06 6.58
C LEU A 45 12.02 4.28 5.08
N ARG A 46 13.02 5.08 4.67
CA ARG A 46 13.25 5.39 3.27
C ARG A 46 13.75 4.17 2.48
N HIS A 47 13.93 3.03 3.17
CA HIS A 47 14.40 1.80 2.55
C HIS A 47 13.25 0.96 2.01
N HIS A 48 12.00 1.36 2.27
CA HIS A 48 10.84 0.65 1.78
C HIS A 48 10.63 0.89 0.28
N SER A 49 9.89 -0.01 -0.36
CA SER A 49 9.51 0.10 -1.75
C SER A 49 8.09 -0.42 -1.92
N PRO A 50 7.27 0.25 -2.74
CA PRO A 50 5.86 -0.09 -2.90
C PRO A 50 5.68 -1.36 -3.72
N LEU A 51 4.67 -2.17 -3.33
CA LEU A 51 4.25 -3.34 -4.06
C LEU A 51 2.90 -3.04 -4.71
N MET A 52 2.57 -3.75 -5.79
CA MET A 52 1.32 -3.54 -6.52
C MET A 52 0.37 -4.72 -6.34
N ARG A 53 0.87 -5.85 -5.84
CA ARG A 53 0.08 -7.05 -5.66
C ARG A 53 0.75 -7.98 -4.65
N ASN A 54 -0.06 -8.73 -3.91
CA ASN A 54 0.42 -9.67 -2.90
C ASN A 54 -0.02 -11.08 -3.26
N GLN A 55 0.67 -12.10 -2.73
CA GLN A 55 0.37 -13.50 -3.00
C GLN A 55 0.53 -14.33 -1.73
N LYS A 56 -0.04 -15.53 -1.73
CA LYS A 56 0.00 -16.46 -0.61
C LYS A 56 0.20 -17.88 -1.11
N ASN A 57 0.54 -18.80 -0.20
CA ASN A 57 0.76 -20.20 -0.54
C ASN A 57 -0.57 -20.87 -0.93
N ARG A 58 -0.51 -21.92 -1.75
CA ARG A 58 -1.69 -22.63 -2.23
C ARG A 58 -2.18 -23.64 -1.20
N ASP A 59 -1.40 -23.84 -0.13
CA ASP A 59 -1.71 -24.77 0.94
C ASP A 59 -1.29 -24.15 2.28
N SER A 60 -1.68 -24.79 3.39
CA SER A 60 -1.34 -24.31 4.72
C SER A 60 0.17 -24.33 4.95
N SER A 61 0.66 -23.45 5.83
CA SER A 61 2.07 -23.30 6.15
C SER A 61 2.93 -23.21 4.88
ZN ZN B . -3.73 6.85 1.18
ZN ZN C . 6.71 1.07 4.82
N ILE A 1 -7.29 -6.01 17.84
CA ILE A 1 -7.91 -5.05 16.91
C ILE A 1 -8.15 -5.70 15.54
N ASP A 2 -9.01 -5.09 14.73
CA ASP A 2 -9.36 -5.60 13.41
C ASP A 2 -9.48 -4.43 12.42
N PRO A 3 -9.25 -4.68 11.13
CA PRO A 3 -9.37 -3.69 10.08
C PRO A 3 -10.83 -3.32 9.83
N TYR A 4 -11.05 -2.22 9.10
CA TYR A 4 -12.39 -1.73 8.79
C TYR A 4 -12.49 -1.25 7.35
N LEU A 5 -11.46 -1.54 6.54
CA LEU A 5 -11.38 -1.13 5.15
C LEU A 5 -11.05 -2.33 4.27
N GLU A 6 -11.32 -2.20 2.96
CA GLU A 6 -11.09 -3.28 1.99
C GLU A 6 -9.63 -3.35 1.57
N ASP A 7 -9.23 -4.48 0.99
CA ASP A 7 -7.88 -4.70 0.51
C ASP A 7 -7.66 -4.05 -0.86
N SER A 8 -8.66 -3.31 -1.34
CA SER A 8 -8.64 -2.63 -2.63
C SER A 8 -8.76 -1.13 -2.46
N LEU A 9 -8.50 -0.61 -1.26
CA LEU A 9 -8.59 0.80 -0.95
C LEU A 9 -7.44 1.17 0.00
N CYS A 10 -7.01 2.43 0.01
CA CYS A 10 -5.97 2.89 0.93
C CYS A 10 -6.47 2.74 2.37
N HIS A 11 -5.55 2.50 3.31
CA HIS A 11 -5.93 2.20 4.68
C HIS A 11 -5.77 3.39 5.63
N ILE A 12 -5.05 4.44 5.20
CA ILE A 12 -4.82 5.60 6.05
C ILE A 12 -5.77 6.74 5.69
N CYS A 13 -6.22 6.78 4.44
CA CYS A 13 -7.07 7.86 3.95
C CYS A 13 -8.17 7.36 3.01
N SER A 14 -8.06 6.12 2.52
CA SER A 14 -9.05 5.51 1.62
C SER A 14 -9.51 6.43 0.50
N SER A 15 -8.67 7.37 0.07
CA SER A 15 -9.01 8.30 -0.99
C SER A 15 -8.70 7.71 -2.37
N GLN A 16 -7.82 6.71 -2.41
CA GLN A 16 -7.41 6.05 -3.64
C GLN A 16 -7.51 4.53 -3.47
N PRO A 17 -7.50 3.77 -4.58
CA PRO A 17 -7.61 2.32 -4.62
C PRO A 17 -6.49 1.56 -3.91
N GLY A 18 -5.70 2.23 -3.07
CA GLY A 18 -4.58 1.60 -2.39
C GLY A 18 -3.58 1.06 -3.40
N PRO A 19 -3.03 1.93 -4.26
CA PRO A 19 -2.16 1.54 -5.36
C PRO A 19 -0.79 1.05 -4.86
N PHE A 20 -0.51 1.20 -3.56
CA PHE A 20 0.75 0.77 -2.99
C PHE A 20 0.54 -0.08 -1.75
N PHE A 21 1.55 -0.88 -1.42
CA PHE A 21 1.59 -1.72 -0.23
C PHE A 21 3.05 -1.81 0.23
N CYS A 22 3.27 -2.08 1.52
CA CYS A 22 4.60 -2.18 2.07
C CYS A 22 4.77 -3.51 2.81
N ARG A 23 5.98 -4.07 2.78
CA ARG A 23 6.28 -5.36 3.40
C ARG A 23 7.44 -5.20 4.39
N ASP A 24 7.17 -4.55 5.52
CA ASP A 24 8.16 -4.35 6.56
C ASP A 24 7.63 -4.76 7.94
N GLN A 25 8.48 -4.64 8.96
CA GLN A 25 8.11 -4.96 10.34
C GLN A 25 7.48 -3.74 11.03
N VAL A 26 7.33 -2.62 10.32
CA VAL A 26 6.65 -1.45 10.85
C VAL A 26 5.44 -1.06 10.02
N CYS A 27 5.37 -1.50 8.75
CA CYS A 27 4.20 -1.29 7.92
C CYS A 27 3.91 -2.54 7.08
N PHE A 28 2.63 -2.91 7.00
CA PHE A 28 2.19 -4.13 6.32
C PHE A 28 0.77 -3.95 5.79
N LYS A 29 0.44 -2.73 5.34
CA LYS A 29 -0.91 -2.38 4.90
C LYS A 29 -0.87 -1.68 3.55
N TYR A 30 -2.05 -1.38 3.01
CA TYR A 30 -2.16 -0.66 1.74
C TYR A 30 -2.12 0.84 1.96
N PHE A 31 -1.59 1.57 0.97
CA PHE A 31 -1.43 3.01 1.02
C PHE A 31 -1.60 3.61 -0.38
N CYS A 32 -1.58 4.93 -0.44
CA CYS A 32 -1.63 5.70 -1.67
C CYS A 32 -0.47 6.69 -1.66
N ARG A 33 -0.28 7.47 -2.73
CA ARG A 33 0.88 8.35 -2.84
C ARG A 33 0.93 9.36 -1.69
N SER A 34 -0.24 9.76 -1.17
CA SER A 34 -0.30 10.77 -0.11
C SER A 34 0.18 10.20 1.21
N CYS A 35 -0.42 9.10 1.67
CA CYS A 35 -0.12 8.55 2.97
C CYS A 35 1.16 7.70 2.94
N TRP A 36 1.57 7.25 1.75
CA TRP A 36 2.86 6.59 1.64
C TRP A 36 3.94 7.57 2.03
N HIS A 37 3.87 8.81 1.53
CA HIS A 37 4.86 9.82 1.86
C HIS A 37 4.67 10.37 3.27
N TRP A 38 3.51 10.14 3.89
CA TRP A 38 3.32 10.56 5.27
C TRP A 38 4.12 9.68 6.24
N ARG A 39 4.45 8.44 5.85
CA ARG A 39 5.20 7.55 6.74
C ARG A 39 6.53 7.07 6.14
N HIS A 40 6.70 7.12 4.82
CA HIS A 40 7.92 6.66 4.18
C HIS A 40 8.86 7.80 3.79
N SER A 41 8.58 9.01 4.28
CA SER A 41 9.42 10.18 4.02
C SER A 41 10.33 10.48 5.22
N MET A 42 10.39 9.56 6.18
CA MET A 42 11.21 9.70 7.39
C MET A 42 12.31 8.65 7.43
N GLU A 43 13.36 8.91 8.22
CA GLU A 43 14.54 8.08 8.28
C GLU A 43 14.23 6.65 8.74
N GLY A 44 13.07 6.44 9.37
CA GLY A 44 12.71 5.13 9.89
C GLY A 44 12.09 4.19 8.84
N LEU A 45 11.68 4.71 7.68
CA LEU A 45 11.06 3.89 6.63
C LEU A 45 11.47 4.30 5.22
N ARG A 46 12.41 5.23 5.06
CA ARG A 46 12.82 5.71 3.74
C ARG A 46 13.54 4.64 2.92
N HIS A 47 13.76 3.46 3.51
CA HIS A 47 14.46 2.35 2.87
C HIS A 47 13.49 1.33 2.28
N HIS A 48 12.18 1.56 2.42
CA HIS A 48 11.16 0.65 1.90
C HIS A 48 10.99 0.83 0.39
N SER A 49 10.29 -0.13 -0.24
CA SER A 49 9.97 -0.09 -1.65
C SER A 49 8.51 -0.45 -1.85
N PRO A 50 7.85 0.13 -2.86
CA PRO A 50 6.43 -0.09 -3.12
C PRO A 50 6.16 -1.51 -3.61
N LEU A 51 4.92 -1.95 -3.44
CA LEU A 51 4.47 -3.26 -3.86
C LEU A 51 3.03 -3.14 -4.38
N MET A 52 2.60 -4.08 -5.23
CA MET A 52 1.28 -4.03 -5.85
C MET A 52 0.63 -5.41 -5.86
N ARG A 53 -0.70 -5.42 -6.00
CA ARG A 53 -1.50 -6.62 -6.03
C ARG A 53 -1.36 -7.34 -7.38
N ASN A 54 -1.71 -8.63 -7.40
CA ASN A 54 -1.64 -9.43 -8.62
C ASN A 54 -2.84 -9.11 -9.53
N GLN A 55 -2.72 -9.45 -10.82
CA GLN A 55 -3.76 -9.15 -11.80
C GLN A 55 -4.90 -10.16 -11.75
N LYS A 56 -4.77 -11.20 -10.91
CA LYS A 56 -5.79 -12.24 -10.76
C LYS A 56 -5.96 -12.61 -9.28
N ASN A 57 -7.07 -13.28 -8.97
CA ASN A 57 -7.40 -13.72 -7.62
C ASN A 57 -7.40 -15.24 -7.55
N ARG A 58 -7.53 -15.78 -6.33
CA ARG A 58 -7.53 -17.22 -6.10
C ARG A 58 -8.83 -17.87 -6.55
N ASP A 59 -9.72 -17.09 -7.18
CA ASP A 59 -10.99 -17.58 -7.70
C ASP A 59 -11.12 -17.27 -9.20
N SER A 60 -10.05 -16.74 -9.81
CA SER A 60 -10.04 -16.40 -11.22
C SER A 60 -9.74 -17.60 -12.11
N SER A 61 -9.51 -18.77 -11.50
CA SER A 61 -9.18 -20.00 -12.20
C SER A 61 -9.91 -21.19 -11.57
ZN ZN B . -3.68 6.81 1.43
ZN ZN C . 6.81 0.54 4.55
N ILE A 1 -28.99 5.33 3.60
CA ILE A 1 -27.73 4.55 3.63
C ILE A 1 -26.58 5.41 4.14
N ASP A 2 -25.48 4.76 4.55
CA ASP A 2 -24.31 5.43 5.10
C ASP A 2 -23.03 4.78 4.58
N PRO A 3 -21.90 5.49 4.63
CA PRO A 3 -20.61 4.99 4.20
C PRO A 3 -20.21 3.71 4.93
N TYR A 4 -19.34 2.92 4.30
CA TYR A 4 -18.83 1.67 4.85
C TYR A 4 -17.43 1.39 4.33
N LEU A 5 -16.75 0.40 4.93
CA LEU A 5 -15.39 0.01 4.56
C LEU A 5 -15.33 -1.50 4.40
N GLU A 6 -14.25 -1.99 3.79
CA GLU A 6 -14.05 -3.41 3.52
C GLU A 6 -12.68 -3.88 4.04
N ASP A 7 -12.03 -3.05 4.88
CA ASP A 7 -10.73 -3.34 5.45
C ASP A 7 -9.66 -3.65 4.39
N SER A 8 -9.89 -3.20 3.15
CA SER A 8 -8.98 -3.42 2.04
C SER A 8 -8.57 -2.09 1.39
N LEU A 9 -8.96 -0.97 2.00
CA LEU A 9 -8.65 0.36 1.51
C LEU A 9 -7.25 0.78 1.94
N CYS A 10 -6.81 1.95 1.48
CA CYS A 10 -5.61 2.60 1.97
C CYS A 10 -5.70 2.69 3.49
N HIS A 11 -4.61 2.38 4.19
CA HIS A 11 -4.61 2.30 5.64
C HIS A 11 -4.78 3.66 6.31
N ILE A 12 -4.64 4.76 5.54
CA ILE A 12 -4.70 6.10 6.09
C ILE A 12 -5.78 6.94 5.41
N CYS A 13 -6.08 6.62 4.15
CA CYS A 13 -6.97 7.43 3.34
C CYS A 13 -8.35 6.79 3.22
N SER A 14 -8.43 5.47 3.42
CA SER A 14 -9.67 4.70 3.41
C SER A 14 -10.71 5.18 2.39
N SER A 15 -10.28 5.33 1.13
CA SER A 15 -11.17 5.79 0.06
C SER A 15 -11.01 4.94 -1.19
N GLN A 16 -9.84 4.34 -1.37
CA GLN A 16 -9.52 3.52 -2.53
C GLN A 16 -8.78 2.27 -2.06
N PRO A 17 -8.73 1.21 -2.89
CA PRO A 17 -8.04 -0.04 -2.57
C PRO A 17 -6.54 0.15 -2.34
N GLY A 18 -6.03 1.35 -2.60
CA GLY A 18 -4.61 1.68 -2.51
C GLY A 18 -3.85 1.15 -3.72
N PRO A 19 -3.19 2.03 -4.48
CA PRO A 19 -2.42 1.66 -5.66
C PRO A 19 -1.08 1.00 -5.27
N PHE A 20 -0.71 1.06 -3.99
CA PHE A 20 0.55 0.51 -3.51
C PHE A 20 0.37 -0.25 -2.20
N PHE A 21 1.37 -1.07 -1.87
CA PHE A 21 1.44 -1.83 -0.63
C PHE A 21 2.86 -1.73 -0.08
N CYS A 22 3.01 -1.83 1.24
CA CYS A 22 4.31 -1.74 1.90
C CYS A 22 4.55 -2.99 2.72
N ARG A 23 5.73 -3.59 2.55
CA ARG A 23 6.08 -4.86 3.15
C ARG A 23 7.43 -4.75 3.86
N ASP A 24 7.39 -4.38 5.13
CA ASP A 24 8.56 -4.29 5.98
C ASP A 24 8.30 -4.88 7.37
N GLN A 25 9.26 -4.72 8.29
CA GLN A 25 9.11 -5.19 9.66
C GLN A 25 8.07 -4.34 10.40
N VAL A 26 7.67 -3.20 9.82
CA VAL A 26 6.67 -2.32 10.40
C VAL A 26 5.53 -2.00 9.43
N CYS A 27 5.69 -2.34 8.14
CA CYS A 27 4.65 -2.12 7.14
C CYS A 27 4.07 -3.45 6.67
N PHE A 28 2.74 -3.53 6.55
CA PHE A 28 2.07 -4.74 6.10
C PHE A 28 0.68 -4.44 5.54
N LYS A 29 0.45 -3.21 5.06
CA LYS A 29 -0.87 -2.79 4.61
C LYS A 29 -0.79 -1.97 3.32
N TYR A 30 -1.94 -1.68 2.73
CA TYR A 30 -2.04 -0.90 1.52
C TYR A 30 -1.95 0.60 1.81
N PHE A 31 -1.46 1.36 0.84
CA PHE A 31 -1.30 2.80 0.94
C PHE A 31 -1.44 3.44 -0.44
N CYS A 32 -1.40 4.77 -0.49
CA CYS A 32 -1.44 5.56 -1.70
C CYS A 32 -0.30 6.59 -1.66
N ARG A 33 -0.10 7.33 -2.75
CA ARG A 33 1.04 8.22 -2.87
C ARG A 33 1.11 9.25 -1.74
N SER A 34 -0.06 9.75 -1.32
CA SER A 34 -0.13 10.80 -0.31
C SER A 34 0.34 10.29 1.05
N CYS A 35 -0.19 9.14 1.49
CA CYS A 35 0.11 8.63 2.81
C CYS A 35 1.37 7.76 2.80
N TRP A 36 1.81 7.33 1.63
CA TRP A 36 3.10 6.65 1.52
C TRP A 36 4.19 7.60 1.98
N HIS A 37 4.09 8.88 1.59
CA HIS A 37 5.09 9.84 2.03
C HIS A 37 4.86 10.23 3.50
N TRP A 38 3.62 10.18 3.98
CA TRP A 38 3.35 10.46 5.39
C TRP A 38 3.92 9.35 6.28
N ARG A 39 4.34 8.23 5.69
CA ARG A 39 4.91 7.10 6.44
C ARG A 39 6.32 6.74 5.99
N HIS A 40 6.86 7.38 4.94
CA HIS A 40 8.16 7.00 4.41
C HIS A 40 9.00 8.20 3.96
N SER A 41 8.52 9.44 4.15
CA SER A 41 9.27 10.62 3.72
C SER A 41 10.47 10.88 4.62
N MET A 42 10.43 10.39 5.87
CA MET A 42 11.52 10.55 6.81
C MET A 42 12.53 9.41 6.66
N GLU A 43 13.76 9.64 7.10
CA GLU A 43 14.84 8.69 6.96
C GLU A 43 14.67 7.46 7.86
N GLY A 44 13.62 7.43 8.67
CA GLY A 44 13.35 6.33 9.57
C GLY A 44 12.85 5.08 8.84
N LEU A 45 12.17 5.27 7.69
CA LEU A 45 11.61 4.17 6.91
C LEU A 45 11.85 4.36 5.41
N ARG A 46 12.87 5.16 5.04
CA ARG A 46 13.15 5.44 3.63
C ARG A 46 13.67 4.21 2.89
N HIS A 47 13.84 3.08 3.59
CA HIS A 47 14.35 1.85 2.99
C HIS A 47 13.24 1.00 2.38
N HIS A 48 11.97 1.41 2.53
CA HIS A 48 10.85 0.69 1.97
C HIS A 48 10.73 0.97 0.47
N SER A 49 10.09 0.03 -0.26
CA SER A 49 9.84 0.17 -1.69
C SER A 49 8.42 -0.30 -1.98
N PRO A 50 7.69 0.36 -2.88
CA PRO A 50 6.30 0.03 -3.19
C PRO A 50 6.13 -1.38 -3.77
N LEU A 51 5.05 -2.04 -3.37
CA LEU A 51 4.60 -3.29 -3.96
C LEU A 51 3.25 -3.04 -4.63
N MET A 52 2.85 -3.92 -5.55
CA MET A 52 1.58 -3.78 -6.26
C MET A 52 0.90 -5.14 -6.41
N ARG A 53 -0.43 -5.12 -6.50
CA ARG A 53 -1.23 -6.34 -6.62
C ARG A 53 -2.52 -6.00 -7.37
N ASN A 54 -3.13 -7.01 -8.00
CA ASN A 54 -4.35 -6.84 -8.78
C ASN A 54 -5.60 -6.97 -7.90
N GLN A 55 -5.44 -6.73 -6.60
CA GLN A 55 -6.45 -6.91 -5.56
C GLN A 55 -7.13 -8.30 -5.59
N LYS A 56 -6.52 -9.25 -6.31
CA LYS A 56 -6.97 -10.64 -6.37
C LYS A 56 -5.79 -11.55 -6.68
N ASN A 57 -5.98 -12.86 -6.53
CA ASN A 57 -4.95 -13.84 -6.85
C ASN A 57 -5.00 -14.17 -8.35
N ARG A 58 -3.88 -14.61 -8.91
CA ARG A 58 -3.77 -14.93 -10.33
C ARG A 58 -4.05 -16.41 -10.59
N ASP A 59 -4.41 -17.15 -9.55
CA ASP A 59 -4.75 -18.56 -9.66
C ASP A 59 -6.23 -18.74 -10.02
N SER A 60 -6.98 -17.64 -10.09
CA SER A 60 -8.40 -17.65 -10.40
C SER A 60 -8.75 -16.50 -11.34
N SER A 61 -9.94 -16.57 -11.96
CA SER A 61 -10.42 -15.54 -12.87
C SER A 61 -10.81 -14.28 -12.11
ZN ZN B . -3.45 6.74 1.54
ZN ZN C . 6.50 0.99 4.77
N ILE A 1 -13.66 -21.43 9.90
CA ILE A 1 -14.38 -20.78 8.79
C ILE A 1 -13.67 -19.49 8.38
N ASP A 2 -14.02 -18.96 7.19
CA ASP A 2 -13.43 -17.74 6.66
C ASP A 2 -14.48 -16.97 5.85
N PRO A 3 -14.56 -15.65 5.98
CA PRO A 3 -15.55 -14.83 5.29
C PRO A 3 -15.27 -14.68 3.79
N TYR A 4 -14.11 -15.17 3.32
CA TYR A 4 -13.70 -15.10 1.92
C TYR A 4 -13.67 -13.66 1.37
N LEU A 5 -13.60 -12.67 2.26
CA LEU A 5 -13.50 -11.26 1.86
C LEU A 5 -12.05 -10.87 1.62
N GLU A 6 -11.85 -9.78 0.86
CA GLU A 6 -10.52 -9.28 0.55
C GLU A 6 -10.60 -7.76 0.33
N ASP A 7 -9.49 -7.06 0.53
CA ASP A 7 -9.43 -5.62 0.38
C ASP A 7 -8.06 -5.17 -0.15
N SER A 8 -8.03 -3.99 -0.78
CA SER A 8 -6.82 -3.43 -1.36
C SER A 8 -6.84 -1.89 -1.28
N LEU A 9 -7.89 -1.31 -0.71
CA LEU A 9 -8.04 0.14 -0.60
C LEU A 9 -7.00 0.68 0.39
N CYS A 10 -6.64 1.97 0.26
CA CYS A 10 -5.71 2.60 1.19
C CYS A 10 -6.26 2.50 2.61
N HIS A 11 -5.38 2.29 3.59
CA HIS A 11 -5.80 2.06 4.97
C HIS A 11 -5.54 3.27 5.87
N ILE A 12 -5.03 4.37 5.30
CA ILE A 12 -4.78 5.59 6.07
C ILE A 12 -5.77 6.68 5.68
N CYS A 13 -6.30 6.62 4.46
CA CYS A 13 -7.22 7.63 3.96
C CYS A 13 -8.30 7.04 3.03
N SER A 14 -8.07 5.85 2.46
CA SER A 14 -9.01 5.18 1.56
C SER A 14 -9.61 6.10 0.49
N SER A 15 -8.89 7.17 0.13
CA SER A 15 -9.35 8.12 -0.87
C SER A 15 -8.80 7.81 -2.25
N GLN A 16 -7.88 6.84 -2.34
CA GLN A 16 -7.30 6.37 -3.59
C GLN A 16 -7.30 4.84 -3.58
N PRO A 17 -7.18 4.20 -4.75
CA PRO A 17 -7.30 2.75 -4.93
C PRO A 17 -6.29 1.92 -4.13
N GLY A 18 -5.42 2.54 -3.33
CA GLY A 18 -4.40 1.83 -2.58
C GLY A 18 -3.37 1.22 -3.52
N PRO A 19 -2.73 2.04 -4.38
CA PRO A 19 -1.83 1.57 -5.42
C PRO A 19 -0.50 1.07 -4.85
N PHE A 20 -0.26 1.27 -3.55
CA PHE A 20 0.99 0.87 -2.92
C PHE A 20 0.75 0.01 -1.68
N PHE A 21 1.75 -0.80 -1.35
CA PHE A 21 1.74 -1.66 -0.16
C PHE A 21 3.17 -1.81 0.35
N CYS A 22 3.34 -2.02 1.66
CA CYS A 22 4.65 -2.18 2.26
C CYS A 22 4.65 -3.45 3.13
N ARG A 23 5.82 -4.03 3.37
CA ARG A 23 5.93 -5.35 3.98
C ARG A 23 6.59 -5.33 5.36
N ASP A 24 6.91 -4.16 5.90
CA ASP A 24 7.53 -4.04 7.22
C ASP A 24 6.47 -4.01 8.32
N GLN A 25 6.88 -4.33 9.55
CA GLN A 25 5.96 -4.43 10.68
C GLN A 25 5.46 -3.05 11.13
N VAL A 26 5.97 -1.97 10.54
CA VAL A 26 5.56 -0.61 10.88
C VAL A 26 4.67 0.00 9.81
N CYS A 27 4.47 -0.69 8.69
CA CYS A 27 3.62 -0.23 7.60
C CYS A 27 3.05 -1.42 6.81
N PHE A 28 2.63 -2.47 7.52
CA PHE A 28 2.11 -3.70 6.93
C PHE A 28 0.73 -3.54 6.29
N LYS A 29 0.43 -2.35 5.77
CA LYS A 29 -0.89 -2.01 5.23
C LYS A 29 -0.80 -1.43 3.82
N TYR A 30 -1.95 -1.14 3.22
CA TYR A 30 -2.00 -0.50 1.91
C TYR A 30 -1.98 1.02 2.05
N PHE A 31 -1.44 1.69 1.03
CA PHE A 31 -1.29 3.13 1.03
C PHE A 31 -1.47 3.70 -0.38
N CYS A 32 -1.49 5.03 -0.46
CA CYS A 32 -1.53 5.79 -1.69
C CYS A 32 -0.43 6.86 -1.60
N ARG A 33 -0.26 7.69 -2.63
CA ARG A 33 0.86 8.61 -2.69
C ARG A 33 0.90 9.55 -1.50
N SER A 34 -0.28 9.95 -0.99
CA SER A 34 -0.37 10.92 0.10
C SER A 34 0.09 10.34 1.43
N CYS A 35 -0.40 9.13 1.76
CA CYS A 35 -0.11 8.51 3.04
C CYS A 35 1.16 7.65 2.99
N TRP A 36 1.63 7.29 1.79
CA TRP A 36 2.89 6.60 1.65
C TRP A 36 4.03 7.53 2.06
N HIS A 37 4.02 8.77 1.56
CA HIS A 37 5.06 9.72 1.93
C HIS A 37 4.87 10.18 3.37
N TRP A 38 3.64 10.13 3.87
CA TRP A 38 3.34 10.47 5.25
C TRP A 38 3.95 9.44 6.21
N ARG A 39 4.28 8.24 5.72
CA ARG A 39 4.87 7.19 6.53
C ARG A 39 6.31 6.87 6.13
N HIS A 40 6.71 7.21 4.90
CA HIS A 40 8.03 6.83 4.39
C HIS A 40 8.91 8.03 4.01
N SER A 41 8.44 9.27 4.21
CA SER A 41 9.24 10.45 3.87
C SER A 41 9.91 11.06 5.11
N MET A 42 9.81 10.37 6.25
CA MET A 42 10.43 10.82 7.50
C MET A 42 11.87 10.34 7.62
N GLU A 43 12.46 9.94 6.50
CA GLU A 43 13.82 9.45 6.38
C GLU A 43 14.11 8.17 7.20
N GLY A 44 13.17 7.75 8.04
CA GLY A 44 13.34 6.57 8.87
C GLY A 44 13.00 5.28 8.13
N LEU A 45 12.16 5.35 7.09
CA LEU A 45 11.72 4.17 6.35
C LEU A 45 11.99 4.31 4.85
N ARG A 46 12.95 5.16 4.46
CA ARG A 46 13.29 5.37 3.05
C ARG A 46 13.93 4.13 2.42
N HIS A 47 14.13 3.06 3.20
CA HIS A 47 14.68 1.81 2.72
C HIS A 47 13.59 0.86 2.23
N HIS A 48 12.31 1.24 2.37
CA HIS A 48 11.21 0.44 1.90
C HIS A 48 11.01 0.62 0.39
N SER A 49 10.23 -0.28 -0.20
CA SER A 49 9.87 -0.22 -1.62
C SER A 49 8.41 -0.64 -1.75
N PRO A 50 7.62 0.06 -2.58
CA PRO A 50 6.21 -0.22 -2.74
C PRO A 50 5.96 -1.50 -3.54
N LEU A 51 4.95 -2.27 -3.12
CA LEU A 51 4.49 -3.46 -3.82
C LEU A 51 3.20 -3.14 -4.56
N MET A 52 2.85 -3.98 -5.54
CA MET A 52 1.65 -3.81 -6.33
C MET A 52 1.05 -5.17 -6.69
N ARG A 53 -0.16 -5.16 -7.28
CA ARG A 53 -0.85 -6.37 -7.70
C ARG A 53 -1.28 -6.24 -9.15
N ASN A 54 -1.54 -7.39 -9.79
CA ASN A 54 -1.95 -7.45 -11.18
C ASN A 54 -3.02 -8.53 -11.42
N GLN A 55 -3.61 -9.04 -10.33
CA GLN A 55 -4.62 -10.08 -10.40
C GLN A 55 -6.02 -9.49 -10.60
N LYS A 56 -6.12 -8.15 -10.71
CA LYS A 56 -7.38 -7.47 -10.91
C LYS A 56 -7.16 -6.23 -11.79
N ASN A 57 -8.19 -5.85 -12.55
CA ASN A 57 -8.12 -4.70 -13.44
C ASN A 57 -9.50 -4.04 -13.53
N ARG A 58 -9.54 -2.78 -13.95
CA ARG A 58 -10.78 -2.02 -14.07
C ARG A 58 -11.52 -2.41 -15.35
N ASP A 59 -12.82 -2.10 -15.40
CA ASP A 59 -13.66 -2.42 -16.55
C ASP A 59 -14.63 -1.27 -16.89
N SER A 60 -14.48 -0.14 -16.21
CA SER A 60 -15.33 1.03 -16.42
C SER A 60 -14.52 2.32 -16.36
N SER A 61 -15.06 3.39 -16.94
CA SER A 61 -14.42 4.70 -16.96
C SER A 61 -15.46 5.81 -16.95
ZN ZN B . -3.79 6.72 1.45
ZN ZN C . 6.93 0.58 4.62
N ILE A 1 -23.65 -1.26 -9.77
CA ILE A 1 -22.69 -0.16 -9.51
C ILE A 1 -21.56 -0.66 -8.62
N ASP A 2 -20.45 0.10 -8.58
CA ASP A 2 -19.29 -0.24 -7.77
C ASP A 2 -19.56 0.08 -6.29
N PRO A 3 -18.91 -0.64 -5.37
CA PRO A 3 -19.06 -0.44 -3.94
C PRO A 3 -18.39 0.86 -3.49
N TYR A 4 -18.73 1.32 -2.28
CA TYR A 4 -18.18 2.55 -1.74
C TYR A 4 -16.81 2.31 -1.09
N LEU A 5 -16.41 1.05 -0.93
CA LEU A 5 -15.14 0.68 -0.34
C LEU A 5 -14.63 -0.65 -0.90
N GLU A 6 -13.36 -0.96 -0.66
CA GLU A 6 -12.73 -2.18 -1.12
C GLU A 6 -11.86 -2.78 -0.03
N ASP A 7 -11.53 -4.07 -0.16
CA ASP A 7 -10.72 -4.78 0.82
C ASP A 7 -9.22 -4.45 0.66
N SER A 8 -8.88 -3.63 -0.35
CA SER A 8 -7.52 -3.22 -0.63
C SER A 8 -7.41 -1.69 -0.66
N LEU A 9 -8.42 -0.99 -0.13
CA LEU A 9 -8.47 0.46 -0.10
C LEU A 9 -7.36 1.00 0.81
N CYS A 10 -6.88 2.21 0.55
CA CYS A 10 -5.88 2.85 1.40
C CYS A 10 -6.39 2.88 2.83
N HIS A 11 -5.51 2.64 3.82
CA HIS A 11 -5.94 2.50 5.20
C HIS A 11 -5.71 3.77 6.01
N ILE A 12 -5.00 4.75 5.47
CA ILE A 12 -4.70 5.99 6.20
C ILE A 12 -5.66 7.11 5.78
N CYS A 13 -6.18 7.03 4.56
CA CYS A 13 -7.03 8.07 4.01
C CYS A 13 -8.16 7.52 3.12
N SER A 14 -8.05 6.28 2.64
CA SER A 14 -9.04 5.61 1.81
C SER A 14 -9.61 6.51 0.70
N SER A 15 -8.83 7.49 0.24
CA SER A 15 -9.25 8.43 -0.79
C SER A 15 -8.78 8.01 -2.17
N GLN A 16 -7.96 6.96 -2.24
CA GLN A 16 -7.47 6.38 -3.49
C GLN A 16 -7.56 4.86 -3.39
N PRO A 17 -7.57 4.15 -4.52
CA PRO A 17 -7.78 2.72 -4.61
C PRO A 17 -6.75 1.86 -3.88
N GLY A 18 -5.80 2.47 -3.16
CA GLY A 18 -4.74 1.74 -2.48
C GLY A 18 -3.79 1.13 -3.51
N PRO A 19 -3.17 1.96 -4.35
CA PRO A 19 -2.33 1.52 -5.46
C PRO A 19 -1.01 0.92 -4.96
N PHE A 20 -0.71 1.03 -3.67
CA PHE A 20 0.53 0.52 -3.11
C PHE A 20 0.29 -0.26 -1.82
N PHE A 21 1.26 -1.12 -1.48
CA PHE A 21 1.30 -1.85 -0.22
C PHE A 21 2.74 -1.87 0.28
N CYS A 22 2.94 -2.07 1.57
CA CYS A 22 4.27 -2.08 2.17
C CYS A 22 4.37 -3.24 3.16
N ARG A 23 5.47 -3.99 3.07
CA ARG A 23 5.69 -5.19 3.85
C ARG A 23 7.02 -5.09 4.58
N ASP A 24 6.98 -4.49 5.78
CA ASP A 24 8.16 -4.33 6.62
C ASP A 24 7.85 -4.68 8.08
N GLN A 25 8.86 -4.55 8.95
CA GLN A 25 8.66 -4.78 10.38
C GLN A 25 7.83 -3.64 11.01
N VAL A 26 7.47 -2.64 10.21
CA VAL A 26 6.62 -1.52 10.64
C VAL A 26 5.54 -1.22 9.59
N CYS A 27 5.53 -1.92 8.46
CA CYS A 27 4.52 -1.75 7.43
C CYS A 27 3.78 -3.06 7.16
N PHE A 28 2.45 -2.99 7.06
CA PHE A 28 1.62 -4.15 6.80
C PHE A 28 0.27 -3.75 6.22
N LYS A 29 0.20 -2.58 5.57
CA LYS A 29 -1.07 -2.00 5.12
C LYS A 29 -1.00 -1.51 3.68
N TYR A 30 -2.16 -1.20 3.12
CA TYR A 30 -2.27 -0.57 1.81
C TYR A 30 -2.18 0.94 1.96
N PHE A 31 -1.66 1.62 0.93
CA PHE A 31 -1.45 3.05 0.94
C PHE A 31 -1.63 3.63 -0.46
N CYS A 32 -1.61 4.96 -0.53
CA CYS A 32 -1.64 5.72 -1.76
C CYS A 32 -0.47 6.72 -1.71
N ARG A 33 -0.21 7.45 -2.78
CA ARG A 33 1.00 8.29 -2.84
C ARG A 33 1.02 9.34 -1.74
N SER A 34 -0.15 9.77 -1.25
CA SER A 34 -0.23 10.84 -0.27
C SER A 34 0.19 10.35 1.11
N CYS A 35 -0.41 9.25 1.57
CA CYS A 35 -0.12 8.70 2.89
C CYS A 35 1.13 7.83 2.85
N TRP A 36 1.57 7.41 1.65
CA TRP A 36 2.83 6.73 1.53
C TRP A 36 3.94 7.67 1.95
N HIS A 37 3.87 8.95 1.53
CA HIS A 37 4.88 9.92 1.93
C HIS A 37 4.72 10.30 3.40
N TRP A 38 3.53 10.16 3.98
CA TRP A 38 3.34 10.43 5.40
C TRP A 38 3.97 9.33 6.25
N ARG A 39 4.31 8.18 5.65
CA ARG A 39 4.84 7.04 6.38
C ARG A 39 6.20 6.58 5.83
N HIS A 40 6.68 7.17 4.74
CA HIS A 40 7.94 6.74 4.13
C HIS A 40 8.88 7.89 3.80
N SER A 41 8.55 9.12 4.21
CA SER A 41 9.43 10.27 4.02
C SER A 41 10.17 10.61 5.32
N MET A 42 10.04 9.76 6.34
CA MET A 42 10.72 9.92 7.62
C MET A 42 11.90 8.95 7.70
N GLU A 43 12.87 9.26 8.56
CA GLU A 43 14.11 8.51 8.66
C GLU A 43 13.88 7.07 9.15
N GLY A 44 12.68 6.75 9.64
CA GLY A 44 12.38 5.43 10.18
C GLY A 44 11.90 4.45 9.10
N LEU A 45 11.48 4.93 7.93
CA LEU A 45 10.95 4.09 6.86
C LEU A 45 11.39 4.54 5.47
N ARG A 46 12.40 5.41 5.38
CA ARG A 46 12.88 5.98 4.11
C ARG A 46 13.61 4.97 3.23
N HIS A 47 13.46 3.67 3.51
CA HIS A 47 14.17 2.60 2.83
C HIS A 47 13.22 1.57 2.22
N HIS A 48 11.91 1.82 2.29
CA HIS A 48 10.90 0.91 1.74
C HIS A 48 10.73 1.13 0.24
N SER A 49 10.05 0.18 -0.41
CA SER A 49 9.73 0.23 -1.82
C SER A 49 8.31 -0.31 -2.04
N PRO A 50 7.63 0.14 -3.09
CA PRO A 50 6.25 -0.23 -3.36
C PRO A 50 6.13 -1.74 -3.67
N LEU A 51 5.00 -2.31 -3.29
CA LEU A 51 4.71 -3.73 -3.46
C LEU A 51 3.22 -3.92 -3.75
N MET A 52 2.87 -5.01 -4.44
CA MET A 52 1.48 -5.34 -4.72
C MET A 52 1.28 -6.84 -4.90
N ARG A 53 2.34 -7.56 -5.26
CA ARG A 53 2.28 -9.00 -5.49
C ARG A 53 3.66 -9.61 -5.34
N ASN A 54 3.70 -10.90 -4.98
CA ASN A 54 4.94 -11.64 -4.79
C ASN A 54 4.74 -13.09 -5.24
N GLN A 55 5.83 -13.80 -5.54
CA GLN A 55 5.77 -15.18 -5.99
C GLN A 55 7.00 -15.95 -5.53
N LYS A 56 6.90 -17.29 -5.51
CA LYS A 56 8.00 -18.17 -5.14
C LYS A 56 8.09 -19.32 -6.14
N ASN A 57 9.30 -19.82 -6.37
CA ASN A 57 9.56 -20.90 -7.31
C ASN A 57 10.80 -21.69 -6.90
N ARG A 58 10.99 -22.86 -7.52
CA ARG A 58 12.14 -23.71 -7.25
C ARG A 58 12.51 -24.48 -8.53
N ASP A 59 13.80 -24.76 -8.71
CA ASP A 59 14.30 -25.47 -9.88
C ASP A 59 15.41 -26.47 -9.49
N SER A 60 15.64 -26.65 -8.19
CA SER A 60 16.66 -27.55 -7.69
C SER A 60 16.19 -29.00 -7.66
N SER A 61 14.94 -29.25 -8.04
CA SER A 61 14.36 -30.59 -8.09
C SER A 61 13.27 -30.69 -9.16
ZN ZN B . -3.72 6.87 1.43
ZN ZN C . 6.60 0.77 4.60
#